data_1Z6G
# 
_entry.id   1Z6G 
# 
_audit_conform.dict_name       mmcif_pdbx.dic 
_audit_conform.dict_version    5.376 
_audit_conform.dict_location   http://mmcif.pdb.org/dictionaries/ascii/mmcif_pdbx.dic 
# 
loop_
_database_2.database_id 
_database_2.database_code 
_database_2.pdbx_database_accession 
_database_2.pdbx_DOI 
PDB   1Z6G         pdb_00001z6g 10.2210/pdb1z6g/pdb 
RCSB  RCSB032357   ?            ?                   
WWPDB D_1000032357 ?            ?                   
# 
_pdbx_database_status.status_code                     REL 
_pdbx_database_status.entry_id                        1Z6G 
_pdbx_database_status.recvd_initial_deposition_date   2005-03-22 
_pdbx_database_status.deposit_site                    RCSB 
_pdbx_database_status.process_site                    RCSB 
_pdbx_database_status.status_code_sf                  REL 
_pdbx_database_status.status_code_mr                  ? 
_pdbx_database_status.SG_entry                        Y 
_pdbx_database_status.pdb_format_compatible           Y 
_pdbx_database_status.status_code_cs                  ? 
_pdbx_database_status.status_code_nmr_data            ? 
_pdbx_database_status.methods_development_category    ? 
# 
loop_
_audit_author.name 
_audit_author.pdbx_ordinal 
'Mulichak, A.M.'                       1  
'Lew, J.'                              2  
'Artz, J.'                             3  
'Choe, J.'                             4  
'Walker, J.R.'                         5  
'Zhao, Y.'                             6  
'Sundstrom, M.'                        7  
'Arrowsmith, C.'                       8  
'Edwards, A.'                          9  
'Bochkarev, A.'                        10 
'Hui, R.'                              11 
'Gao, M.'                              12 
'Structural Genomics Consortium (SGC)' 13 
# 
_citation.id                        primary 
_citation.title                     
'Genome-scale protein expression and structural biology of Plasmodium falciparum and related Apicomplexan organisms.' 
_citation.journal_abbrev            Mol.Biochem.Parasitol. 
_citation.journal_volume            151 
_citation.page_first                100 
_citation.page_last                 110 
_citation.year                      2007 
_citation.journal_id_ASTM           MBIPDP 
_citation.country                   NE 
_citation.journal_id_ISSN           0166-6851 
_citation.journal_id_CSD            2085 
_citation.book_publisher            ? 
_citation.pdbx_database_id_PubMed   17125854 
_citation.pdbx_database_id_DOI      10.1016/j.molbiopara.2006.10.011 
# 
loop_
_citation_author.citation_id 
_citation_author.name 
_citation_author.ordinal 
_citation_author.identifier_ORCID 
primary 'Vedadi, M.'       1  ? 
primary 'Lew, J.'          2  ? 
primary 'Artz, J.'         3  ? 
primary 'Amani, M.'        4  ? 
primary 'Zhao, Y.'         5  ? 
primary 'Dong, A.'         6  ? 
primary 'Wasney, G.A.'     7  ? 
primary 'Gao, M.'          8  ? 
primary 'Hills, T.'        9  ? 
primary 'Brokx, S.'        10 ? 
primary 'Qiu, W.'          11 ? 
primary 'Sharma, S.'       12 ? 
primary 'Diassiti, A.'     13 ? 
primary 'Alam, Z.'         14 ? 
primary 'Melone, M.'       15 ? 
primary 'Mulichak, A.'     16 ? 
primary 'Wernimont, A.'    17 ? 
primary 'Bray, J.'         18 ? 
primary 'Loppnau, P.'      19 ? 
primary 'Plotnikova, O.'   20 ? 
primary 'Newberry, K.'     21 ? 
primary 'Sundararajan, E.' 22 ? 
primary 'Houston, S.'      23 ? 
primary 'Walker, J.'       24 ? 
primary 'Tempel, W.'       25 ? 
primary 'Bochkarev, A.'    26 ? 
primary 'Kozieradzki, I.'  27 ? 
primary 'Edwards, A.'      28 ? 
primary 'Arrowsmith, C.'   29 ? 
primary 'Roos, D.'         30 ? 
primary 'Kain, K.'         31 ? 
primary 'Hui, R.'          32 ? 
# 
_cell.entry_id           1Z6G 
_cell.length_a           41.420 
_cell.length_b           47.240 
_cell.length_c           118.245 
_cell.angle_alpha        90.00 
_cell.angle_beta         90.00 
_cell.angle_gamma        90.00 
_cell.Z_PDB              4 
_cell.pdbx_unique_axis   ? 
# 
_symmetry.entry_id                         1Z6G 
_symmetry.space_group_name_H-M             'P 21 21 21' 
_symmetry.pdbx_full_space_group_name_H-M   ? 
_symmetry.cell_setting                     ? 
_symmetry.Int_Tables_number                19 
_symmetry.space_group_name_Hall            ? 
# 
loop_
_entity.id 
_entity.type 
_entity.src_method 
_entity.pdbx_description 
_entity.formula_weight 
_entity.pdbx_number_of_molecules 
_entity.pdbx_ec 
_entity.pdbx_mutation 
_entity.pdbx_fragment 
_entity.details 
1 polymer     man 'guanylate kinase'                                    25579.088 1   2.7.4.8 ? ? ? 
2 non-polymer syn 'SULFATE ION'                                         96.063    5   ?       ? ? ? 
3 non-polymer syn '4-(2-HYDROXYETHYL)-1-PIPERAZINE ETHANESULFONIC ACID' 238.305   1   ?       ? ? ? 
4 water       nat water                                                 18.015    131 ?       ? ? ? 
# 
_entity_poly.entity_id                      1 
_entity_poly.type                           'polypeptide(L)' 
_entity_poly.nstd_linkage                   no 
_entity_poly.nstd_monomer                   no 
_entity_poly.pdbx_seq_one_letter_code       
;MGSSHHHHHHSSGLVPRGSMNNIYPLVICGPSGVGKGTLIKKLLNEFPNYFYFSVSCTTRKKREKEKEGVDYYFIDKTIF
EDKLKNEDFLEYDNYANNFYGTLKSEYDKAKEQNKICLFEMNINGVKQLKKSTHIKNALYIFIKPPSTDVLLSRLLTRNT
ENQEQIQKRMEQLNIELHEANLLNFNLSIINDDLTLTYQQLKNYLLNSYIHLNNHTRN
;
_entity_poly.pdbx_seq_one_letter_code_can   
;MGSSHHHHHHSSGLVPRGSMNNIYPLVICGPSGVGKGTLIKKLLNEFPNYFYFSVSCTTRKKREKEKEGVDYYFIDKTIF
EDKLKNEDFLEYDNYANNFYGTLKSEYDKAKEQNKICLFEMNINGVKQLKKSTHIKNALYIFIKPPSTDVLLSRLLTRNT
ENQEQIQKRMEQLNIELHEANLLNFNLSIINDDLTLTYQQLKNYLLNSYIHLNNHTRN
;
_entity_poly.pdbx_strand_id                 A 
_entity_poly.pdbx_target_identifier         ? 
# 
loop_
_entity_poly_seq.entity_id 
_entity_poly_seq.num 
_entity_poly_seq.mon_id 
_entity_poly_seq.hetero 
1 1   MET n 
1 2   GLY n 
1 3   SER n 
1 4   SER n 
1 5   HIS n 
1 6   HIS n 
1 7   HIS n 
1 8   HIS n 
1 9   HIS n 
1 10  HIS n 
1 11  SER n 
1 12  SER n 
1 13  GLY n 
1 14  LEU n 
1 15  VAL n 
1 16  PRO n 
1 17  ARG n 
1 18  GLY n 
1 19  SER n 
1 20  MET n 
1 21  ASN n 
1 22  ASN n 
1 23  ILE n 
1 24  TYR n 
1 25  PRO n 
1 26  LEU n 
1 27  VAL n 
1 28  ILE n 
1 29  CYS n 
1 30  GLY n 
1 31  PRO n 
1 32  SER n 
1 33  GLY n 
1 34  VAL n 
1 35  GLY n 
1 36  LYS n 
1 37  GLY n 
1 38  THR n 
1 39  LEU n 
1 40  ILE n 
1 41  LYS n 
1 42  LYS n 
1 43  LEU n 
1 44  LEU n 
1 45  ASN n 
1 46  GLU n 
1 47  PHE n 
1 48  PRO n 
1 49  ASN n 
1 50  TYR n 
1 51  PHE n 
1 52  TYR n 
1 53  PHE n 
1 54  SER n 
1 55  VAL n 
1 56  SER n 
1 57  CYS n 
1 58  THR n 
1 59  THR n 
1 60  ARG n 
1 61  LYS n 
1 62  LYS n 
1 63  ARG n 
1 64  GLU n 
1 65  LYS n 
1 66  GLU n 
1 67  LYS n 
1 68  GLU n 
1 69  GLY n 
1 70  VAL n 
1 71  ASP n 
1 72  TYR n 
1 73  TYR n 
1 74  PHE n 
1 75  ILE n 
1 76  ASP n 
1 77  LYS n 
1 78  THR n 
1 79  ILE n 
1 80  PHE n 
1 81  GLU n 
1 82  ASP n 
1 83  LYS n 
1 84  LEU n 
1 85  LYS n 
1 86  ASN n 
1 87  GLU n 
1 88  ASP n 
1 89  PHE n 
1 90  LEU n 
1 91  GLU n 
1 92  TYR n 
1 93  ASP n 
1 94  ASN n 
1 95  TYR n 
1 96  ALA n 
1 97  ASN n 
1 98  ASN n 
1 99  PHE n 
1 100 TYR n 
1 101 GLY n 
1 102 THR n 
1 103 LEU n 
1 104 LYS n 
1 105 SER n 
1 106 GLU n 
1 107 TYR n 
1 108 ASP n 
1 109 LYS n 
1 110 ALA n 
1 111 LYS n 
1 112 GLU n 
1 113 GLN n 
1 114 ASN n 
1 115 LYS n 
1 116 ILE n 
1 117 CYS n 
1 118 LEU n 
1 119 PHE n 
1 120 GLU n 
1 121 MET n 
1 122 ASN n 
1 123 ILE n 
1 124 ASN n 
1 125 GLY n 
1 126 VAL n 
1 127 LYS n 
1 128 GLN n 
1 129 LEU n 
1 130 LYS n 
1 131 LYS n 
1 132 SER n 
1 133 THR n 
1 134 HIS n 
1 135 ILE n 
1 136 LYS n 
1 137 ASN n 
1 138 ALA n 
1 139 LEU n 
1 140 TYR n 
1 141 ILE n 
1 142 PHE n 
1 143 ILE n 
1 144 LYS n 
1 145 PRO n 
1 146 PRO n 
1 147 SER n 
1 148 THR n 
1 149 ASP n 
1 150 VAL n 
1 151 LEU n 
1 152 LEU n 
1 153 SER n 
1 154 ARG n 
1 155 LEU n 
1 156 LEU n 
1 157 THR n 
1 158 ARG n 
1 159 ASN n 
1 160 THR n 
1 161 GLU n 
1 162 ASN n 
1 163 GLN n 
1 164 GLU n 
1 165 GLN n 
1 166 ILE n 
1 167 GLN n 
1 168 LYS n 
1 169 ARG n 
1 170 MET n 
1 171 GLU n 
1 172 GLN n 
1 173 LEU n 
1 174 ASN n 
1 175 ILE n 
1 176 GLU n 
1 177 LEU n 
1 178 HIS n 
1 179 GLU n 
1 180 ALA n 
1 181 ASN n 
1 182 LEU n 
1 183 LEU n 
1 184 ASN n 
1 185 PHE n 
1 186 ASN n 
1 187 LEU n 
1 188 SER n 
1 189 ILE n 
1 190 ILE n 
1 191 ASN n 
1 192 ASP n 
1 193 ASP n 
1 194 LEU n 
1 195 THR n 
1 196 LEU n 
1 197 THR n 
1 198 TYR n 
1 199 GLN n 
1 200 GLN n 
1 201 LEU n 
1 202 LYS n 
1 203 ASN n 
1 204 TYR n 
1 205 LEU n 
1 206 LEU n 
1 207 ASN n 
1 208 SER n 
1 209 TYR n 
1 210 ILE n 
1 211 HIS n 
1 212 LEU n 
1 213 ASN n 
1 214 ASN n 
1 215 HIS n 
1 216 THR n 
1 217 ARG n 
1 218 ASN n 
# 
_entity_src_gen.entity_id                          1 
_entity_src_gen.pdbx_src_id                        1 
_entity_src_gen.pdbx_alt_source_flag               sample 
_entity_src_gen.pdbx_seq_type                      ? 
_entity_src_gen.pdbx_beg_seq_num                   ? 
_entity_src_gen.pdbx_end_seq_num                   ? 
_entity_src_gen.gene_src_common_name               ? 
_entity_src_gen.gene_src_genus                     Plasmodium 
_entity_src_gen.pdbx_gene_src_gene                 ? 
_entity_src_gen.gene_src_species                   'Plasmodium falciparum' 
_entity_src_gen.gene_src_strain                    3D7 
_entity_src_gen.gene_src_tissue                    ? 
_entity_src_gen.gene_src_tissue_fraction           ? 
_entity_src_gen.gene_src_details                   ? 
_entity_src_gen.pdbx_gene_src_fragment             ? 
_entity_src_gen.pdbx_gene_src_scientific_name      'Plasmodium falciparum' 
_entity_src_gen.pdbx_gene_src_ncbi_taxonomy_id     36329 
_entity_src_gen.pdbx_gene_src_variant              ? 
_entity_src_gen.pdbx_gene_src_cell_line            ? 
_entity_src_gen.pdbx_gene_src_atcc                 ? 
_entity_src_gen.pdbx_gene_src_organ                ? 
_entity_src_gen.pdbx_gene_src_organelle            ? 
_entity_src_gen.pdbx_gene_src_cell                 ? 
_entity_src_gen.pdbx_gene_src_cellular_location    ? 
_entity_src_gen.host_org_common_name               ? 
_entity_src_gen.pdbx_host_org_scientific_name      'Escherichia coli' 
_entity_src_gen.pdbx_host_org_ncbi_taxonomy_id     562 
_entity_src_gen.host_org_genus                     Escherichia 
_entity_src_gen.pdbx_host_org_gene                 ? 
_entity_src_gen.pdbx_host_org_organ                ? 
_entity_src_gen.host_org_species                   ? 
_entity_src_gen.pdbx_host_org_tissue               ? 
_entity_src_gen.pdbx_host_org_tissue_fraction      ? 
_entity_src_gen.pdbx_host_org_strain               ? 
_entity_src_gen.pdbx_host_org_variant              ? 
_entity_src_gen.pdbx_host_org_cell_line            ? 
_entity_src_gen.pdbx_host_org_atcc                 ? 
_entity_src_gen.pdbx_host_org_culture_collection   ? 
_entity_src_gen.pdbx_host_org_cell                 ? 
_entity_src_gen.pdbx_host_org_organelle            ? 
_entity_src_gen.pdbx_host_org_cellular_location    ? 
_entity_src_gen.pdbx_host_org_vector_type          plasmid 
_entity_src_gen.pdbx_host_org_vector               ? 
_entity_src_gen.host_org_details                   ? 
_entity_src_gen.expression_system_id               ? 
_entity_src_gen.plasmid_name                       'custom pET-28a' 
_entity_src_gen.plasmid_details                    ? 
_entity_src_gen.pdbx_description                   ? 
# 
_struct_ref.id                         1 
_struct_ref.db_name                    UNP 
_struct_ref.db_code                    Q8I2M1_PLAF7 
_struct_ref.pdbx_db_accession          Q8I2M1 
_struct_ref.entity_id                  1 
_struct_ref.pdbx_seq_one_letter_code   
;MNNIYPLVICGPSGVGKGTLIKKLLNEFPNYFYFSVSCTTRKKREKEKEGVDYYFIDKTIFEDKLKNEDFLEYDNYANNF
YGTLKSEYDKAKEQNKICLFEMNINGVKQLKKSTHIKNALYIFIKPPSTDVLLSRLLTRNTENQEQIQKRMEQLNIELHE
ANLLNFNLSIINDDLTLTYQQLKNYLLNSYIHLNNHTRN
;
_struct_ref.pdbx_align_begin           1 
_struct_ref.pdbx_db_isoform            ? 
# 
_struct_ref_seq.align_id                      1 
_struct_ref_seq.ref_id                        1 
_struct_ref_seq.pdbx_PDB_id_code              1Z6G 
_struct_ref_seq.pdbx_strand_id                A 
_struct_ref_seq.seq_align_beg                 20 
_struct_ref_seq.pdbx_seq_align_beg_ins_code   ? 
_struct_ref_seq.seq_align_end                 218 
_struct_ref_seq.pdbx_seq_align_end_ins_code   ? 
_struct_ref_seq.pdbx_db_accession             Q8I2M1 
_struct_ref_seq.db_align_beg                  1 
_struct_ref_seq.pdbx_db_align_beg_ins_code    ? 
_struct_ref_seq.db_align_end                  199 
_struct_ref_seq.pdbx_db_align_end_ins_code    ? 
_struct_ref_seq.pdbx_auth_seq_align_beg       1 
_struct_ref_seq.pdbx_auth_seq_align_end       199 
# 
loop_
_struct_ref_seq_dif.align_id 
_struct_ref_seq_dif.pdbx_pdb_id_code 
_struct_ref_seq_dif.mon_id 
_struct_ref_seq_dif.pdbx_pdb_strand_id 
_struct_ref_seq_dif.seq_num 
_struct_ref_seq_dif.pdbx_pdb_ins_code 
_struct_ref_seq_dif.pdbx_seq_db_name 
_struct_ref_seq_dif.pdbx_seq_db_accession_code 
_struct_ref_seq_dif.db_mon_id 
_struct_ref_seq_dif.pdbx_seq_db_seq_num 
_struct_ref_seq_dif.details 
_struct_ref_seq_dif.pdbx_auth_seq_num 
_struct_ref_seq_dif.pdbx_ordinal 
1 1Z6G MET A 1  ? UNP Q8I2M1 ? ? 'cloning artifact' -18 1  
1 1Z6G GLY A 2  ? UNP Q8I2M1 ? ? 'cloning artifact' -17 2  
1 1Z6G SER A 3  ? UNP Q8I2M1 ? ? 'cloning artifact' -16 3  
1 1Z6G SER A 4  ? UNP Q8I2M1 ? ? 'cloning artifact' -15 4  
1 1Z6G HIS A 5  ? UNP Q8I2M1 ? ? 'expression tag'   -14 5  
1 1Z6G HIS A 6  ? UNP Q8I2M1 ? ? 'expression tag'   -13 6  
1 1Z6G HIS A 7  ? UNP Q8I2M1 ? ? 'expression tag'   -12 7  
1 1Z6G HIS A 8  ? UNP Q8I2M1 ? ? 'expression tag'   -11 8  
1 1Z6G HIS A 9  ? UNP Q8I2M1 ? ? 'expression tag'   -10 9  
1 1Z6G HIS A 10 ? UNP Q8I2M1 ? ? 'expression tag'   -9  10 
1 1Z6G SER A 11 ? UNP Q8I2M1 ? ? 'cloning artifact' -8  11 
1 1Z6G SER A 12 ? UNP Q8I2M1 ? ? 'cloning artifact' -7  12 
1 1Z6G GLY A 13 ? UNP Q8I2M1 ? ? 'cloning artifact' -6  13 
1 1Z6G LEU A 14 ? UNP Q8I2M1 ? ? 'cloning artifact' -5  14 
1 1Z6G VAL A 15 ? UNP Q8I2M1 ? ? 'cloning artifact' -4  15 
1 1Z6G PRO A 16 ? UNP Q8I2M1 ? ? 'cloning artifact' -3  16 
1 1Z6G ARG A 17 ? UNP Q8I2M1 ? ? 'cloning artifact' -2  17 
1 1Z6G GLY A 18 ? UNP Q8I2M1 ? ? 'cloning artifact' -1  18 
1 1Z6G SER A 19 ? UNP Q8I2M1 ? ? 'cloning artifact' 0   19 
# 
loop_
_chem_comp.id 
_chem_comp.type 
_chem_comp.mon_nstd_flag 
_chem_comp.name 
_chem_comp.pdbx_synonyms 
_chem_comp.formula 
_chem_comp.formula_weight 
ALA 'L-peptide linking' y ALANINE                                               ?     'C3 H7 N O2'     89.093  
ARG 'L-peptide linking' y ARGININE                                              ?     'C6 H15 N4 O2 1' 175.209 
ASN 'L-peptide linking' y ASPARAGINE                                            ?     'C4 H8 N2 O3'    132.118 
ASP 'L-peptide linking' y 'ASPARTIC ACID'                                       ?     'C4 H7 N O4'     133.103 
CYS 'L-peptide linking' y CYSTEINE                                              ?     'C3 H7 N O2 S'   121.158 
EPE non-polymer         . '4-(2-HYDROXYETHYL)-1-PIPERAZINE ETHANESULFONIC ACID' HEPES 'C8 H18 N2 O4 S' 238.305 
GLN 'L-peptide linking' y GLUTAMINE                                             ?     'C5 H10 N2 O3'   146.144 
GLU 'L-peptide linking' y 'GLUTAMIC ACID'                                       ?     'C5 H9 N O4'     147.129 
GLY 'peptide linking'   y GLYCINE                                               ?     'C2 H5 N O2'     75.067  
HIS 'L-peptide linking' y HISTIDINE                                             ?     'C6 H10 N3 O2 1' 156.162 
HOH non-polymer         . WATER                                                 ?     'H2 O'           18.015  
ILE 'L-peptide linking' y ISOLEUCINE                                            ?     'C6 H13 N O2'    131.173 
LEU 'L-peptide linking' y LEUCINE                                               ?     'C6 H13 N O2'    131.173 
LYS 'L-peptide linking' y LYSINE                                                ?     'C6 H15 N2 O2 1' 147.195 
MET 'L-peptide linking' y METHIONINE                                            ?     'C5 H11 N O2 S'  149.211 
PHE 'L-peptide linking' y PHENYLALANINE                                         ?     'C9 H11 N O2'    165.189 
PRO 'L-peptide linking' y PROLINE                                               ?     'C5 H9 N O2'     115.130 
SER 'L-peptide linking' y SERINE                                                ?     'C3 H7 N O3'     105.093 
SO4 non-polymer         . 'SULFATE ION'                                         ?     'O4 S -2'        96.063  
THR 'L-peptide linking' y THREONINE                                             ?     'C4 H9 N O3'     119.119 
TYR 'L-peptide linking' y TYROSINE                                              ?     'C9 H11 N O3'    181.189 
VAL 'L-peptide linking' y VALINE                                                ?     'C5 H11 N O2'    117.146 
# 
_exptl.entry_id          1Z6G 
_exptl.method            'X-RAY DIFFRACTION' 
_exptl.crystals_number   1 
# 
_exptl_crystal.id                    1 
_exptl_crystal.density_meas          ? 
_exptl_crystal.density_Matthews      2.46 
_exptl_crystal.density_percent_sol   49.53 
_exptl_crystal.description           ? 
_exptl_crystal.F_000                 ? 
_exptl_crystal.preparation           ? 
# 
_exptl_crystal_grow.crystal_id      1 
_exptl_crystal_grow.method          'VAPOR DIFFUSION' 
_exptl_crystal_grow.temp            298 
_exptl_crystal_grow.temp_details    ? 
_exptl_crystal_grow.pH              7.4 
_exptl_crystal_grow.pdbx_details    'ammonium sulfate, hepes buffer, pH 7.4, VAPOR DIFFUSION, temperature 298K' 
_exptl_crystal_grow.pdbx_pH_range   . 
# 
_diffrn.id                     1 
_diffrn.ambient_temp           100 
_diffrn.ambient_temp_details   ? 
_diffrn.crystal_id             1 
# 
_diffrn_detector.diffrn_id              1 
_diffrn_detector.detector               CCD 
_diffrn_detector.type                   'ADSC QUANTUM 210' 
_diffrn_detector.pdbx_collection_date   2005-02-06 
_diffrn_detector.details                ? 
# 
_diffrn_radiation.diffrn_id                        1 
_diffrn_radiation.wavelength_id                    1 
_diffrn_radiation.pdbx_monochromatic_or_laue_m_l   M 
_diffrn_radiation.monochromator                    'Si 111' 
_diffrn_radiation.pdbx_diffrn_protocol             'SINGLE WAVELENGTH' 
_diffrn_radiation.pdbx_scattering_type             x-ray 
# 
_diffrn_radiation_wavelength.id           1 
_diffrn_radiation_wavelength.wavelength   1.0 
_diffrn_radiation_wavelength.wt           1.0 
# 
_diffrn_source.diffrn_id                   1 
_diffrn_source.source                      SYNCHROTRON 
_diffrn_source.type                        'APS BEAMLINE 17-ID' 
_diffrn_source.pdbx_synchrotron_site       APS 
_diffrn_source.pdbx_synchrotron_beamline   17-ID 
_diffrn_source.pdbx_wavelength             ? 
_diffrn_source.pdbx_wavelength_list        1.0 
# 
_reflns.entry_id                     1Z6G 
_reflns.observed_criterion_sigma_F   0.00 
_reflns.observed_criterion_sigma_I   0.00 
_reflns.d_resolution_high            2.1 
_reflns.d_resolution_low             50 
_reflns.number_all                   14255 
_reflns.number_obs                   13877 
_reflns.percent_possible_obs         99.8 
_reflns.pdbx_Rmerge_I_obs            ? 
_reflns.pdbx_Rsym_value              0.061 
_reflns.pdbx_netI_over_sigmaI        ? 
_reflns.B_iso_Wilson_estimate        ? 
_reflns.pdbx_redundancy              5 
_reflns.R_free_details               ? 
_reflns.limit_h_max                  ? 
_reflns.limit_h_min                  ? 
_reflns.limit_k_max                  ? 
_reflns.limit_k_min                  ? 
_reflns.limit_l_max                  ? 
_reflns.limit_l_min                  ? 
_reflns.observed_criterion_F_max     ? 
_reflns.observed_criterion_F_min     ? 
_reflns.pdbx_chi_squared             ? 
_reflns.pdbx_scaling_rejects         ? 
_reflns.pdbx_ordinal                 1 
_reflns.pdbx_diffrn_id               1 
# 
_reflns_shell.d_res_high             2.10 
_reflns_shell.d_res_low              2.18 
_reflns_shell.percent_possible_all   100 
_reflns_shell.Rmerge_I_obs           ? 
_reflns_shell.pdbx_Rsym_value        0.211 
_reflns_shell.meanI_over_sigI_obs    ? 
_reflns_shell.pdbx_redundancy        5.0 
_reflns_shell.percent_possible_obs   ? 
_reflns_shell.number_unique_all      1401 
_reflns_shell.number_measured_all    ? 
_reflns_shell.number_measured_obs    ? 
_reflns_shell.number_unique_obs      ? 
_reflns_shell.pdbx_chi_squared       ? 
_reflns_shell.pdbx_ordinal           1 
_reflns_shell.pdbx_diffrn_id         1 
# 
_refine.entry_id                                 1Z6G 
_refine.ls_d_res_high                            2.18 
_refine.ls_d_res_low                             30.0 
_refine.pdbx_ls_sigma_F                          0.0 
_refine.pdbx_ls_sigma_I                          ? 
_refine.ls_number_reflns_all                     14160 
_refine.ls_number_reflns_obs                     13775 
_refine.ls_number_reflns_R_free                  1087 
_refine.ls_percent_reflns_obs                    ? 
_refine.ls_R_factor_all                          0.222 
_refine.ls_R_factor_obs                          0.222 
_refine.ls_R_factor_R_work                       0.219 
_refine.ls_R_factor_R_free                       0.269 
_refine.ls_redundancy_reflns_obs                 ? 
_refine.pdbx_data_cutoff_high_absF               ? 
_refine.pdbx_data_cutoff_low_absF                ? 
_refine.ls_number_parameters                     ? 
_refine.ls_number_restraints                     ? 
_refine.ls_percent_reflns_R_free                 ? 
_refine.ls_R_factor_R_free_error                 ? 
_refine.ls_R_factor_R_free_error_details         ? 
_refine.pdbx_method_to_determine_struct          'MOLECULAR REPLACEMENT' 
_refine.pdbx_starting_model                      'PDB entries 1EX7 and 1LVG' 
_refine.pdbx_ls_cross_valid_method               THROUGHOUT 
_refine.pdbx_R_Free_selection_details            RANDOM 
_refine.pdbx_stereochem_target_val_spec_case     ? 
_refine.pdbx_stereochemistry_target_values       'Engh & Huber' 
_refine.solvent_model_details                    ? 
_refine.solvent_model_param_bsol                 ? 
_refine.solvent_model_param_ksol                 ? 
_refine.occupancy_max                            ? 
_refine.occupancy_min                            ? 
_refine.pdbx_isotropic_thermal_model             ? 
_refine.B_iso_mean                               ? 
_refine.aniso_B[1][1]                            ? 
_refine.aniso_B[1][2]                            ? 
_refine.aniso_B[1][3]                            ? 
_refine.aniso_B[2][2]                            ? 
_refine.aniso_B[2][3]                            ? 
_refine.aniso_B[3][3]                            ? 
_refine.details                                  ? 
_refine.B_iso_min                                ? 
_refine.B_iso_max                                ? 
_refine.correlation_coeff_Fo_to_Fc               ? 
_refine.correlation_coeff_Fo_to_Fc_free          ? 
_refine.pdbx_solvent_vdw_probe_radii             ? 
_refine.pdbx_solvent_ion_probe_radii             ? 
_refine.pdbx_solvent_shrinkage_radii             ? 
_refine.overall_SU_R_Cruickshank_DPI             ? 
_refine.overall_SU_R_free                        ? 
_refine.overall_SU_ML                            ? 
_refine.overall_SU_B                             ? 
_refine.pdbx_overall_ESU_R_Free                  ? 
_refine.pdbx_data_cutoff_high_rms_absF           ? 
_refine.pdbx_overall_ESU_R                       ? 
_refine.ls_wR_factor_R_free                      ? 
_refine.ls_wR_factor_R_work                      ? 
_refine.overall_FOM_free_R_set                   ? 
_refine.overall_FOM_work_R_set                   ? 
_refine.pdbx_refine_id                           'X-RAY DIFFRACTION' 
_refine.pdbx_diffrn_id                           1 
_refine.pdbx_TLS_residual_ADP_flag               ? 
_refine.pdbx_overall_phase_error                 ? 
_refine.pdbx_overall_SU_R_free_Cruickshank_DPI   ? 
_refine.pdbx_overall_SU_R_Blow_DPI               ? 
_refine.pdbx_overall_SU_R_free_Blow_DPI          ? 
# 
_refine_hist.pdbx_refine_id                   'X-RAY DIFFRACTION' 
_refine_hist.cycle_id                         LAST 
_refine_hist.pdbx_number_atoms_protein        1562 
_refine_hist.pdbx_number_atoms_nucleic_acid   0 
_refine_hist.pdbx_number_atoms_ligand         40 
_refine_hist.number_atoms_solvent             131 
_refine_hist.number_atoms_total               1733 
_refine_hist.d_res_high                       2.18 
_refine_hist.d_res_low                        30.0 
# 
_struct.entry_id                  1Z6G 
_struct.title                     'Crystal structure of guanylate kinase from Plasmodium falciparum' 
_struct.pdbx_model_details        ? 
_struct.pdbx_CASP_flag            ? 
_struct.pdbx_model_type_details   ? 
# 
_struct_keywords.entry_id        1Z6G 
_struct_keywords.pdbx_keywords   TRANSFERASE 
_struct_keywords.text            'guanylate kinase, Structural Genomics, SGC, Structural Genomics Consortium, TRANSFERASE' 
# 
loop_
_struct_asym.id 
_struct_asym.pdbx_blank_PDB_chainid_flag 
_struct_asym.pdbx_modified 
_struct_asym.entity_id 
_struct_asym.details 
A N N 1 ? 
B N N 2 ? 
C N N 2 ? 
D N N 2 ? 
E N N 2 ? 
F N N 2 ? 
G N N 3 ? 
H N N 4 ? 
# 
_struct_biol.id                    1 
_struct_biol.pdbx_parent_biol_id   ? 
_struct_biol.details               ? 
# 
loop_
_struct_conf.conf_type_id 
_struct_conf.id 
_struct_conf.pdbx_PDB_helix_id 
_struct_conf.beg_label_comp_id 
_struct_conf.beg_label_asym_id 
_struct_conf.beg_label_seq_id 
_struct_conf.pdbx_beg_PDB_ins_code 
_struct_conf.end_label_comp_id 
_struct_conf.end_label_asym_id 
_struct_conf.end_label_seq_id 
_struct_conf.pdbx_end_PDB_ins_code 
_struct_conf.beg_auth_comp_id 
_struct_conf.beg_auth_asym_id 
_struct_conf.beg_auth_seq_id 
_struct_conf.end_auth_comp_id 
_struct_conf.end_auth_asym_id 
_struct_conf.end_auth_seq_id 
_struct_conf.pdbx_PDB_helix_class 
_struct_conf.details 
_struct_conf.pdbx_PDB_helix_length 
HELX_P HELX_P1 1 GLY A 35  ? PHE A 47  ? GLY A 16  PHE A 28  1 ? 13 
HELX_P HELX_P2 2 ASP A 76  ? ASN A 86  ? ASP A 57  ASN A 67  1 ? 11 
HELX_P HELX_P3 3 LYS A 104 ? GLN A 113 ? LYS A 85  GLN A 94  1 ? 10 
HELX_P HELX_P4 4 ASN A 122 ? LYS A 130 ? ASN A 103 LYS A 111 1 ? 9  
HELX_P HELX_P5 5 SER A 147 ? ARG A 158 ? SER A 128 ARG A 139 1 ? 12 
HELX_P HELX_P6 6 ASN A 162 ? ASN A 181 ? ASN A 143 ASN A 162 1 ? 20 
HELX_P HELX_P7 7 ASP A 193 ? TYR A 209 ? ASP A 174 TYR A 190 1 ? 17 
# 
_struct_conf_type.id          HELX_P 
_struct_conf_type.criteria    ? 
_struct_conf_type.reference   ? 
# 
loop_
_struct_sheet.id 
_struct_sheet.type 
_struct_sheet.number_strands 
_struct_sheet.details 
A ? 5 ? 
B ? 4 ? 
# 
loop_
_struct_sheet_order.sheet_id 
_struct_sheet_order.range_id_1 
_struct_sheet_order.range_id_2 
_struct_sheet_order.offset 
_struct_sheet_order.sense 
A 1 2 ? parallel      
A 2 3 ? parallel      
A 3 4 ? parallel      
A 4 5 ? parallel      
B 1 2 ? parallel      
B 2 3 ? anti-parallel 
B 3 4 ? anti-parallel 
# 
loop_
_struct_sheet_range.sheet_id 
_struct_sheet_range.id 
_struct_sheet_range.beg_label_comp_id 
_struct_sheet_range.beg_label_asym_id 
_struct_sheet_range.beg_label_seq_id 
_struct_sheet_range.pdbx_beg_PDB_ins_code 
_struct_sheet_range.end_label_comp_id 
_struct_sheet_range.end_label_asym_id 
_struct_sheet_range.end_label_seq_id 
_struct_sheet_range.pdbx_end_PDB_ins_code 
_struct_sheet_range.beg_auth_comp_id 
_struct_sheet_range.beg_auth_asym_id 
_struct_sheet_range.beg_auth_seq_id 
_struct_sheet_range.end_auth_comp_id 
_struct_sheet_range.end_auth_asym_id 
_struct_sheet_range.end_auth_seq_id 
A 1 PHE A 51  ? PHE A 53  ? PHE A 32  PHE A 34  
A 2 ILE A 116 ? MET A 121 ? ILE A 97  MET A 102 
A 3 LEU A 26  ? CYS A 29  ? LEU A 7   CYS A 10  
A 4 LEU A 139 ? LYS A 144 ? LEU A 120 LYS A 125 
A 5 LEU A 187 ? ILE A 190 ? LEU A 168 ILE A 171 
B 1 TYR A 73  ? PHE A 74  ? TYR A 54  PHE A 55  
B 2 CYS A 57  ? THR A 58  ? CYS A 38  THR A 39  
B 3 ASN A 98  ? LEU A 103 ? ASN A 79  LEU A 84  
B 4 PHE A 89  ? TYR A 95  ? PHE A 70  TYR A 76  
# 
loop_
_pdbx_struct_sheet_hbond.sheet_id 
_pdbx_struct_sheet_hbond.range_id_1 
_pdbx_struct_sheet_hbond.range_id_2 
_pdbx_struct_sheet_hbond.range_1_label_atom_id 
_pdbx_struct_sheet_hbond.range_1_label_comp_id 
_pdbx_struct_sheet_hbond.range_1_label_asym_id 
_pdbx_struct_sheet_hbond.range_1_label_seq_id 
_pdbx_struct_sheet_hbond.range_1_PDB_ins_code 
_pdbx_struct_sheet_hbond.range_1_auth_atom_id 
_pdbx_struct_sheet_hbond.range_1_auth_comp_id 
_pdbx_struct_sheet_hbond.range_1_auth_asym_id 
_pdbx_struct_sheet_hbond.range_1_auth_seq_id 
_pdbx_struct_sheet_hbond.range_2_label_atom_id 
_pdbx_struct_sheet_hbond.range_2_label_comp_id 
_pdbx_struct_sheet_hbond.range_2_label_asym_id 
_pdbx_struct_sheet_hbond.range_2_label_seq_id 
_pdbx_struct_sheet_hbond.range_2_PDB_ins_code 
_pdbx_struct_sheet_hbond.range_2_auth_atom_id 
_pdbx_struct_sheet_hbond.range_2_auth_comp_id 
_pdbx_struct_sheet_hbond.range_2_auth_asym_id 
_pdbx_struct_sheet_hbond.range_2_auth_seq_id 
A 1 2 N TYR A 52  ? N TYR A 33  O LEU A 118 ? O LEU A 99  
A 2 3 O CYS A 117 ? O CYS A 98  N LEU A 26  ? N LEU A 7   
A 3 4 N CYS A 29  ? N CYS A 10  O ILE A 143 ? O ILE A 124 
A 4 5 N PHE A 142 ? N PHE A 123 O ILE A 189 ? O ILE A 170 
B 1 2 O TYR A 73  ? O TYR A 54  N THR A 58  ? N THR A 39  
B 2 3 N CYS A 57  ? N CYS A 38  O GLY A 101 ? O GLY A 82  
B 3 4 O THR A 102 ? O THR A 83  N LEU A 90  ? N LEU A 71  
# 
loop_
_struct_site.id 
_struct_site.pdbx_evidence_code 
_struct_site.pdbx_auth_asym_id 
_struct_site.pdbx_auth_comp_id 
_struct_site.pdbx_auth_seq_id 
_struct_site.pdbx_auth_ins_code 
_struct_site.pdbx_num_residues 
_struct_site.details 
AC1 Software A SO4 400 ? 7  'BINDING SITE FOR RESIDUE SO4 A 400' 
AC2 Software A SO4 401 ? 4  'BINDING SITE FOR RESIDUE SO4 A 401' 
AC3 Software A SO4 402 ? 5  'BINDING SITE FOR RESIDUE SO4 A 402' 
AC4 Software A SO4 403 ? 6  'BINDING SITE FOR RESIDUE SO4 A 403' 
AC5 Software A SO4 404 ? 1  'BINDING SITE FOR RESIDUE SO4 A 404' 
AC6 Software A EPE 430 ? 11 'BINDING SITE FOR RESIDUE EPE A 430' 
# 
loop_
_struct_site_gen.id 
_struct_site_gen.site_id 
_struct_site_gen.pdbx_num_res 
_struct_site_gen.label_comp_id 
_struct_site_gen.label_asym_id 
_struct_site_gen.label_seq_id 
_struct_site_gen.pdbx_auth_ins_code 
_struct_site_gen.auth_comp_id 
_struct_site_gen.auth_asym_id 
_struct_site_gen.auth_seq_id 
_struct_site_gen.label_atom_id 
_struct_site_gen.label_alt_id 
_struct_site_gen.symmetry 
_struct_site_gen.details 
1  AC1 7  SER A 32  ? SER A 13  . ? 1_555 ? 
2  AC1 7  GLY A 33  ? GLY A 14  . ? 1_555 ? 
3  AC1 7  VAL A 34  ? VAL A 15  . ? 1_555 ? 
4  AC1 7  GLY A 35  ? GLY A 16  . ? 1_555 ? 
5  AC1 7  LYS A 36  ? LYS A 17  . ? 1_555 ? 
6  AC1 7  GLY A 37  ? GLY A 18  . ? 1_555 ? 
7  AC1 7  GLU A 120 ? GLU A 101 . ? 1_555 ? 
8  AC2 4  ARG A 60  ? ARG A 41  . ? 1_555 ? 
9  AC2 4  LYS A 61  ? LYS A 42  . ? 1_555 ? 
10 AC2 4  ASN A 98  ? ASN A 79  . ? 1_555 ? 
11 AC2 4  HOH H .   ? HOH A 604 . ? 1_555 ? 
12 AC3 5  LYS A 62  ? LYS A 43  . ? 1_555 ? 
13 AC3 5  LYS A 67  ? LYS A 48  . ? 1_555 ? 
14 AC3 5  GLU A 68  ? GLU A 49  . ? 1_555 ? 
15 AC3 5  HOH H .   ? HOH A 522 . ? 1_555 ? 
16 AC3 5  HOH H .   ? HOH A 586 . ? 1_555 ? 
17 AC4 6  SER A 32  ? SER A 13  . ? 1_555 ? 
18 AC4 6  TYR A 95  ? TYR A 76  . ? 1_555 ? 
19 AC4 6  LEU A 155 ? LEU A 136 . ? 1_555 ? 
20 AC4 6  ARG A 158 ? ARG A 139 . ? 1_555 ? 
21 AC4 6  ASN A 159 ? ASN A 140 . ? 1_555 ? 
22 AC4 6  HOH H .   ? HOH A 616 . ? 1_555 ? 
23 AC5 1  ARG A 154 ? ARG A 135 . ? 1_555 ? 
24 AC6 11 PRO A 31  ? PRO A 12  . ? 1_555 ? 
25 AC6 11 SER A 32  ? SER A 13  . ? 1_555 ? 
26 AC6 11 ASP A 93  ? ASP A 74  . ? 1_555 ? 
27 AC6 11 ASN A 94  ? ASN A 75  . ? 1_555 ? 
28 AC6 11 ASN A 122 ? ASN A 103 . ? 1_555 ? 
29 AC6 11 ASN A 124 ? ASN A 105 . ? 1_555 ? 
30 AC6 11 GLN A 172 ? GLN A 153 . ? 1_555 ? 
31 AC6 11 LEU A 173 ? LEU A 154 . ? 1_555 ? 
32 AC6 11 GLU A 176 ? GLU A 157 . ? 1_555 ? 
33 AC6 11 HOH H .   ? HOH A 507 . ? 1_555 ? 
34 AC6 11 HOH H .   ? HOH A 635 . ? 1_555 ? 
# 
_atom_sites.entry_id                    1Z6G 
_atom_sites.fract_transf_matrix[1][1]   -0.01727202 
_atom_sites.fract_transf_matrix[1][2]   0.01579255 
_atom_sites.fract_transf_matrix[1][3]   0.00592934 
_atom_sites.fract_transf_matrix[2][1]   -0.00290038 
_atom_sites.fract_transf_matrix[2][2]   0.00451614 
_atom_sites.fract_transf_matrix[2][3]   -0.02047728 
_atom_sites.fract_transf_matrix[3][1]   -0.00579427 
_atom_sites.fract_transf_matrix[3][2]   -0.00613705 
_atom_sites.fract_transf_matrix[3][3]   -0.00053280 
_atom_sites.fract_transf_vector[1]      2.095995 
_atom_sites.fract_transf_vector[2]      0.389024 
_atom_sites.fract_transf_vector[3]      0.379256 
# 
loop_
_atom_type.symbol 
C 
N 
O 
S 
# 
loop_
_atom_site.group_PDB 
_atom_site.id 
_atom_site.type_symbol 
_atom_site.label_atom_id 
_atom_site.label_alt_id 
_atom_site.label_comp_id 
_atom_site.label_asym_id 
_atom_site.label_entity_id 
_atom_site.label_seq_id 
_atom_site.pdbx_PDB_ins_code 
_atom_site.Cartn_x 
_atom_site.Cartn_y 
_atom_site.Cartn_z 
_atom_site.occupancy 
_atom_site.B_iso_or_equiv 
_atom_site.pdbx_formal_charge 
_atom_site.auth_seq_id 
_atom_site.auth_comp_id 
_atom_site.auth_asym_id 
_atom_site.auth_atom_id 
_atom_site.pdbx_PDB_model_num 
ATOM   1    N N   . ASN A 1 22  ? -20.018 -6.745  -7.738  1.00 48.11  ? 3   ASN A N   1 
ATOM   2    C CA  . ASN A 1 22  ? -18.594 -6.299  -7.700  1.00 47.74  ? 3   ASN A CA  1 
ATOM   3    C C   . ASN A 1 22  ? -18.155 -5.993  -6.272  1.00 47.25  ? 3   ASN A C   1 
ATOM   4    O O   . ASN A 1 22  ? -18.718 -5.117  -5.609  1.00 48.48  ? 3   ASN A O   1 
ATOM   5    C CB  . ASN A 1 22  ? -18.410 -5.065  -8.570  1.00 48.01  ? 3   ASN A CB  1 
ATOM   6    N N   . ILE A 1 23  ? -17.150 -6.719  -5.798  1.00 45.50  ? 4   ILE A N   1 
ATOM   7    C CA  . ILE A 1 23  ? -16.638 -6.509  -4.450  1.00 43.05  ? 4   ILE A CA  1 
ATOM   8    C C   . ILE A 1 23  ? -15.716 -5.294  -4.469  1.00 41.05  ? 4   ILE A C   1 
ATOM   9    O O   . ILE A 1 23  ? -14.721 -5.271  -5.198  1.00 40.55  ? 4   ILE A O   1 
ATOM   10   C CB  . ILE A 1 23  ? -15.838 -7.733  -3.959  1.00 43.80  ? 4   ILE A CB  1 
ATOM   11   C CG1 . ILE A 1 23  ? -16.659 -9.009  -4.165  1.00 43.95  ? 4   ILE A CG1 1 
ATOM   12   C CG2 . ILE A 1 23  ? -15.482 -7.562  -2.491  1.00 43.42  ? 4   ILE A CG2 1 
ATOM   13   C CD1 . ILE A 1 23  ? -15.931 -10.279 -3.787  1.00 45.28  ? 4   ILE A CD1 1 
ATOM   14   N N   . TYR A 1 24  ? -16.053 -4.284  -3.673  1.00 38.31  ? 5   TYR A N   1 
ATOM   15   C CA  . TYR A 1 24  ? -15.251 -3.070  -3.606  1.00 36.52  ? 5   TYR A CA  1 
ATOM   16   C C   . TYR A 1 24  ? -13.868 -3.384  -3.054  1.00 32.89  ? 5   TYR A C   1 
ATOM   17   O O   . TYR A 1 24  ? -13.739 -4.047  -2.026  1.00 32.67  ? 5   TYR A O   1 
ATOM   18   C CB  . TYR A 1 24  ? -15.931 -2.028  -2.714  1.00 40.47  ? 5   TYR A CB  1 
ATOM   19   C CG  . TYR A 1 24  ? -17.334 -1.673  -3.145  1.00 45.70  ? 5   TYR A CG  1 
ATOM   20   C CD1 . TYR A 1 24  ? -17.627 -1.416  -4.484  1.00 48.01  ? 5   TYR A CD1 1 
ATOM   21   C CD2 . TYR A 1 24  ? -18.367 -1.573  -2.212  1.00 48.72  ? 5   TYR A CD2 1 
ATOM   22   C CE1 . TYR A 1 24  ? -18.916 -1.064  -4.888  1.00 50.72  ? 5   TYR A CE1 1 
ATOM   23   C CE2 . TYR A 1 24  ? -19.664 -1.220  -2.604  1.00 51.46  ? 5   TYR A CE2 1 
ATOM   24   C CZ  . TYR A 1 24  ? -19.929 -0.966  -3.945  1.00 51.42  ? 5   TYR A CZ  1 
ATOM   25   O OH  . TYR A 1 24  ? -21.198 -0.614  -4.340  1.00 52.61  ? 5   TYR A OH  1 
ATOM   26   N N   . PRO A 1 25  ? -12.810 -2.925  -3.739  1.00 29.63  ? 6   PRO A N   1 
ATOM   27   C CA  . PRO A 1 25  ? -11.460 -3.202  -3.243  1.00 27.43  ? 6   PRO A CA  1 
ATOM   28   C C   . PRO A 1 25  ? -11.199 -2.487  -1.919  1.00 24.82  ? 6   PRO A C   1 
ATOM   29   O O   . PRO A 1 25  ? -11.833 -1.477  -1.610  1.00 25.09  ? 6   PRO A O   1 
ATOM   30   C CB  . PRO A 1 25  ? -10.561 -2.670  -4.359  1.00 27.45  ? 6   PRO A CB  1 
ATOM   31   C CG  . PRO A 1 25  ? -11.412 -2.795  -5.582  1.00 28.36  ? 6   PRO A CG  1 
ATOM   32   C CD  . PRO A 1 25  ? -12.763 -2.338  -5.089  1.00 28.33  ? 6   PRO A CD  1 
ATOM   33   N N   . LEU A 1 26  ? -10.267 -3.025  -1.143  1.00 23.13  ? 7   LEU A N   1 
ATOM   34   C CA  . LEU A 1 26  ? -9.893  -2.428  0.131   1.00 21.53  ? 7   LEU A CA  1 
ATOM   35   C C   . LEU A 1 26  ? -8.456  -1.911  0.035   1.00 22.30  ? 7   LEU A C   1 
ATOM   36   O O   . LEU A 1 26  ? -7.534  -2.666  -0.275  1.00 22.06  ? 7   LEU A O   1 
ATOM   37   C CB  . LEU A 1 26  ? -9.994  -3.462  1.257   1.00 20.19  ? 7   LEU A CB  1 
ATOM   38   C CG  . LEU A 1 26  ? -9.438  -3.021  2.617   1.00 21.64  ? 7   LEU A CG  1 
ATOM   39   C CD1 . LEU A 1 26  ? -10.143 -1.747  3.077   1.00 20.36  ? 7   LEU A CD1 1 
ATOM   40   C CD2 . LEU A 1 26  ? -9.630  -4.140  3.635   1.00 18.35  ? 7   LEU A CD2 1 
ATOM   41   N N   . VAL A 1 27  ? -8.274  -0.622  0.301   1.00 20.79  ? 8   VAL A N   1 
ATOM   42   C CA  . VAL A 1 27  ? -6.956  -0.012  0.253   1.00 20.21  ? 8   VAL A CA  1 
ATOM   43   C C   . VAL A 1 27  ? -6.515  0.449   1.650   1.00 21.29  ? 8   VAL A C   1 
ATOM   44   O O   . VAL A 1 27  ? -7.153  1.310   2.264   1.00 18.02  ? 8   VAL A O   1 
ATOM   45   C CB  . VAL A 1 27  ? -6.940  1.206   -0.711  1.00 21.66  ? 8   VAL A CB  1 
ATOM   46   C CG1 . VAL A 1 27  ? -5.529  1.749   -0.857  1.00 20.85  ? 8   VAL A CG1 1 
ATOM   47   C CG2 . VAL A 1 27  ? -7.485  0.798   -2.079  1.00 17.50  ? 8   VAL A CG2 1 
ATOM   48   N N   . ILE A 1 28  ? -5.445  -0.159  2.158   1.00 18.90  ? 9   ILE A N   1 
ATOM   49   C CA  . ILE A 1 28  ? -4.887  0.221   3.459   1.00 19.75  ? 9   ILE A CA  1 
ATOM   50   C C   . ILE A 1 28  ? -3.700  1.087   3.054   1.00 20.82  ? 9   ILE A C   1 
ATOM   51   O O   . ILE A 1 28  ? -2.754  0.608   2.425   1.00 19.36  ? 9   ILE A O   1 
ATOM   52   C CB  . ILE A 1 28  ? -4.366  -0.999  4.251   1.00 22.26  ? 9   ILE A CB  1 
ATOM   53   C CG1 . ILE A 1 28  ? -5.519  -1.969  4.552   1.00 24.82  ? 9   ILE A CG1 1 
ATOM   54   C CG2 . ILE A 1 28  ? -3.690  -0.533  5.537   1.00 23.49  ? 9   ILE A CG2 1 
ATOM   55   C CD1 . ILE A 1 28  ? -6.631  -1.380  5.400   1.00 28.96  ? 9   ILE A CD1 1 
ATOM   56   N N   . CYS A 1 29  ? -3.741  2.362   3.401   1.00 19.40  ? 10  CYS A N   1 
ATOM   57   C CA  . CYS A 1 29  ? -2.663  3.232   2.978   1.00 21.58  ? 10  CYS A CA  1 
ATOM   58   C C   . CYS A 1 29  ? -2.057  4.093   4.055   1.00 21.89  ? 10  CYS A C   1 
ATOM   59   O O   . CYS A 1 29  ? -2.579  4.195   5.162   1.00 20.36  ? 10  CYS A O   1 
ATOM   60   C CB  . CYS A 1 29  ? -3.159  4.130   1.855   1.00 21.83  ? 10  CYS A CB  1 
ATOM   61   S SG  . CYS A 1 29  ? -4.546  5.137   2.366   1.00 25.45  ? 10  CYS A SG  1 
ATOM   62   N N   . GLY A 1 30  ? -0.951  4.731   3.685   1.00 21.13  ? 11  GLY A N   1 
ATOM   63   C CA  . GLY A 1 30  ? -0.241  5.607   4.590   1.00 20.70  ? 11  GLY A CA  1 
ATOM   64   C C   . GLY A 1 30  ? 1.227   5.539   4.246   1.00 21.57  ? 11  GLY A C   1 
ATOM   65   O O   . GLY A 1 30  ? 1.645   4.643   3.506   1.00 21.99  ? 11  GLY A O   1 
ATOM   66   N N   . PRO A 1 31  ? 2.039   6.480   4.745   1.00 22.43  ? 12  PRO A N   1 
ATOM   67   C CA  . PRO A 1 31  ? 3.475   6.469   4.453   1.00 22.04  ? 12  PRO A CA  1 
ATOM   68   C C   . PRO A 1 31  ? 4.164   5.256   5.081   1.00 23.82  ? 12  PRO A C   1 
ATOM   69   O O   . PRO A 1 31  ? 3.614   4.616   5.977   1.00 22.38  ? 12  PRO A O   1 
ATOM   70   C CB  . PRO A 1 31  ? 3.954   7.796   5.038   1.00 23.61  ? 12  PRO A CB  1 
ATOM   71   C CG  . PRO A 1 31  ? 2.984   8.049   6.171   1.00 24.33  ? 12  PRO A CG  1 
ATOM   72   C CD  . PRO A 1 31  ? 1.667   7.667   5.532   1.00 23.14  ? 12  PRO A CD  1 
ATOM   73   N N   . SER A 1 32  ? 5.357   4.929   4.603   1.00 22.88  ? 13  SER A N   1 
ATOM   74   C CA  . SER A 1 32  ? 6.073   3.789   5.142   1.00 26.93  ? 13  SER A CA  1 
ATOM   75   C C   . SER A 1 32  ? 6.396   4.044   6.612   1.00 26.86  ? 13  SER A C   1 
ATOM   76   O O   . SER A 1 32  ? 6.735   5.165   6.996   1.00 27.56  ? 13  SER A O   1 
ATOM   77   C CB  . SER A 1 32  ? 7.365   3.563   4.367   1.00 28.74  ? 13  SER A CB  1 
ATOM   78   O OG  . SER A 1 32  ? 8.298   4.575   4.674   1.00 36.80  ? 13  SER A OG  1 
ATOM   79   N N   . GLY A 1 33  ? 6.275   3.002   7.429   1.00 26.23  ? 14  GLY A N   1 
ATOM   80   C CA  . GLY A 1 33  ? 6.568   3.128   8.844   1.00 25.13  ? 14  GLY A CA  1 
ATOM   81   C C   . GLY A 1 33  ? 5.377   3.300   9.769   1.00 24.76  ? 14  GLY A C   1 
ATOM   82   O O   . GLY A 1 33  ? 5.562   3.374   10.985  1.00 24.59  ? 14  GLY A O   1 
ATOM   83   N N   . VAL A 1 34  ? 4.160   3.363   9.225   1.00 22.34  ? 15  VAL A N   1 
ATOM   84   C CA  . VAL A 1 34  ? 2.980   3.545   10.081  1.00 21.89  ? 15  VAL A CA  1 
ATOM   85   C C   . VAL A 1 34  ? 2.376   2.251   10.603  1.00 22.00  ? 15  VAL A C   1 
ATOM   86   O O   . VAL A 1 34  ? 1.429   2.288   11.394  1.00 24.32  ? 15  VAL A O   1 
ATOM   87   C CB  . VAL A 1 34  ? 1.841   4.325   9.373   1.00 21.52  ? 15  VAL A CB  1 
ATOM   88   C CG1 . VAL A 1 34  ? 2.307   5.728   9.003   1.00 22.91  ? 15  VAL A CG1 1 
ATOM   89   C CG2 . VAL A 1 34  ? 1.362   3.558   8.152   1.00 18.04  ? 15  VAL A CG2 1 
ATOM   90   N N   . GLY A 1 35  ? 2.906   1.114   10.167  1.00 20.55  ? 16  GLY A N   1 
ATOM   91   C CA  . GLY A 1 35  ? 2.383   -0.163  10.629  1.00 20.57  ? 16  GLY A CA  1 
ATOM   92   C C   . GLY A 1 35  ? 1.385   -0.838  9.691   1.00 20.81  ? 16  GLY A C   1 
ATOM   93   O O   . GLY A 1 35  ? 0.679   -1.770  10.103  1.00 18.65  ? 16  GLY A O   1 
ATOM   94   N N   . LYS A 1 36  ? 1.314   -0.383  8.439   1.00 19.13  ? 17  LYS A N   1 
ATOM   95   C CA  . LYS A 1 36  ? 0.395   -0.988  7.470   1.00 20.88  ? 17  LYS A CA  1 
ATOM   96   C C   . LYS A 1 36  ? 0.621   -2.500  7.393   1.00 20.66  ? 17  LYS A C   1 
ATOM   97   O O   . LYS A 1 36  ? -0.317  -3.284  7.519   1.00 21.59  ? 17  LYS A O   1 
ATOM   98   C CB  . LYS A 1 36  ? 0.600   -0.413  6.060   1.00 18.85  ? 17  LYS A CB  1 
ATOM   99   C CG  . LYS A 1 36  ? 0.307   1.062   5.900   1.00 19.82  ? 17  LYS A CG  1 
ATOM   100  C CD  . LYS A 1 36  ? 0.311   1.463   4.413   1.00 20.12  ? 17  LYS A CD  1 
ATOM   101  C CE  . LYS A 1 36  ? 1.659   1.203   3.743   1.00 18.42  ? 17  LYS A CE  1 
ATOM   102  N NZ  . LYS A 1 36  ? 2.763   2.012   4.337   1.00 17.14  ? 17  LYS A NZ  1 
ATOM   103  N N   . GLY A 1 37  ? 1.878   -2.891  7.184   1.00 20.87  ? 18  GLY A N   1 
ATOM   104  C CA  . GLY A 1 37  ? 2.224   -4.297  7.065   1.00 21.58  ? 18  GLY A CA  1 
ATOM   105  C C   . GLY A 1 37  ? 1.742   -5.180  8.201   1.00 23.25  ? 18  GLY A C   1 
ATOM   106  O O   . GLY A 1 37  ? 1.180   -6.257  7.965   1.00 22.50  ? 18  GLY A O   1 
ATOM   107  N N   . THR A 1 38  ? 1.958   -4.733  9.435   1.00 22.55  ? 19  THR A N   1 
ATOM   108  C CA  . THR A 1 38  ? 1.541   -5.500  10.600  1.00 24.21  ? 19  THR A CA  1 
ATOM   109  C C   . THR A 1 38  ? 0.022   -5.681  10.613  1.00 23.32  ? 19  THR A C   1 
ATOM   110  O O   . THR A 1 38  ? -0.487  -6.789  10.816  1.00 23.00  ? 19  THR A O   1 
ATOM   111  C CB  . THR A 1 38  ? 1.978   -4.803  11.907  1.00 27.12  ? 19  THR A CB  1 
ATOM   112  O OG1 . THR A 1 38  ? 3.371   -4.475  11.826  1.00 29.46  ? 19  THR A OG1 1 
ATOM   113  C CG2 . THR A 1 38  ? 1.764   -5.731  13.106  1.00 26.30  ? 19  THR A CG2 1 
ATOM   114  N N   . LEU A 1 39  ? -0.699  -4.587  10.392  1.00 22.66  ? 20  LEU A N   1 
ATOM   115  C CA  . LEU A 1 39  ? -2.152  -4.619  10.373  1.00 21.93  ? 20  LEU A CA  1 
ATOM   116  C C   . LEU A 1 39  ? -2.684  -5.549  9.291   1.00 22.13  ? 20  LEU A C   1 
ATOM   117  O O   . LEU A 1 39  ? -3.598  -6.336  9.534   1.00 21.31  ? 20  LEU A O   1 
ATOM   118  C CB  . LEU A 1 39  ? -2.711  -3.207  10.161  1.00 21.64  ? 20  LEU A CB  1 
ATOM   119  C CG  . LEU A 1 39  ? -2.583  -2.264  11.361  1.00 23.09  ? 20  LEU A CG  1 
ATOM   120  C CD1 . LEU A 1 39  ? -3.024  -0.854  10.979  1.00 23.67  ? 20  LEU A CD1 1 
ATOM   121  C CD2 . LEU A 1 39  ? -3.437  -2.799  12.513  1.00 22.90  ? 20  LEU A CD2 1 
ATOM   122  N N   . ILE A 1 40  ? -2.113  -5.463  8.095   1.00 21.91  ? 21  ILE A N   1 
ATOM   123  C CA  . ILE A 1 40  ? -2.563  -6.309  6.997   1.00 21.03  ? 21  ILE A CA  1 
ATOM   124  C C   . ILE A 1 40  ? -2.302  -7.794  7.272   1.00 22.56  ? 21  ILE A C   1 
ATOM   125  O O   . ILE A 1 40  ? -3.139  -8.645  6.958   1.00 21.91  ? 21  ILE A O   1 
ATOM   126  C CB  . ILE A 1 40  ? -1.892  -5.878  5.669   1.00 21.65  ? 21  ILE A CB  1 
ATOM   127  C CG1 . ILE A 1 40  ? -2.397  -4.479  5.279   1.00 21.47  ? 21  ILE A CG1 1 
ATOM   128  C CG2 . ILE A 1 40  ? -2.218  -6.867  4.558   1.00 20.03  ? 21  ILE A CG2 1 
ATOM   129  C CD1 . ILE A 1 40  ? -1.656  -3.853  4.106   1.00 21.03  ? 21  ILE A CD1 1 
ATOM   130  N N   . LYS A 1 41  ? -1.157  -8.114  7.870   1.00 22.76  ? 22  LYS A N   1 
ATOM   131  C CA  . LYS A 1 41  ? -0.854  -9.512  8.159   1.00 24.11  ? 22  LYS A CA  1 
ATOM   132  C C   . LYS A 1 41  ? -1.868  -10.109 9.126   1.00 22.86  ? 22  LYS A C   1 
ATOM   133  O O   . LYS A 1 41  ? -2.310  -11.244 8.939   1.00 22.18  ? 22  LYS A O   1 
ATOM   134  C CB  . LYS A 1 41  ? 0.560   -9.682  8.720   1.00 27.69  ? 22  LYS A CB  1 
ATOM   135  C CG  . LYS A 1 41  ? 0.909   -11.149 8.969   1.00 31.29  ? 22  LYS A CG  1 
ATOM   136  C CD  . LYS A 1 41  ? 2.399   -11.396 9.021   1.00 36.18  ? 22  LYS A CD  1 
ATOM   137  C CE  . LYS A 1 41  ? 2.696   -12.892 8.955   1.00 38.63  ? 22  LYS A CE  1 
ATOM   138  N NZ  . LYS A 1 41  ? 4.157   -13.175 8.851   1.00 43.02  ? 22  LYS A NZ  1 
ATOM   139  N N   . LYS A 1 42  ? -2.239  -9.349  10.152  1.00 24.67  ? 23  LYS A N   1 
ATOM   140  C CA  . LYS A 1 42  ? -3.224  -9.821  11.120  1.00 24.11  ? 23  LYS A CA  1 
ATOM   141  C C   . LYS A 1 42  ? -4.541  -10.055 10.391  1.00 24.36  ? 23  LYS A C   1 
ATOM   142  O O   . LYS A 1 42  ? -5.205  -11.077 10.584  1.00 23.04  ? 23  LYS A O   1 
ATOM   143  C CB  . LYS A 1 42  ? -3.442  -8.788  12.227  1.00 25.29  ? 23  LYS A CB  1 
ATOM   144  C CG  . LYS A 1 42  ? -2.239  -8.577  13.133  1.00 30.98  ? 23  LYS A CG  1 
ATOM   145  C CD  . LYS A 1 42  ? -2.497  -7.482  14.162  1.00 34.64  ? 23  LYS A CD  1 
ATOM   146  C CE  . LYS A 1 42  ? -3.663  -7.827  15.081  1.00 33.81  ? 23  LYS A CE  1 
ATOM   147  N NZ  . LYS A 1 42  ? -3.398  -9.068  15.859  1.00 38.38  ? 23  LYS A NZ  1 
ATOM   148  N N   . LEU A 1 43  ? -4.898  -9.109  9.528   1.00 21.98  ? 24  LEU A N   1 
ATOM   149  C CA  . LEU A 1 43  ? -6.147  -9.193  8.783   1.00 22.29  ? 24  LEU A CA  1 
ATOM   150  C C   . LEU A 1 43  ? -6.202  -10.437 7.899   1.00 21.72  ? 24  LEU A C   1 
ATOM   151  O O   . LEU A 1 43  ? -7.187  -11.179 7.913   1.00 23.77  ? 24  LEU A O   1 
ATOM   152  C CB  . LEU A 1 43  ? -6.315  -7.937  7.931   1.00 25.53  ? 24  LEU A CB  1 
ATOM   153  C CG  . LEU A 1 43  ? -7.720  -7.635  7.427   1.00 30.25  ? 24  LEU A CG  1 
ATOM   154  C CD1 . LEU A 1 43  ? -8.651  -7.377  8.616   1.00 28.98  ? 24  LEU A CD1 1 
ATOM   155  C CD2 . LEU A 1 43  ? -7.659  -6.412  6.505   1.00 29.45  ? 24  LEU A CD2 1 
ATOM   156  N N   . LEU A 1 44  ? -5.145  -10.663 7.131   1.00 19.80  ? 25  LEU A N   1 
ATOM   157  C CA  . LEU A 1 44  ? -5.078  -11.820 6.246   1.00 20.53  ? 25  LEU A CA  1 
ATOM   158  C C   . LEU A 1 44  ? -5.055  -13.127 7.038   1.00 22.17  ? 25  LEU A C   1 
ATOM   159  O O   . LEU A 1 44  ? -5.635  -14.127 6.614   1.00 19.92  ? 25  LEU A O   1 
ATOM   160  C CB  . LEU A 1 44  ? -3.836  -11.725 5.361   1.00 19.81  ? 25  LEU A CB  1 
ATOM   161  C CG  . LEU A 1 44  ? -3.789  -10.536 4.387   1.00 18.10  ? 25  LEU A CG  1 
ATOM   162  C CD1 . LEU A 1 44  ? -2.472  -10.549 3.632   1.00 18.48  ? 25  LEU A CD1 1 
ATOM   163  C CD2 . LEU A 1 44  ? -4.959  -10.625 3.406   1.00 20.01  ? 25  LEU A CD2 1 
ATOM   164  N N   . ASN A 1 45  ? -4.376  -13.115 8.184   1.00 23.02  ? 26  ASN A N   1 
ATOM   165  C CA  . ASN A 1 45  ? -4.291  -14.302 9.026   1.00 26.11  ? 26  ASN A CA  1 
ATOM   166  C C   . ASN A 1 45  ? -5.662  -14.643 9.592   1.00 26.38  ? 26  ASN A C   1 
ATOM   167  O O   . ASN A 1 45  ? -6.022  -15.815 9.691   1.00 26.24  ? 26  ASN A O   1 
ATOM   168  C CB  . ASN A 1 45  ? -3.323  -14.083 10.195  1.00 27.37  ? 26  ASN A CB  1 
ATOM   169  C CG  . ASN A 1 45  ? -1.865  -14.052 9.767   1.00 32.18  ? 26  ASN A CG  1 
ATOM   170  O OD1 . ASN A 1 45  ? -0.976  -13.783 10.585  1.00 34.96  ? 26  ASN A OD1 1 
ATOM   171  N ND2 . ASN A 1 45  ? -1.605  -14.330 8.492   1.00 30.77  ? 26  ASN A ND2 1 
ATOM   172  N N   . GLU A 1 46  ? -6.422  -13.614 9.957   1.00 25.82  ? 27  GLU A N   1 
ATOM   173  C CA  . GLU A 1 46  ? -7.744  -13.800 10.547  1.00 25.90  ? 27  GLU A CA  1 
ATOM   174  C C   . GLU A 1 46  ? -8.884  -14.073 9.562   1.00 26.02  ? 27  GLU A C   1 
ATOM   175  O O   . GLU A 1 46  ? -9.837  -14.769 9.904   1.00 25.08  ? 27  GLU A O   1 
ATOM   176  C CB  . GLU A 1 46  ? -8.104  -12.594 11.424  1.00 27.14  ? 27  GLU A CB  1 
ATOM   177  C CG  . GLU A 1 46  ? -9.458  -12.732 12.109  1.00 29.87  ? 27  GLU A CG  1 
ATOM   178  C CD  . GLU A 1 46  ? -9.631  -11.791 13.289  1.00 31.77  ? 27  GLU A CD  1 
ATOM   179  O OE1 . GLU A 1 46  ? -8.737  -10.955 13.536  1.00 31.93  ? 27  GLU A OE1 1 
ATOM   180  O OE2 . GLU A 1 46  ? -10.671 -11.891 13.970  1.00 32.33  ? 27  GLU A OE2 1 
ATOM   181  N N   . PHE A 1 47  ? -8.795  -13.526 8.351   1.00 23.83  ? 28  PHE A N   1 
ATOM   182  C CA  . PHE A 1 47  ? -9.825  -13.738 7.340   1.00 22.82  ? 28  PHE A CA  1 
ATOM   183  C C   . PHE A 1 47  ? -9.178  -14.192 6.032   1.00 23.76  ? 28  PHE A C   1 
ATOM   184  O O   . PHE A 1 47  ? -9.394  -13.596 4.972   1.00 22.24  ? 28  PHE A O   1 
ATOM   185  C CB  . PHE A 1 47  ? -10.624 -12.449 7.125   1.00 23.94  ? 28  PHE A CB  1 
ATOM   186  C CG  . PHE A 1 47  ? -11.199 -11.874 8.396   1.00 23.51  ? 28  PHE A CG  1 
ATOM   187  C CD1 . PHE A 1 47  ? -10.513 -10.894 9.107   1.00 22.26  ? 28  PHE A CD1 1 
ATOM   188  C CD2 . PHE A 1 47  ? -12.413 -12.340 8.897   1.00 23.38  ? 28  PHE A CD2 1 
ATOM   189  C CE1 . PHE A 1 47  ? -11.029 -10.382 10.305  1.00 23.85  ? 28  PHE A CE1 1 
ATOM   190  C CE2 . PHE A 1 47  ? -12.935 -11.837 10.092  1.00 25.24  ? 28  PHE A CE2 1 
ATOM   191  C CZ  . PHE A 1 47  ? -12.242 -10.858 10.796  1.00 22.90  ? 28  PHE A CZ  1 
ATOM   192  N N   . PRO A 1 48  ? -8.396  -15.283 6.089   1.00 23.49  ? 29  PRO A N   1 
ATOM   193  C CA  . PRO A 1 48  ? -7.699  -15.833 4.926   1.00 23.93  ? 29  PRO A CA  1 
ATOM   194  C C   . PRO A 1 48  ? -8.547  -16.187 3.718   1.00 23.90  ? 29  PRO A C   1 
ATOM   195  O O   . PRO A 1 48  ? -8.071  -16.112 2.589   1.00 24.77  ? 29  PRO A O   1 
ATOM   196  C CB  . PRO A 1 48  ? -6.967  -17.045 5.501   1.00 25.14  ? 29  PRO A CB  1 
ATOM   197  C CG  . PRO A 1 48  ? -7.873  -17.484 6.623   1.00 25.53  ? 29  PRO A CG  1 
ATOM   198  C CD  . PRO A 1 48  ? -8.247  -16.173 7.259   1.00 24.83  ? 29  PRO A CD  1 
ATOM   199  N N   . ASN A 1 49  ? -9.798  -16.559 3.930   1.00 24.93  ? 30  ASN A N   1 
ATOM   200  C CA  . ASN A 1 49  ? -10.631 -16.928 2.793   1.00 27.30  ? 30  ASN A CA  1 
ATOM   201  C C   . ASN A 1 49  ? -11.392 -15.753 2.175   1.00 26.31  ? 30  ASN A C   1 
ATOM   202  O O   . ASN A 1 49  ? -12.118 -15.928 1.201   1.00 26.33  ? 30  ASN A O   1 
ATOM   203  C CB  . ASN A 1 49  ? -11.610 -18.036 3.203   1.00 30.02  ? 30  ASN A CB  1 
ATOM   204  C CG  . ASN A 1 49  ? -12.041 -18.896 2.023   1.00 32.43  ? 30  ASN A CG  1 
ATOM   205  O OD1 . ASN A 1 49  ? -11.210 -19.336 1.223   1.00 36.04  ? 30  ASN A OD1 1 
ATOM   206  N ND2 . ASN A 1 49  ? -13.339 -19.148 1.914   1.00 33.85  ? 30  ASN A ND2 1 
ATOM   207  N N   . TYR A 1 50  ? -11.213 -14.553 2.715   1.00 24.77  ? 31  TYR A N   1 
ATOM   208  C CA  . TYR A 1 50  ? -11.928 -13.396 2.188   1.00 26.54  ? 31  TYR A CA  1 
ATOM   209  C C   . TYR A 1 50  ? -11.109 -12.455 1.313   1.00 25.56  ? 31  TYR A C   1 
ATOM   210  O O   . TYR A 1 50  ? -11.672 -11.686 0.535   1.00 23.98  ? 31  TYR A O   1 
ATOM   211  C CB  . TYR A 1 50  ? -12.519 -12.560 3.325   1.00 28.22  ? 31  TYR A CB  1 
ATOM   212  C CG  . TYR A 1 50  ? -13.639 -13.218 4.096   1.00 33.22  ? 31  TYR A CG  1 
ATOM   213  C CD1 . TYR A 1 50  ? -13.371 -14.103 5.141   1.00 33.49  ? 31  TYR A CD1 1 
ATOM   214  C CD2 . TYR A 1 50  ? -14.971 -12.941 3.794   1.00 34.99  ? 31  TYR A CD2 1 
ATOM   215  C CE1 . TYR A 1 50  ? -14.401 -14.688 5.874   1.00 36.07  ? 31  TYR A CE1 1 
ATOM   216  C CE2 . TYR A 1 50  ? -16.013 -13.526 4.521   1.00 37.93  ? 31  TYR A CE2 1 
ATOM   217  C CZ  . TYR A 1 50  ? -15.717 -14.396 5.560   1.00 36.83  ? 31  TYR A CZ  1 
ATOM   218  O OH  . TYR A 1 50  ? -16.737 -14.957 6.300   1.00 40.12  ? 31  TYR A OH  1 
ATOM   219  N N   . PHE A 1 51  ? -9.788  -12.522 1.424   1.00 23.31  ? 32  PHE A N   1 
ATOM   220  C CA  . PHE A 1 51  ? -8.947  -11.588 0.687   1.00 23.81  ? 32  PHE A CA  1 
ATOM   221  C C   . PHE A 1 51  ? -7.990  -12.120 -0.354  1.00 22.47  ? 32  PHE A C   1 
ATOM   222  O O   . PHE A 1 51  ? -7.551  -13.264 -0.299  1.00 22.34  ? 32  PHE A O   1 
ATOM   223  C CB  . PHE A 1 51  ? -8.115  -10.768 1.685   1.00 23.78  ? 32  PHE A CB  1 
ATOM   224  C CG  . PHE A 1 51  ? -8.921  -9.843  2.544   1.00 23.06  ? 32  PHE A CG  1 
ATOM   225  C CD1 . PHE A 1 51  ? -9.518  -8.711  1.999   1.00 21.66  ? 32  PHE A CD1 1 
ATOM   226  C CD2 . PHE A 1 51  ? -9.090  -10.104 3.902   1.00 24.40  ? 32  PHE A CD2 1 
ATOM   227  C CE1 . PHE A 1 51  ? -10.272 -7.850  2.795   1.00 21.00  ? 32  PHE A CE1 1 
ATOM   228  C CE2 . PHE A 1 51  ? -9.846  -9.248  4.709   1.00 24.17  ? 32  PHE A CE2 1 
ATOM   229  C CZ  . PHE A 1 51  ? -10.437 -8.120  4.154   1.00 22.84  ? 32  PHE A CZ  1 
ATOM   230  N N   . TYR A 1 52  ? -7.684  -11.252 -1.314  1.00 22.47  ? 33  TYR A N   1 
ATOM   231  C CA  . TYR A 1 52  ? -6.689  -11.533 -2.332  1.00 21.62  ? 33  TYR A CA  1 
ATOM   232  C C   . TYR A 1 52  ? -5.724  -10.363 -2.143  1.00 22.22  ? 33  TYR A C   1 
ATOM   233  O O   . TYR A 1 52  ? -6.080  -9.220  -2.428  1.00 21.11  ? 33  TYR A O   1 
ATOM   234  C CB  . TYR A 1 52  ? -7.241  -11.477 -3.757  1.00 21.58  ? 33  TYR A CB  1 
ATOM   235  C CG  . TYR A 1 52  ? -6.110  -11.572 -4.759  1.00 23.70  ? 33  TYR A CG  1 
ATOM   236  C CD1 . TYR A 1 52  ? -5.522  -12.801 -5.062  1.00 24.97  ? 33  TYR A CD1 1 
ATOM   237  C CD2 . TYR A 1 52  ? -5.537  -10.419 -5.301  1.00 24.89  ? 33  TYR A CD2 1 
ATOM   238  C CE1 . TYR A 1 52  ? -4.385  -12.884 -5.872  1.00 25.77  ? 33  TYR A CE1 1 
ATOM   239  C CE2 . TYR A 1 52  ? -4.401  -10.488 -6.111  1.00 25.96  ? 33  TYR A CE2 1 
ATOM   240  C CZ  . TYR A 1 52  ? -3.828  -11.721 -6.393  1.00 27.67  ? 33  TYR A CZ  1 
ATOM   241  O OH  . TYR A 1 52  ? -2.695  -11.788 -7.186  1.00 26.86  ? 33  TYR A OH  1 
ATOM   242  N N   . PHE A 1 53  ? -4.521  -10.641 -1.647  1.00 22.59  ? 34  PHE A N   1 
ATOM   243  C CA  . PHE A 1 53  ? -3.533  -9.595  -1.408  1.00 21.83  ? 34  PHE A CA  1 
ATOM   244  C C   . PHE A 1 53  ? -2.813  -9.220  -2.705  1.00 23.19  ? 34  PHE A C   1 
ATOM   245  O O   . PHE A 1 53  ? -2.144  -10.049 -3.321  1.00 21.77  ? 34  PHE A O   1 
ATOM   246  C CB  . PHE A 1 53  ? -2.507  -10.066 -0.374  1.00 23.19  ? 34  PHE A CB  1 
ATOM   247  C CG  . PHE A 1 53  ? -1.646  -8.963  0.178   1.00 26.02  ? 34  PHE A CG  1 
ATOM   248  C CD1 . PHE A 1 53  ? -0.381  -9.242  0.683   1.00 26.64  ? 34  PHE A CD1 1 
ATOM   249  C CD2 . PHE A 1 53  ? -2.097  -7.643  0.193   1.00 25.74  ? 34  PHE A CD2 1 
ATOM   250  C CE1 . PHE A 1 53  ? 0.428   -8.225  1.192   1.00 29.44  ? 34  PHE A CE1 1 
ATOM   251  C CE2 . PHE A 1 53  ? -1.298  -6.621  0.699   1.00 27.36  ? 34  PHE A CE2 1 
ATOM   252  C CZ  . PHE A 1 53  ? -0.031  -6.914  1.200   1.00 26.96  ? 34  PHE A CZ  1 
ATOM   253  N N   . SER A 1 54  ? -2.954  -7.965  -3.115  1.00 22.45  ? 35  SER A N   1 
ATOM   254  C CA  . SER A 1 54  ? -2.313  -7.499  -4.337  1.00 23.47  ? 35  SER A CA  1 
ATOM   255  C C   . SER A 1 54  ? -0.788  -7.573  -4.257  1.00 23.52  ? 35  SER A C   1 
ATOM   256  O O   . SER A 1 54  ? -0.192  -7.203  -3.252  1.00 22.68  ? 35  SER A O   1 
ATOM   257  C CB  . SER A 1 54  ? -2.733  -6.062  -4.632  1.00 23.30  ? 35  SER A CB  1 
ATOM   258  O OG  . SER A 1 54  ? -2.092  -5.592  -5.802  1.00 28.50  ? 35  SER A OG  1 
ATOM   259  N N   . VAL A 1 55  ? -0.168  -8.061  -5.327  1.00 24.65  ? 36  VAL A N   1 
ATOM   260  C CA  . VAL A 1 55  ? 1.284   -8.166  -5.411  1.00 24.34  ? 36  VAL A CA  1 
ATOM   261  C C   . VAL A 1 55  ? 1.775   -7.164  -6.460  1.00 25.55  ? 36  VAL A C   1 
ATOM   262  O O   . VAL A 1 55  ? 1.249   -7.108  -7.578  1.00 24.02  ? 36  VAL A O   1 
ATOM   263  C CB  . VAL A 1 55  ? 1.718   -9.584  -5.826  1.00 25.52  ? 36  VAL A CB  1 
ATOM   264  C CG1 . VAL A 1 55  ? 3.211   -9.609  -6.119  1.00 24.39  ? 36  VAL A CG1 1 
ATOM   265  C CG2 . VAL A 1 55  ? 1.379   -10.576 -4.715  1.00 24.79  ? 36  VAL A CG2 1 
ATOM   266  N N   . SER A 1 56  ? 2.780   -6.378  -6.093  1.00 24.72  ? 37  SER A N   1 
ATOM   267  C CA  . SER A 1 56  ? 3.329   -5.368  -6.992  1.00 27.28  ? 37  SER A CA  1 
ATOM   268  C C   . SER A 1 56  ? 4.506   -5.845  -7.837  1.00 27.25  ? 37  SER A C   1 
ATOM   269  O O   . SER A 1 56  ? 5.096   -6.900  -7.585  1.00 26.64  ? 37  SER A O   1 
ATOM   270  C CB  . SER A 1 56  ? 3.773   -4.135  -6.189  1.00 27.00  ? 37  SER A CB  1 
ATOM   271  O OG  . SER A 1 56  ? 2.668   -3.498  -5.577  1.00 29.83  ? 37  SER A OG  1 
ATOM   272  N N   . CYS A 1 57  ? 4.822   -5.047  -8.853  1.00 26.52  ? 38  CYS A N   1 
ATOM   273  C CA  . CYS A 1 57  ? 5.942   -5.305  -9.747  1.00 27.00  ? 38  CYS A CA  1 
ATOM   274  C C   . CYS A 1 57  ? 7.062   -4.388  -9.304  1.00 26.39  ? 38  CYS A C   1 
ATOM   275  O O   . CYS A 1 57  ? 6.806   -3.289  -8.798  1.00 25.10  ? 38  CYS A O   1 
ATOM   276  C CB  . CYS A 1 57  ? 5.613   -4.914  -11.192 1.00 26.84  ? 38  CYS A CB  1 
ATOM   277  S SG  . CYS A 1 57  ? 4.323   -5.832  -12.013 1.00 34.85  ? 38  CYS A SG  1 
ATOM   278  N N   . THR A 1 58  ? 8.299   -4.821  -9.504  1.00 24.28  ? 39  THR A N   1 
ATOM   279  C CA  . THR A 1 58  ? 9.431   -3.976  -9.174  1.00 23.96  ? 39  THR A CA  1 
ATOM   280  C C   . THR A 1 58  ? 10.607  -4.309  -10.073 1.00 24.78  ? 39  THR A C   1 
ATOM   281  O O   . THR A 1 58  ? 10.752  -5.450  -10.505 1.00 24.27  ? 39  THR A O   1 
ATOM   282  C CB  . THR A 1 58  ? 9.880   -4.141  -7.727  1.00 24.00  ? 39  THR A CB  1 
ATOM   283  O OG1 . THR A 1 58  ? 10.918  -3.193  -7.462  1.00 22.43  ? 39  THR A OG1 1 
ATOM   284  C CG2 . THR A 1 58  ? 10.405  -5.563  -7.481  1.00 19.27  ? 39  THR A CG2 1 
ATOM   285  N N   . THR A 1 59  ? 11.434  -3.304  -10.365 1.00 24.78  ? 40  THR A N   1 
ATOM   286  C CA  . THR A 1 59  ? 12.610  -3.520  -11.191 1.00 25.48  ? 40  THR A CA  1 
ATOM   287  C C   . THR A 1 59  ? 13.799  -3.802  -10.286 1.00 25.89  ? 40  THR A C   1 
ATOM   288  O O   . THR A 1 59  ? 14.877  -4.139  -10.754 1.00 26.83  ? 40  THR A O   1 
ATOM   289  C CB  . THR A 1 59  ? 12.930  -2.300  -12.087 1.00 23.70  ? 40  THR A CB  1 
ATOM   290  O OG1 . THR A 1 59  ? 13.043  -1.118  -11.282 1.00 21.87  ? 40  THR A OG1 1 
ATOM   291  C CG2 . THR A 1 59  ? 11.834  -2.114  -13.131 1.00 24.59  ? 40  THR A CG2 1 
ATOM   292  N N   . ARG A 1 60  ? 13.596  -3.664  -8.981  1.00 26.65  ? 41  ARG A N   1 
ATOM   293  C CA  . ARG A 1 60  ? 14.664  -3.936  -8.034  1.00 27.64  ? 41  ARG A CA  1 
ATOM   294  C C   . ARG A 1 60  ? 15.011  -5.413  -8.139  1.00 29.37  ? 41  ARG A C   1 
ATOM   295  O O   . ARG A 1 60  ? 14.149  -6.240  -8.444  1.00 29.88  ? 41  ARG A O   1 
ATOM   296  C CB  . ARG A 1 60  ? 14.226  -3.609  -6.604  1.00 25.88  ? 41  ARG A CB  1 
ATOM   297  C CG  . ARG A 1 60  ? 15.227  -4.050  -5.555  1.00 27.22  ? 41  ARG A CG  1 
ATOM   298  C CD  . ARG A 1 60  ? 14.910  -3.508  -4.176  1.00 28.20  ? 41  ARG A CD  1 
ATOM   299  N NE  . ARG A 1 60  ? 13.658  -4.002  -3.603  1.00 28.83  ? 41  ARG A NE  1 
ATOM   300  C CZ  . ARG A 1 60  ? 13.387  -5.279  -3.342  1.00 31.16  ? 41  ARG A CZ  1 
ATOM   301  N NH1 . ARG A 1 60  ? 12.217  -5.606  -2.809  1.00 30.93  ? 41  ARG A NH1 1 
ATOM   302  N NH2 . ARG A 1 60  ? 14.264  -6.235  -3.624  1.00 32.72  ? 41  ARG A NH2 1 
ATOM   303  N N   . LYS A 1 61  ? 16.271  -5.748  -7.896  1.00 31.56  ? 42  LYS A N   1 
ATOM   304  C CA  . LYS A 1 61  ? 16.675  -7.141  -7.977  1.00 32.98  ? 42  LYS A CA  1 
ATOM   305  C C   . LYS A 1 61  ? 16.139  -7.914  -6.783  1.00 33.06  ? 42  LYS A C   1 
ATOM   306  O O   . LYS A 1 61  ? 16.146  -7.422  -5.648  1.00 31.68  ? 42  LYS A O   1 
ATOM   307  C CB  . LYS A 1 61  ? 18.197  -7.278  -8.018  1.00 35.47  ? 42  LYS A CB  1 
ATOM   308  C CG  . LYS A 1 61  ? 18.633  -8.725  -8.189  1.00 36.39  ? 42  LYS A CG  1 
ATOM   309  C CD  . LYS A 1 61  ? 20.119  -8.908  -8.012  1.00 37.80  ? 42  LYS A CD  1 
ATOM   310  C CE  . LYS A 1 61  ? 20.459  -10.383 -8.113  1.00 36.20  ? 42  LYS A CE  1 
ATOM   311  N NZ  . LYS A 1 61  ? 19.672  -11.162 -7.117  1.00 35.42  ? 42  LYS A NZ  1 
ATOM   312  N N   . LYS A 1 62  ? 15.676  -9.129  -7.053  1.00 34.04  ? 43  LYS A N   1 
ATOM   313  C CA  . LYS A 1 62  ? 15.137  -10.000 -6.020  1.00 35.26  ? 43  LYS A CA  1 
ATOM   314  C C   . LYS A 1 62  ? 16.214  -10.372 -5.007  1.00 35.80  ? 43  LYS A C   1 
ATOM   315  O O   . LYS A 1 62  ? 17.298  -10.818 -5.383  1.00 34.55  ? 43  LYS A O   1 
ATOM   316  C CB  . LYS A 1 62  ? 14.570  -11.266 -6.664  1.00 34.63  ? 43  LYS A CB  1 
ATOM   317  C CG  . LYS A 1 62  ? 13.977  -12.244 -5.669  1.00 36.45  ? 43  LYS A CG  1 
ATOM   318  C CD  . LYS A 1 62  ? 13.218  -13.365 -6.365  1.00 37.05  ? 43  LYS A CD  1 
ATOM   319  C CE  . LYS A 1 62  ? 14.128  -14.202 -7.246  1.00 39.80  ? 43  LYS A CE  1 
ATOM   320  N NZ  . LYS A 1 62  ? 13.355  -15.256 -7.966  1.00 41.04  ? 43  LYS A NZ  1 
ATOM   321  N N   . ARG A 1 63  ? 15.922  -10.167 -3.724  1.00 36.88  ? 44  ARG A N   1 
ATOM   322  C CA  . ARG A 1 63  ? 16.866  -10.507 -2.660  1.00 39.29  ? 44  ARG A CA  1 
ATOM   323  C C   . ARG A 1 63  ? 16.821  -12.013 -2.417  1.00 40.08  ? 44  ARG A C   1 
ATOM   324  O O   . ARG A 1 63  ? 15.948  -12.701 -2.942  1.00 40.69  ? 44  ARG A O   1 
ATOM   325  C CB  . ARG A 1 63  ? 16.500  -9.784  -1.368  1.00 40.45  ? 44  ARG A CB  1 
ATOM   326  C CG  . ARG A 1 63  ? 16.608  -8.283  -1.450  1.00 43.87  ? 44  ARG A CG  1 
ATOM   327  C CD  . ARG A 1 63  ? 15.781  -7.646  -0.358  1.00 46.50  ? 44  ARG A CD  1 
ATOM   328  N NE  . ARG A 1 63  ? 15.640  -6.209  -0.554  1.00 49.25  ? 44  ARG A NE  1 
ATOM   329  C CZ  . ARG A 1 63  ? 14.738  -5.463  0.071   1.00 49.67  ? 44  ARG A CZ  1 
ATOM   330  N NH1 . ARG A 1 63  ? 14.680  -4.160  -0.165  1.00 51.19  ? 44  ARG A NH1 1 
ATOM   331  N NH2 . ARG A 1 63  ? 13.889  -6.021  0.923   1.00 50.91  ? 44  ARG A NH2 1 
ATOM   332  N N   . GLU A 1 64  ? 17.753  -12.514 -1.611  1.00 41.21  ? 45  GLU A N   1 
ATOM   333  C CA  . GLU A 1 64  ? 17.827  -13.944 -1.318  1.00 43.04  ? 45  GLU A CA  1 
ATOM   334  C C   . GLU A 1 64  ? 16.540  -14.556 -0.778  1.00 42.71  ? 45  GLU A C   1 
ATOM   335  O O   . GLU A 1 64  ? 16.024  -15.514 -1.343  1.00 43.03  ? 45  GLU A O   1 
ATOM   336  C CB  . GLU A 1 64  ? 18.958  -14.227 -0.330  1.00 45.42  ? 45  GLU A CB  1 
ATOM   337  C CG  . GLU A 1 64  ? 20.325  -13.779 -0.802  1.00 49.01  ? 45  GLU A CG  1 
ATOM   338  C CD  . GLU A 1 64  ? 21.442  -14.336 0.059   1.00 50.75  ? 45  GLU A CD  1 
ATOM   339  O OE1 . GLU A 1 64  ? 21.326  -14.255 1.302   1.00 51.67  ? 45  GLU A OE1 1 
ATOM   340  O OE2 . GLU A 1 64  ? 22.433  -14.851 -0.507  1.00 50.22  ? 45  GLU A OE2 1 
ATOM   341  N N   . LYS A 1 65  ? 16.024  -14.005 0.317   1.00 43.26  ? 46  LYS A N   1 
ATOM   342  C CA  . LYS A 1 65  ? 14.810  -14.528 0.938   1.00 43.00  ? 46  LYS A CA  1 
ATOM   343  C C   . LYS A 1 65  ? 13.508  -14.182 0.211   1.00 43.73  ? 46  LYS A C   1 
ATOM   344  O O   . LYS A 1 65  ? 12.448  -14.722 0.539   1.00 44.28  ? 46  LYS A O   1 
ATOM   345  C CB  . LYS A 1 65  ? 14.732  -14.056 2.387   1.00 43.47  ? 46  LYS A CB  1 
ATOM   346  N N   . GLU A 1 66  ? 13.577  -13.293 -0.774  1.00 42.65  ? 47  GLU A N   1 
ATOM   347  C CA  . GLU A 1 66  ? 12.375  -12.902 -1.506  1.00 41.90  ? 47  GLU A CA  1 
ATOM   348  C C   . GLU A 1 66  ? 11.839  -13.965 -2.465  1.00 41.22  ? 47  GLU A C   1 
ATOM   349  O O   . GLU A 1 66  ? 12.599  -14.714 -3.080  1.00 42.50  ? 47  GLU A O   1 
ATOM   350  C CB  . GLU A 1 66  ? 12.620  -11.588 -2.246  1.00 41.69  ? 47  GLU A CB  1 
ATOM   351  C CG  . GLU A 1 66  ? 12.272  -10.375 -1.405  1.00 41.52  ? 47  GLU A CG  1 
ATOM   352  C CD  . GLU A 1 66  ? 12.581  -9.066  -2.097  1.00 42.66  ? 47  GLU A CD  1 
ATOM   353  O OE1 . GLU A 1 66  ? 11.996  -8.037  -1.701  1.00 44.25  ? 47  GLU A OE1 1 
ATOM   354  O OE2 . GLU A 1 66  ? 13.411  -9.061  -3.030  1.00 42.99  ? 47  GLU A OE2 1 
ATOM   355  N N   . LYS A 1 67  ? 10.516  -14.010 -2.589  1.00 40.45  ? 48  LYS A N   1 
ATOM   356  C CA  . LYS A 1 67  ? 9.834   -14.984 -3.437  1.00 39.61  ? 48  LYS A CA  1 
ATOM   357  C C   . LYS A 1 67  ? 9.082   -14.340 -4.600  1.00 38.47  ? 48  LYS A C   1 
ATOM   358  O O   . LYS A 1 67  ? 8.245   -13.463 -4.397  1.00 39.07  ? 48  LYS A O   1 
ATOM   359  C CB  . LYS A 1 67  ? 8.845   -15.780 -2.581  1.00 40.50  ? 48  LYS A CB  1 
ATOM   360  C CG  . LYS A 1 67  ? 8.103   -16.890 -3.300  1.00 42.21  ? 48  LYS A CG  1 
ATOM   361  C CD  . LYS A 1 67  ? 8.988   -18.103 -3.482  1.00 43.25  ? 48  LYS A CD  1 
ATOM   362  C CE  . LYS A 1 67  ? 8.183   -19.314 -3.916  1.00 41.68  ? 48  LYS A CE  1 
ATOM   363  N NZ  . LYS A 1 67  ? 9.098   -20.434 -4.264  1.00 41.39  ? 48  LYS A NZ  1 
ATOM   364  N N   . GLU A 1 68  ? 9.372   -14.793 -5.814  1.00 37.26  ? 49  GLU A N   1 
ATOM   365  C CA  . GLU A 1 68  ? 8.711   -14.279 -7.011  1.00 37.07  ? 49  GLU A CA  1 
ATOM   366  C C   . GLU A 1 68  ? 7.207   -14.533 -6.927  1.00 36.52  ? 49  GLU A C   1 
ATOM   367  O O   . GLU A 1 68  ? 6.774   -15.615 -6.538  1.00 36.65  ? 49  GLU A O   1 
ATOM   368  C CB  . GLU A 1 68  ? 9.284   -14.972 -8.250  1.00 37.88  ? 49  GLU A CB  1 
ATOM   369  C CG  . GLU A 1 68  ? 8.552   -14.698 -9.558  1.00 40.33  ? 49  GLU A CG  1 
ATOM   370  C CD  . GLU A 1 68  ? 8.700   -13.265 -10.039 1.00 42.56  ? 49  GLU A CD  1 
ATOM   371  O OE1 . GLU A 1 68  ? 9.787   -12.678 -9.845  1.00 44.06  ? 49  GLU A OE1 1 
ATOM   372  O OE2 . GLU A 1 68  ? 7.735   -12.734 -10.629 1.00 42.78  ? 49  GLU A OE2 1 
ATOM   373  N N   . GLY A 1 69  ? 6.409   -13.536 -7.290  1.00 35.38  ? 50  GLY A N   1 
ATOM   374  C CA  . GLY A 1 69  ? 4.969   -13.706 -7.240  1.00 34.78  ? 50  GLY A CA  1 
ATOM   375  C C   . GLY A 1 69  ? 4.387   -13.543 -5.848  1.00 33.50  ? 50  GLY A C   1 
ATOM   376  O O   . GLY A 1 69  ? 3.170   -13.514 -5.689  1.00 34.28  ? 50  GLY A O   1 
ATOM   377  N N   . VAL A 1 70  ? 5.246   -13.445 -4.837  1.00 33.33  ? 51  VAL A N   1 
ATOM   378  C CA  . VAL A 1 70  ? 4.789   -13.267 -3.459  1.00 32.49  ? 51  VAL A CA  1 
ATOM   379  C C   . VAL A 1 70  ? 5.176   -11.879 -2.963  1.00 31.08  ? 51  VAL A C   1 
ATOM   380  O O   . VAL A 1 70  ? 4.316   -11.031 -2.744  1.00 29.78  ? 51  VAL A O   1 
ATOM   381  C CB  . VAL A 1 70  ? 5.394   -14.330 -2.510  1.00 33.29  ? 51  VAL A CB  1 
ATOM   382  C CG1 . VAL A 1 70  ? 5.003   -14.028 -1.073  1.00 34.28  ? 51  VAL A CG1 1 
ATOM   383  C CG2 . VAL A 1 70  ? 4.891   -15.715 -2.897  1.00 34.80  ? 51  VAL A CG2 1 
ATOM   384  N N   . ASP A 1 71  ? 6.471   -11.650 -2.784  1.00 30.21  ? 52  ASP A N   1 
ATOM   385  C CA  . ASP A 1 71  ? 6.949   -10.349 -2.341  1.00 31.24  ? 52  ASP A CA  1 
ATOM   386  C C   . ASP A 1 71  ? 6.638   -9.326  -3.433  1.00 29.76  ? 52  ASP A C   1 
ATOM   387  O O   . ASP A 1 71  ? 6.075   -8.264  -3.165  1.00 28.68  ? 52  ASP A O   1 
ATOM   388  C CB  . ASP A 1 71  ? 8.456   -10.408 -2.088  1.00 34.31  ? 52  ASP A CB  1 
ATOM   389  C CG  . ASP A 1 71  ? 8.810   -11.282 -0.901  1.00 35.73  ? 52  ASP A CG  1 
ATOM   390  O OD1 . ASP A 1 71  ? 8.896   -10.750 0.227   1.00 38.09  ? 52  ASP A OD1 1 
ATOM   391  O OD2 . ASP A 1 71  ? 8.984   -12.503 -1.094  1.00 37.68  ? 52  ASP A OD2 1 
ATOM   392  N N   . TYR A 1 72  ? 7.007   -9.670  -4.664  1.00 29.06  ? 53  TYR A N   1 
ATOM   393  C CA  . TYR A 1 72  ? 6.783   -8.820  -5.836  1.00 28.96  ? 53  TYR A CA  1 
ATOM   394  C C   . TYR A 1 72  ? 6.866   -9.667  -7.087  1.00 28.70  ? 53  TYR A C   1 
ATOM   395  O O   . TYR A 1 72  ? 7.174   -10.853 -7.036  1.00 28.43  ? 53  TYR A O   1 
ATOM   396  C CB  . TYR A 1 72  ? 7.885   -7.763  -6.010  1.00 25.85  ? 53  TYR A CB  1 
ATOM   397  C CG  . TYR A 1 72  ? 7.973   -6.687  -4.967  1.00 26.14  ? 53  TYR A CG  1 
ATOM   398  C CD1 . TYR A 1 72  ? 8.737   -6.866  -3.815  1.00 25.55  ? 53  TYR A CD1 1 
ATOM   399  C CD2 . TYR A 1 72  ? 7.312   -5.475  -5.141  1.00 25.55  ? 53  TYR A CD2 1 
ATOM   400  C CE1 . TYR A 1 72  ? 8.842   -5.862  -2.862  1.00 26.79  ? 53  TYR A CE1 1 
ATOM   401  C CE2 . TYR A 1 72  ? 7.410   -4.461  -4.193  1.00 25.09  ? 53  TYR A CE2 1 
ATOM   402  C CZ  . TYR A 1 72  ? 8.176   -4.663  -3.059  1.00 26.74  ? 53  TYR A CZ  1 
ATOM   403  O OH  . TYR A 1 72  ? 8.292   -3.662  -2.127  1.00 29.25  ? 53  TYR A OH  1 
ATOM   404  N N   . TYR A 1 73  ? 6.589   -9.021  -8.213  1.00 29.96  ? 54  TYR A N   1 
ATOM   405  C CA  . TYR A 1 73  ? 6.746   -9.637  -9.520  1.00 29.91  ? 54  TYR A CA  1 
ATOM   406  C C   . TYR A 1 73  ? 8.031   -8.921  -9.934  1.00 29.62  ? 54  TYR A C   1 
ATOM   407  O O   . TYR A 1 73  ? 8.007   -7.723  -10.241 1.00 28.30  ? 54  TYR A O   1 
ATOM   408  C CB  . TYR A 1 73  ? 5.624   -9.239  -10.482 1.00 30.53  ? 54  TYR A CB  1 
ATOM   409  C CG  . TYR A 1 73  ? 4.282   -9.871  -10.197 1.00 32.17  ? 54  TYR A CG  1 
ATOM   410  C CD1 . TYR A 1 73  ? 4.120   -11.256 -10.219 1.00 31.14  ? 54  TYR A CD1 1 
ATOM   411  C CD2 . TYR A 1 73  ? 3.166   -9.081  -9.920  1.00 31.39  ? 54  TYR A CD2 1 
ATOM   412  C CE1 . TYR A 1 73  ? 2.876   -11.839 -9.970  1.00 31.61  ? 54  TYR A CE1 1 
ATOM   413  C CE2 . TYR A 1 73  ? 1.923   -9.653  -9.671  1.00 33.13  ? 54  TYR A CE2 1 
ATOM   414  C CZ  . TYR A 1 73  ? 1.784   -11.030 -9.695  1.00 31.87  ? 54  TYR A CZ  1 
ATOM   415  O OH  . TYR A 1 73  ? 0.552   -11.589 -9.430  1.00 33.24  ? 54  TYR A OH  1 
ATOM   416  N N   . PHE A 1 74  ? 9.154   -9.629  -9.907  1.00 29.40  ? 55  PHE A N   1 
ATOM   417  C CA  . PHE A 1 74  ? 10.422  -9.021  -10.276 1.00 29.11  ? 55  PHE A CA  1 
ATOM   418  C C   . PHE A 1 74  ? 10.624  -9.005  -11.789 1.00 30.63  ? 55  PHE A C   1 
ATOM   419  O O   . PHE A 1 74  ? 10.783  -10.047 -12.417 1.00 32.65  ? 55  PHE A O   1 
ATOM   420  C CB  . PHE A 1 74  ? 11.586  -9.750  -9.595  1.00 26.94  ? 55  PHE A CB  1 
ATOM   421  C CG  . PHE A 1 74  ? 11.507  -9.744  -8.092  1.00 27.23  ? 55  PHE A CG  1 
ATOM   422  C CD1 . PHE A 1 74  ? 10.781  -10.719 -7.414  1.00 26.06  ? 55  PHE A CD1 1 
ATOM   423  C CD2 . PHE A 1 74  ? 12.132  -8.743  -7.353  1.00 26.63  ? 55  PHE A CD2 1 
ATOM   424  C CE1 . PHE A 1 74  ? 10.679  -10.698 -6.021  1.00 25.74  ? 55  PHE A CE1 1 
ATOM   425  C CE2 . PHE A 1 74  ? 12.036  -8.713  -5.962  1.00 25.45  ? 55  PHE A CE2 1 
ATOM   426  C CZ  . PHE A 1 74  ? 11.305  -9.695  -5.294  1.00 25.82  ? 55  PHE A CZ  1 
ATOM   427  N N   . ILE A 1 75  ? 10.603  -7.809  -12.369 1.00 31.04  ? 56  ILE A N   1 
ATOM   428  C CA  . ILE A 1 75  ? 10.796  -7.651  -13.805 1.00 32.87  ? 56  ILE A CA  1 
ATOM   429  C C   . ILE A 1 75  ? 11.891  -6.611  -14.023 1.00 33.52  ? 56  ILE A C   1 
ATOM   430  O O   . ILE A 1 75  ? 12.418  -6.054  -13.060 1.00 33.90  ? 56  ILE A O   1 
ATOM   431  C CB  . ILE A 1 75  ? 9.496   -7.184  -14.495 1.00 31.08  ? 56  ILE A CB  1 
ATOM   432  C CG1 . ILE A 1 75  ? 9.033   -5.851  -13.900 1.00 32.76  ? 56  ILE A CG1 1 
ATOM   433  C CG2 . ILE A 1 75  ? 8.411   -8.228  -14.317 1.00 31.23  ? 56  ILE A CG2 1 
ATOM   434  C CD1 . ILE A 1 75  ? 7.744   -5.324  -14.509 1.00 31.78  ? 56  ILE A CD1 1 
ATOM   435  N N   . ASP A 1 76  ? 12.254  -6.358  -15.275 1.00 34.99  ? 57  ASP A N   1 
ATOM   436  C CA  . ASP A 1 76  ? 13.290  -5.362  -15.547 1.00 36.38  ? 57  ASP A CA  1 
ATOM   437  C C   . ASP A 1 76  ? 12.713  -4.075  -16.118 1.00 35.68  ? 57  ASP A C   1 
ATOM   438  O O   . ASP A 1 76  ? 11.519  -3.989  -16.404 1.00 34.67  ? 57  ASP A O   1 
ATOM   439  C CB  . ASP A 1 76  ? 14.356  -5.918  -16.495 1.00 38.58  ? 57  ASP A CB  1 
ATOM   440  C CG  . ASP A 1 76  ? 13.762  -6.627  -17.680 1.00 39.63  ? 57  ASP A CG  1 
ATOM   441  O OD1 . ASP A 1 76  ? 12.731  -6.153  -18.191 1.00 42.00  ? 57  ASP A OD1 1 
ATOM   442  O OD2 . ASP A 1 76  ? 14.334  -7.655  -18.103 1.00 42.90  ? 57  ASP A OD2 1 
ATOM   443  N N   . LYS A 1 77  ? 13.568  -3.073  -16.272 1.00 36.51  ? 58  LYS A N   1 
ATOM   444  C CA  . LYS A 1 77  ? 13.148  -1.776  -16.782 1.00 37.17  ? 58  LYS A CA  1 
ATOM   445  C C   . LYS A 1 77  ? 12.437  -1.817  -18.128 1.00 37.89  ? 58  LYS A C   1 
ATOM   446  O O   . LYS A 1 77  ? 11.462  -1.098  -18.335 1.00 38.76  ? 58  LYS A O   1 
ATOM   447  C CB  . LYS A 1 77  ? 14.352  -0.835  -16.856 1.00 37.09  ? 58  LYS A CB  1 
ATOM   448  C CG  . LYS A 1 77  ? 14.826  -0.368  -15.489 1.00 39.41  ? 58  LYS A CG  1 
ATOM   449  C CD  . LYS A 1 77  ? 16.042  0.531   -15.579 1.00 39.34  ? 58  LYS A CD  1 
ATOM   450  C CE  . LYS A 1 77  ? 17.292  -0.256  -15.913 1.00 39.43  ? 58  LYS A CE  1 
ATOM   451  N NZ  . LYS A 1 77  ? 18.482  0.625   -15.873 1.00 40.83  ? 58  LYS A NZ  1 
ATOM   452  N N   . THR A 1 78  ? 12.904  -2.658  -19.042 1.00 38.61  ? 59  THR A N   1 
ATOM   453  C CA  . THR A 1 78  ? 12.279  -2.725  -20.355 1.00 39.77  ? 59  THR A CA  1 
ATOM   454  C C   . THR A 1 78  ? 10.822  -3.158  -20.249 1.00 39.28  ? 59  THR A C   1 
ATOM   455  O O   . THR A 1 78  ? 9.935   -2.539  -20.838 1.00 38.99  ? 59  THR A O   1 
ATOM   456  C CB  . THR A 1 78  ? 13.048  -3.681  -21.305 1.00 41.58  ? 59  THR A CB  1 
ATOM   457  O OG1 . THR A 1 78  ? 12.483  -3.605  -22.621 1.00 43.46  ? 59  THR A OG1 1 
ATOM   458  C CG2 . THR A 1 78  ? 12.961  -5.113  -20.817 1.00 43.01  ? 59  THR A CG2 1 
ATOM   459  N N   . ILE A 1 79  ? 10.568  -4.213  -19.486 1.00 39.08  ? 60  ILE A N   1 
ATOM   460  C CA  . ILE A 1 79  ? 9.206   -4.700  -19.325 1.00 37.33  ? 60  ILE A CA  1 
ATOM   461  C C   . ILE A 1 79  ? 8.348   -3.666  -18.594 1.00 35.82  ? 60  ILE A C   1 
ATOM   462  O O   . ILE A 1 79  ? 7.199   -3.431  -18.968 1.00 33.75  ? 60  ILE A O   1 
ATOM   463  C CB  . ILE A 1 79  ? 9.187   -6.039  -18.552 1.00 39.67  ? 60  ILE A CB  1 
ATOM   464  C CG1 . ILE A 1 79  ? 9.938   -7.103  -19.356 1.00 40.75  ? 60  ILE A CG1 1 
ATOM   465  C CG2 . ILE A 1 79  ? 7.748   -6.484  -18.303 1.00 39.50  ? 60  ILE A CG2 1 
ATOM   466  C CD1 . ILE A 1 79  ? 9.933   -8.485  -18.715 1.00 43.69  ? 60  ILE A CD1 1 
ATOM   467  N N   . PHE A 1 80  ? 8.911   -3.041  -17.565 1.00 33.26  ? 61  PHE A N   1 
ATOM   468  C CA  . PHE A 1 80  ? 8.179   -2.034  -16.801 1.00 32.81  ? 61  PHE A CA  1 
ATOM   469  C C   . PHE A 1 80  ? 7.769   -0.875  -17.711 1.00 32.44  ? 61  PHE A C   1 
ATOM   470  O O   . PHE A 1 80  ? 6.657   -0.353  -17.610 1.00 30.54  ? 61  PHE A O   1 
ATOM   471  C CB  . PHE A 1 80  ? 9.041   -1.499  -15.661 1.00 33.71  ? 61  PHE A CB  1 
ATOM   472  C CG  . PHE A 1 80  ? 8.253   -0.845  -14.559 1.00 34.70  ? 61  PHE A CG  1 
ATOM   473  C CD1 . PHE A 1 80  ? 7.882   -1.567  -13.430 1.00 35.31  ? 61  PHE A CD1 1 
ATOM   474  C CD2 . PHE A 1 80  ? 7.871   0.486   -14.653 1.00 34.47  ? 61  PHE A CD2 1 
ATOM   475  C CE1 . PHE A 1 80  ? 7.141   -0.970  -12.410 1.00 35.48  ? 61  PHE A CE1 1 
ATOM   476  C CE2 . PHE A 1 80  ? 7.130   1.091   -13.640 1.00 34.79  ? 61  PHE A CE2 1 
ATOM   477  C CZ  . PHE A 1 80  ? 6.765   0.359   -12.516 1.00 33.81  ? 61  PHE A CZ  1 
ATOM   478  N N   . GLU A 1 81  ? 8.679   -0.473  -18.594 1.00 31.04  ? 62  GLU A N   1 
ATOM   479  C CA  . GLU A 1 81  ? 8.410   0.615   -19.522 1.00 31.46  ? 62  GLU A CA  1 
ATOM   480  C C   . GLU A 1 81  ? 7.334   0.211   -20.521 1.00 30.21  ? 62  GLU A C   1 
ATOM   481  O O   . GLU A 1 81  ? 6.505   1.028   -20.907 1.00 28.98  ? 62  GLU A O   1 
ATOM   482  C CB  . GLU A 1 81  ? 9.698   1.023   -20.249 1.00 32.59  ? 62  GLU A CB  1 
ATOM   483  C CG  . GLU A 1 81  ? 10.619  1.875   -19.387 1.00 37.88  ? 62  GLU A CG  1 
ATOM   484  C CD  . GLU A 1 81  ? 11.972  2.153   -20.024 1.00 40.74  ? 62  GLU A CD  1 
ATOM   485  O OE1 . GLU A 1 81  ? 12.013  2.572   -21.203 1.00 42.03  ? 62  GLU A OE1 1 
ATOM   486  O OE2 . GLU A 1 81  ? 12.996  1.966   -19.334 1.00 40.97  ? 62  GLU A OE2 1 
ATOM   487  N N   . ASP A 1 82  ? 7.344   -1.054  -20.929 1.00 30.33  ? 63  ASP A N   1 
ATOM   488  C CA  . ASP A 1 82  ? 6.347   -1.548  -21.874 1.00 31.37  ? 63  ASP A CA  1 
ATOM   489  C C   . ASP A 1 82  ? 4.973   -1.499  -21.216 1.00 32.27  ? 63  ASP A C   1 
ATOM   490  O O   . ASP A 1 82  ? 3.973   -1.160  -21.857 1.00 32.12  ? 63  ASP A O   1 
ATOM   491  C CB  . ASP A 1 82  ? 6.682   -2.968  -22.293 1.00 32.76  ? 63  ASP A CB  1 
ATOM   492  N N   . LYS A 1 83  ? 4.932   -1.833  -19.928 1.00 31.72  ? 64  LYS A N   1 
ATOM   493  C CA  . LYS A 1 83  ? 3.688   -1.815  -19.165 1.00 30.88  ? 64  LYS A CA  1 
ATOM   494  C C   . LYS A 1 83  ? 3.124   -0.401  -19.069 1.00 29.67  ? 64  LYS A C   1 
ATOM   495  O O   . LYS A 1 83  ? 1.924   -0.195  -19.231 1.00 29.87  ? 64  LYS A O   1 
ATOM   496  C CB  . LYS A 1 83  ? 3.923   -2.356  -17.753 1.00 32.09  ? 64  LYS A CB  1 
ATOM   497  C CG  . LYS A 1 83  ? 3.374   -3.742  -17.498 1.00 34.84  ? 64  LYS A CG  1 
ATOM   498  C CD  . LYS A 1 83  ? 4.216   -4.831  -18.120 1.00 39.18  ? 64  LYS A CD  1 
ATOM   499  C CE  . LYS A 1 83  ? 3.672   -6.198  -17.719 1.00 41.87  ? 64  LYS A CE  1 
ATOM   500  N NZ  . LYS A 1 83  ? 4.408   -7.327  -18.348 1.00 44.14  ? 64  LYS A NZ  1 
ATOM   501  N N   . LEU A 1 84  ? 3.989   0.573   -18.783 1.00 29.07  ? 65  LEU A N   1 
ATOM   502  C CA  . LEU A 1 84  ? 3.553   1.965   -18.683 1.00 28.90  ? 65  LEU A CA  1 
ATOM   503  C C   . LEU A 1 84  ? 3.044   2.403   -20.051 1.00 30.35  ? 65  LEU A C   1 
ATOM   504  O O   . LEU A 1 84  ? 2.028   3.088   -20.160 1.00 30.57  ? 65  LEU A O   1 
ATOM   505  C CB  . LEU A 1 84  ? 4.713   2.876   -18.265 1.00 28.14  ? 65  LEU A CB  1 
ATOM   506  C CG  . LEU A 1 84  ? 5.257   2.809   -16.835 1.00 27.95  ? 65  LEU A CG  1 
ATOM   507  C CD1 . LEU A 1 84  ? 6.587   3.541   -16.763 1.00 26.40  ? 65  LEU A CD1 1 
ATOM   508  C CD2 . LEU A 1 84  ? 4.251   3.415   -15.870 1.00 21.45  ? 65  LEU A CD2 1 
ATOM   509  N N   . LYS A 1 85  ? 3.761   2.005   -21.095 1.00 31.45  ? 66  LYS A N   1 
ATOM   510  C CA  . LYS A 1 85  ? 3.373   2.357   -22.455 1.00 36.27  ? 66  LYS A CA  1 
ATOM   511  C C   . LYS A 1 85  ? 1.919   1.942   -22.686 1.00 36.60  ? 66  LYS A C   1 
ATOM   512  O O   . LYS A 1 85  ? 1.141   2.694   -23.270 1.00 38.42  ? 66  LYS A O   1 
ATOM   513  C CB  . LYS A 1 85  ? 4.300   1.664   -23.463 1.00 36.63  ? 66  LYS A CB  1 
ATOM   514  C CG  . LYS A 1 85  ? 4.187   2.184   -24.893 1.00 38.74  ? 66  LYS A CG  1 
ATOM   515  C CD  . LYS A 1 85  ? 5.245   1.543   -25.786 1.00 39.17  ? 66  LYS A CD  1 
ATOM   516  C CE  . LYS A 1 85  ? 5.252   2.140   -27.184 1.00 42.13  ? 66  LYS A CE  1 
ATOM   517  N NZ  . LYS A 1 85  ? 6.363   1.578   -28.012 1.00 42.96  ? 66  LYS A NZ  1 
ATOM   518  N N   . ASN A 1 86  ? 1.556   0.757   -22.205 1.00 38.00  ? 67  ASN A N   1 
ATOM   519  C CA  . ASN A 1 86  ? 0.192   0.245   -22.350 1.00 39.11  ? 67  ASN A CA  1 
ATOM   520  C C   . ASN A 1 86  ? -0.731  0.780   -21.258 1.00 39.69  ? 67  ASN A C   1 
ATOM   521  O O   . ASN A 1 86  ? -1.927  0.498   -21.263 1.00 39.12  ? 67  ASN A O   1 
ATOM   522  C CB  . ASN A 1 86  ? 0.166   -1.285  -22.266 1.00 40.46  ? 67  ASN A CB  1 
ATOM   523  C CG  . ASN A 1 86  ? 1.092   -1.948  -23.263 1.00 43.93  ? 67  ASN A CG  1 
ATOM   524  O OD1 . ASN A 1 86  ? 1.102   -1.605  -24.446 1.00 45.25  ? 67  ASN A OD1 1 
ATOM   525  N ND2 . ASN A 1 86  ? 1.869   -2.920  -22.790 1.00 45.21  ? 67  ASN A ND2 1 
ATOM   526  N N   . GLU A 1 87  ? -0.176  1.538   -20.319 1.00 38.93  ? 68  GLU A N   1 
ATOM   527  C CA  . GLU A 1 87  ? -0.967  2.075   -19.218 1.00 38.15  ? 68  GLU A CA  1 
ATOM   528  C C   . GLU A 1 87  ? -1.583  0.917   -18.426 1.00 37.21  ? 68  GLU A C   1 
ATOM   529  O O   . GLU A 1 87  ? -2.738  0.980   -18.016 1.00 38.15  ? 68  GLU A O   1 
ATOM   530  C CB  . GLU A 1 87  ? -2.061  2.991   -19.755 1.00 37.90  ? 68  GLU A CB  1 
ATOM   531  N N   . ASP A 1 88  ? -0.801  -0.138  -18.220 1.00 36.46  ? 69  ASP A N   1 
ATOM   532  C CA  . ASP A 1 88  ? -1.263  -1.315  -17.491 1.00 35.94  ? 69  ASP A CA  1 
ATOM   533  C C   . ASP A 1 88  ? -1.234  -1.184  -15.972 1.00 34.21  ? 69  ASP A C   1 
ATOM   534  O O   . ASP A 1 88  ? -1.614  -2.121  -15.268 1.00 34.84  ? 69  ASP A O   1 
ATOM   535  C CB  . ASP A 1 88  ? -0.426  -2.540  -17.870 1.00 37.55  ? 69  ASP A CB  1 
ATOM   536  C CG  . ASP A 1 88  ? -0.637  -2.975  -19.303 1.00 40.79  ? 69  ASP A CG  1 
ATOM   537  O OD1 . ASP A 1 88  ? -1.795  -2.937  -19.763 1.00 41.14  ? 69  ASP A OD1 1 
ATOM   538  O OD2 . ASP A 1 88  ? 0.350   -3.373  -19.961 1.00 42.60  ? 69  ASP A OD2 1 
ATOM   539  N N   . PHE A 1 89  ? -0.789  -0.040  -15.464 1.00 31.53  ? 70  PHE A N   1 
ATOM   540  C CA  . PHE A 1 89  ? -0.692  0.155   -14.015 1.00 28.90  ? 70  PHE A CA  1 
ATOM   541  C C   . PHE A 1 89  ? -1.817  0.950   -13.368 1.00 28.23  ? 70  PHE A C   1 
ATOM   542  O O   . PHE A 1 89  ? -2.333  1.899   -13.949 1.00 25.60  ? 70  PHE A O   1 
ATOM   543  C CB  . PHE A 1 89  ? 0.627   0.855   -13.667 1.00 29.05  ? 70  PHE A CB  1 
ATOM   544  C CG  . PHE A 1 89  ? 1.841   -0.005  -13.831 1.00 29.78  ? 70  PHE A CG  1 
ATOM   545  C CD1 . PHE A 1 89  ? 2.113   -1.026  -12.924 1.00 30.79  ? 70  PHE A CD1 1 
ATOM   546  C CD2 . PHE A 1 89  ? 2.720   0.208   -14.883 1.00 29.50  ? 70  PHE A CD2 1 
ATOM   547  C CE1 . PHE A 1 89  ? 3.249   -1.820  -13.064 1.00 29.60  ? 70  PHE A CE1 1 
ATOM   548  C CE2 . PHE A 1 89  ? 3.857   -0.582  -15.032 1.00 29.07  ? 70  PHE A CE2 1 
ATOM   549  C CZ  . PHE A 1 89  ? 4.122   -1.595  -14.123 1.00 31.46  ? 70  PHE A CZ  1 
ATOM   550  N N   . LEU A 1 90  ? -2.179  0.556   -12.150 1.00 26.86  ? 71  LEU A N   1 
ATOM   551  C CA  . LEU A 1 90  ? -3.182  1.277   -11.375 1.00 26.79  ? 71  LEU A CA  1 
ATOM   552  C C   . LEU A 1 90  ? -2.395  2.428   -10.742 1.00 26.10  ? 71  LEU A C   1 
ATOM   553  O O   . LEU A 1 90  ? -2.916  3.521   -10.529 1.00 24.32  ? 71  LEU A O   1 
ATOM   554  C CB  . LEU A 1 90  ? -3.764  0.384   -10.273 1.00 28.78  ? 71  LEU A CB  1 
ATOM   555  C CG  . LEU A 1 90  ? -4.659  -0.773  -10.733 1.00 32.05  ? 71  LEU A CG  1 
ATOM   556  C CD1 . LEU A 1 90  ? -4.986  -1.682  -9.550  1.00 32.16  ? 71  LEU A CD1 1 
ATOM   557  C CD2 . LEU A 1 90  ? -5.930  -0.209  -11.362 1.00 32.75  ? 71  LEU A CD2 1 
ATOM   558  N N   . GLU A 1 91  ? -1.131  2.149   -10.433 1.00 25.25  ? 72  GLU A N   1 
ATOM   559  C CA  . GLU A 1 91  ? -0.222  3.135   -9.853  1.00 25.20  ? 72  GLU A CA  1 
ATOM   560  C C   . GLU A 1 91  ? 1.229   2.682   -10.001 1.00 23.87  ? 72  GLU A C   1 
ATOM   561  O O   . GLU A 1 91  ? 1.521   1.488   -9.997  1.00 22.73  ? 72  GLU A O   1 
ATOM   562  C CB  . GLU A 1 91  ? -0.555  3.395   -8.371  1.00 26.90  ? 72  GLU A CB  1 
ATOM   563  C CG  . GLU A 1 91  ? -0.402  2.209   -7.396  1.00 29.72  ? 72  GLU A CG  1 
ATOM   564  C CD  . GLU A 1 91  ? 1.050   1.832   -7.104  1.00 31.75  ? 72  GLU A CD  1 
ATOM   565  O OE1 . GLU A 1 91  ? 1.878   2.737   -6.868  1.00 33.00  ? 72  GLU A OE1 1 
ATOM   566  O OE2 . GLU A 1 91  ? 1.363   0.622   -7.094  1.00 33.83  ? 72  GLU A OE2 1 
ATOM   567  N N   . TYR A 1 92  ? 2.131   3.641   -10.172 1.00 24.39  ? 73  TYR A N   1 
ATOM   568  C CA  . TYR A 1 92  ? 3.554   3.346   -10.303 1.00 24.84  ? 73  TYR A CA  1 
ATOM   569  C C   . TYR A 1 92  ? 4.312   4.330   -9.419  1.00 24.34  ? 73  TYR A C   1 
ATOM   570  O O   . TYR A 1 92  ? 3.810   5.413   -9.103  1.00 23.20  ? 73  TYR A O   1 
ATOM   571  C CB  . TYR A 1 92  ? 4.010   3.482   -11.761 1.00 25.85  ? 73  TYR A CB  1 
ATOM   572  C CG  . TYR A 1 92  ? 4.065   4.905   -12.273 1.00 29.77  ? 73  TYR A CG  1 
ATOM   573  C CD1 . TYR A 1 92  ? 5.182   5.708   -12.036 1.00 29.67  ? 73  TYR A CD1 1 
ATOM   574  C CD2 . TYR A 1 92  ? 3.000   5.451   -12.991 1.00 30.29  ? 73  TYR A CD2 1 
ATOM   575  C CE1 . TYR A 1 92  ? 5.239   7.017   -12.498 1.00 31.82  ? 73  TYR A CE1 1 
ATOM   576  C CE2 . TYR A 1 92  ? 3.049   6.764   -13.462 1.00 32.03  ? 73  TYR A CE2 1 
ATOM   577  C CZ  . TYR A 1 92  ? 4.173   7.537   -13.208 1.00 31.90  ? 73  TYR A CZ  1 
ATOM   578  O OH  . TYR A 1 92  ? 4.235   8.832   -13.661 1.00 34.20  ? 73  TYR A OH  1 
ATOM   579  N N   . ASP A 1 93  ? 5.526   3.962   -9.037  1.00 23.92  ? 74  ASP A N   1 
ATOM   580  C CA  . ASP A 1 93  ? 6.317   4.810   -8.166  1.00 25.32  ? 74  ASP A CA  1 
ATOM   581  C C   . ASP A 1 93  ? 7.791   4.505   -8.391  1.00 24.96  ? 74  ASP A C   1 
ATOM   582  O O   . ASP A 1 93  ? 8.130   3.541   -9.076  1.00 24.94  ? 74  ASP A O   1 
ATOM   583  C CB  . ASP A 1 93  ? 5.934   4.518   -6.709  1.00 26.32  ? 74  ASP A CB  1 
ATOM   584  C CG  . ASP A 1 93  ? 6.486   5.543   -5.729  1.00 31.19  ? 74  ASP A CG  1 
ATOM   585  O OD1 . ASP A 1 93  ? 6.473   5.251   -4.510  1.00 30.88  ? 74  ASP A OD1 1 
ATOM   586  O OD2 . ASP A 1 93  ? 6.918   6.635   -6.169  1.00 29.65  ? 74  ASP A OD2 1 
ATOM   587  N N   . ASN A 1 94  ? 8.659   5.351   -7.847  1.00 26.42  ? 75  ASN A N   1 
ATOM   588  C CA  . ASN A 1 94  ? 10.097  5.152   -7.938  1.00 28.68  ? 75  ASN A CA  1 
ATOM   589  C C   . ASN A 1 94  ? 10.659  5.365   -6.538  1.00 29.01  ? 75  ASN A C   1 
ATOM   590  O O   . ASN A 1 94  ? 10.350  6.352   -5.879  1.00 30.25  ? 75  ASN A O   1 
ATOM   591  C CB  . ASN A 1 94  ? 10.749  6.128   -8.938  1.00 31.97  ? 75  ASN A CB  1 
ATOM   592  C CG  . ASN A 1 94  ? 10.595  7.589   -8.539  1.00 36.13  ? 75  ASN A CG  1 
ATOM   593  O OD1 . ASN A 1 94  ? 9.480   8.088   -8.367  1.00 39.36  ? 75  ASN A OD1 1 
ATOM   594  N ND2 . ASN A 1 94  ? 11.719  8.285   -8.404  1.00 36.71  ? 75  ASN A ND2 1 
ATOM   595  N N   . TYR A 1 95  ? 11.461  4.419   -6.075  1.00 28.86  ? 76  TYR A N   1 
ATOM   596  C CA  . TYR A 1 95  ? 12.055  4.507   -4.751  1.00 29.70  ? 76  TYR A CA  1 
ATOM   597  C C   . TYR A 1 95  ? 13.444  3.883   -4.775  1.00 28.67  ? 76  TYR A C   1 
ATOM   598  O O   . TYR A 1 95  ? 13.653  2.839   -5.392  1.00 28.88  ? 76  TYR A O   1 
ATOM   599  C CB  . TYR A 1 95  ? 11.173  3.776   -3.735  1.00 32.48  ? 76  TYR A CB  1 
ATOM   600  C CG  . TYR A 1 95  ? 11.855  3.534   -2.416  1.00 35.69  ? 76  TYR A CG  1 
ATOM   601  C CD1 . TYR A 1 95  ? 12.074  4.577   -1.516  1.00 39.49  ? 76  TYR A CD1 1 
ATOM   602  C CD2 . TYR A 1 95  ? 12.324  2.267   -2.082  1.00 38.21  ? 76  TYR A CD2 1 
ATOM   603  C CE1 . TYR A 1 95  ? 12.749  4.359   -0.312  1.00 40.83  ? 76  TYR A CE1 1 
ATOM   604  C CE2 . TYR A 1 95  ? 12.996  2.038   -0.889  1.00 40.43  ? 76  TYR A CE2 1 
ATOM   605  C CZ  . TYR A 1 95  ? 13.207  3.087   -0.010  1.00 41.61  ? 76  TYR A CZ  1 
ATOM   606  O OH  . TYR A 1 95  ? 13.893  2.856   1.161   1.00 45.36  ? 76  TYR A OH  1 
ATOM   607  N N   . ALA A 1 96  ? 14.388  4.532   -4.103  1.00 28.75  ? 77  ALA A N   1 
ATOM   608  C CA  . ALA A 1 96  ? 15.762  4.048   -4.045  1.00 28.42  ? 77  ALA A CA  1 
ATOM   609  C C   . ALA A 1 96  ? 16.279  3.578   -5.406  1.00 27.81  ? 77  ALA A C   1 
ATOM   610  O O   . ALA A 1 96  ? 16.894  2.520   -5.514  1.00 27.17  ? 77  ALA A O   1 
ATOM   611  C CB  . ALA A 1 96  ? 15.884  2.919   -3.017  1.00 29.04  ? 77  ALA A CB  1 
ATOM   612  N N   . ASN A 1 97  ? 16.009  4.367   -6.440  1.00 26.63  ? 78  ASN A N   1 
ATOM   613  C CA  . ASN A 1 97  ? 16.472  4.078   -7.788  1.00 25.30  ? 78  ASN A CA  1 
ATOM   614  C C   . ASN A 1 97  ? 15.940  2.808   -8.444  1.00 23.98  ? 78  ASN A C   1 
ATOM   615  O O   . ASN A 1 97  ? 16.626  2.174   -9.242  1.00 25.54  ? 78  ASN A O   1 
ATOM   616  C CB  . ASN A 1 97  ? 18.007  4.090   -7.799  1.00 28.48  ? 78  ASN A CB  1 
ATOM   617  C CG  . ASN A 1 97  ? 18.574  5.460   -7.442  1.00 28.60  ? 78  ASN A CG  1 
ATOM   618  O OD1 . ASN A 1 97  ? 19.617  5.566   -6.794  1.00 33.27  ? 78  ASN A OD1 1 
ATOM   619  N ND2 . ASN A 1 97  ? 17.892  6.512   -7.875  1.00 27.01  ? 78  ASN A ND2 1 
ATOM   620  N N   . ASN A 1 98  ? 14.712  2.439   -8.109  1.00 23.18  ? 79  ASN A N   1 
ATOM   621  C CA  . ASN A 1 98  ? 14.067  1.282   -8.708  1.00 22.33  ? 79  ASN A CA  1 
ATOM   622  C C   . ASN A 1 98  ? 12.603  1.672   -8.910  1.00 23.18  ? 79  ASN A C   1 
ATOM   623  O O   . ASN A 1 98  ? 12.097  2.577   -8.238  1.00 21.99  ? 79  ASN A O   1 
ATOM   624  C CB  . ASN A 1 98  ? 14.183  0.047   -7.805  1.00 22.23  ? 79  ASN A CB  1 
ATOM   625  C CG  . ASN A 1 98  ? 15.598  -0.510  -7.755  1.00 26.02  ? 79  ASN A CG  1 
ATOM   626  O OD1 . ASN A 1 98  ? 16.247  -0.500  -6.707  1.00 28.99  ? 79  ASN A OD1 1 
ATOM   627  N ND2 . ASN A 1 98  ? 16.088  -0.991  -8.892  1.00 22.70  ? 79  ASN A ND2 1 
ATOM   628  N N   . PHE A 1 99  ? 11.937  1.009   -9.848  1.00 22.73  ? 80  PHE A N   1 
ATOM   629  C CA  . PHE A 1 99  ? 10.539  1.300   -10.136 1.00 24.71  ? 80  PHE A CA  1 
ATOM   630  C C   . PHE A 1 99  ? 9.593   0.265   -9.538  1.00 23.99  ? 80  PHE A C   1 
ATOM   631  O O   . PHE A 1 99  ? 9.904   -0.922  -9.500  1.00 22.49  ? 80  PHE A O   1 
ATOM   632  C CB  . PHE A 1 99  ? 10.326  1.376   -11.650 1.00 28.43  ? 80  PHE A CB  1 
ATOM   633  C CG  . PHE A 1 99  ? 10.994  2.562   -12.296 1.00 32.36  ? 80  PHE A CG  1 
ATOM   634  C CD1 . PHE A 1 99  ? 12.364  2.752   -12.187 1.00 34.57  ? 80  PHE A CD1 1 
ATOM   635  C CD2 . PHE A 1 99  ? 10.245  3.500   -12.997 1.00 36.28  ? 80  PHE A CD2 1 
ATOM   636  C CE1 . PHE A 1 99  ? 12.985  3.863   -12.766 1.00 38.75  ? 80  PHE A CE1 1 
ATOM   637  C CE2 . PHE A 1 99  ? 10.856  4.615   -13.584 1.00 39.46  ? 80  PHE A CE2 1 
ATOM   638  C CZ  . PHE A 1 99  ? 12.227  4.796   -13.466 1.00 37.96  ? 80  PHE A CZ  1 
ATOM   639  N N   . TYR A 1 100 ? 8.438   0.732   -9.076  1.00 23.33  ? 81  TYR A N   1 
ATOM   640  C CA  . TYR A 1 100 ? 7.423   -0.139  -8.490  1.00 22.83  ? 81  TYR A CA  1 
ATOM   641  C C   . TYR A 1 100 ? 6.071   0.217   -9.086  1.00 23.54  ? 81  TYR A C   1 
ATOM   642  O O   . TYR A 1 100 ? 5.857   1.353   -9.511  1.00 23.40  ? 81  TYR A O   1 
ATOM   643  C CB  . TYR A 1 100 ? 7.360   0.045   -6.971  1.00 21.62  ? 81  TYR A CB  1 
ATOM   644  C CG  . TYR A 1 100 ? 8.648   -0.269  -6.247  1.00 22.55  ? 81  TYR A CG  1 
ATOM   645  C CD1 . TYR A 1 100 ? 9.751   0.579   -6.346  1.00 22.71  ? 81  TYR A CD1 1 
ATOM   646  C CD2 . TYR A 1 100 ? 8.769   -1.426  -5.474  1.00 21.29  ? 81  TYR A CD2 1 
ATOM   647  C CE1 . TYR A 1 100 ? 10.946  0.283   -5.691  1.00 24.79  ? 81  TYR A CE1 1 
ATOM   648  C CE2 . TYR A 1 100 ? 9.954   -1.731  -4.822  1.00 23.71  ? 81  TYR A CE2 1 
ATOM   649  C CZ  . TYR A 1 100 ? 11.040  -0.875  -4.932  1.00 24.54  ? 81  TYR A CZ  1 
ATOM   650  O OH  . TYR A 1 100 ? 12.219  -1.182  -4.291  1.00 26.16  ? 81  TYR A OH  1 
ATOM   651  N N   . GLY A 1 101 ? 5.158   -0.750  -9.113  1.00 22.49  ? 82  GLY A N   1 
ATOM   652  C CA  . GLY A 1 101 ? 3.838   -0.490  -9.652  1.00 24.83  ? 82  GLY A CA  1 
ATOM   653  C C   . GLY A 1 101 ? 2.886   -1.661  -9.535  1.00 26.27  ? 82  GLY A C   1 
ATOM   654  O O   . GLY A 1 101 ? 3.290   -2.817  -9.644  1.00 27.44  ? 82  GLY A O   1 
ATOM   655  N N   . THR A 1 102 ? 1.613   -1.359  -9.304  1.00 27.08  ? 83  THR A N   1 
ATOM   656  C CA  . THR A 1 102 ? 0.595   -2.391  -9.187  1.00 26.28  ? 83  THR A CA  1 
ATOM   657  C C   . THR A 1 102 ? -0.196  -2.456  -10.488 1.00 25.42  ? 83  THR A C   1 
ATOM   658  O O   . THR A 1 102 ? -0.774  -1.462  -10.930 1.00 23.28  ? 83  THR A O   1 
ATOM   659  C CB  . THR A 1 102 ? -0.371  -2.102  -8.027  1.00 27.51  ? 83  THR A CB  1 
ATOM   660  O OG1 . THR A 1 102 ? 0.372   -1.984  -6.810  1.00 30.72  ? 83  THR A OG1 1 
ATOM   661  C CG2 . THR A 1 102 ? -1.380  -3.234  -7.883  1.00 28.70  ? 83  THR A CG2 1 
ATOM   662  N N   . LEU A 1 103 ? -0.210  -3.636  -11.093 1.00 25.72  ? 84  LEU A N   1 
ATOM   663  C CA  . LEU A 1 103 ? -0.912  -3.852  -12.352 1.00 27.87  ? 84  LEU A CA  1 
ATOM   664  C C   . LEU A 1 103 ? -2.409  -4.005  -12.161 1.00 28.35  ? 84  LEU A C   1 
ATOM   665  O O   . LEU A 1 103 ? -2.875  -4.535  -11.142 1.00 25.42  ? 84  LEU A O   1 
ATOM   666  C CB  . LEU A 1 103 ? -0.371  -5.101  -13.047 1.00 28.78  ? 84  LEU A CB  1 
ATOM   667  C CG  . LEU A 1 103 ? 1.088   -5.077  -13.505 1.00 28.95  ? 84  LEU A CG  1 
ATOM   668  C CD1 . LEU A 1 103 ? 1.491   -6.471  -13.947 1.00 30.45  ? 84  LEU A CD1 1 
ATOM   669  C CD2 . LEU A 1 103 ? 1.262   -4.075  -14.643 1.00 29.88  ? 84  LEU A CD2 1 
ATOM   670  N N   . LYS A 1 104 ? -3.160  -3.532  -13.151 1.00 29.25  ? 85  LYS A N   1 
ATOM   671  C CA  . LYS A 1 104 ? -4.610  -3.633  -13.133 1.00 30.19  ? 85  LYS A CA  1 
ATOM   672  C C   . LYS A 1 104 ? -5.008  -5.103  -13.054 1.00 29.22  ? 85  LYS A C   1 
ATOM   673  O O   . LYS A 1 104 ? -6.076  -5.435  -12.544 1.00 29.73  ? 85  LYS A O   1 
ATOM   674  C CB  . LYS A 1 104 ? -5.200  -3.016  -14.407 1.00 31.55  ? 85  LYS A CB  1 
ATOM   675  C CG  . LYS A 1 104 ? -5.023  -1.512  -14.514 1.00 33.17  ? 85  LYS A CG  1 
ATOM   676  C CD  . LYS A 1 104 ? -5.441  -1.009  -15.888 1.00 36.65  ? 85  LYS A CD  1 
ATOM   677  C CE  . LYS A 1 104 ? -5.258  0.495   -16.012 1.00 37.05  ? 85  LYS A CE  1 
ATOM   678  N NZ  . LYS A 1 104 ? -5.618  0.971   -17.376 1.00 39.03  ? 85  LYS A NZ  1 
ATOM   679  N N   . SER A 1 105 ? -4.139  -5.980  -13.551 1.00 28.88  ? 86  SER A N   1 
ATOM   680  C CA  . SER A 1 105 ? -4.415  -7.412  -13.553 1.00 29.73  ? 86  SER A CA  1 
ATOM   681  C C   . SER A 1 105 ? -4.551  -8.008  -12.152 1.00 31.22  ? 86  SER A C   1 
ATOM   682  O O   . SER A 1 105 ? -5.230  -9.023  -11.975 1.00 31.45  ? 86  SER A O   1 
ATOM   683  C CB  . SER A 1 105 ? -3.341  -8.163  -14.349 1.00 28.48  ? 86  SER A CB  1 
ATOM   684  O OG  . SER A 1 105 ? -2.038  -7.837  -13.906 1.00 32.99  ? 86  SER A OG  1 
ATOM   685  N N   . GLU A 1 106 ? -3.907  -7.392  -11.159 1.00 29.41  ? 87  GLU A N   1 
ATOM   686  C CA  . GLU A 1 106 ? -4.018  -7.878  -9.786  1.00 27.76  ? 87  GLU A CA  1 
ATOM   687  C C   . GLU A 1 106 ? -5.480  -7.841  -9.365  1.00 28.29  ? 87  GLU A C   1 
ATOM   688  O O   . GLU A 1 106 ? -5.969  -8.739  -8.671  1.00 25.65  ? 87  GLU A O   1 
ATOM   689  C CB  . GLU A 1 106 ? -3.197  -7.009  -8.833  1.00 28.07  ? 87  GLU A CB  1 
ATOM   690  C CG  . GLU A 1 106 ? -1.717  -7.294  -8.910  1.00 28.07  ? 87  GLU A CG  1 
ATOM   691  C CD  . GLU A 1 106 ? -1.413  -8.741  -8.595  1.00 30.43  ? 87  GLU A CD  1 
ATOM   692  O OE1 . GLU A 1 106 ? -1.626  -9.155  -7.433  1.00 31.33  ? 87  GLU A OE1 1 
ATOM   693  O OE2 . GLU A 1 106 ? -0.970  -9.471  -9.508  1.00 32.27  ? 87  GLU A OE2 1 
ATOM   694  N N   . TYR A 1 107 ? -6.173  -6.790  -9.793  1.00 29.17  ? 88  TYR A N   1 
ATOM   695  C CA  . TYR A 1 107 ? -7.584  -6.623  -9.472  1.00 30.50  ? 88  TYR A CA  1 
ATOM   696  C C   . TYR A 1 107 ? -8.416  -7.690  -10.180 1.00 29.31  ? 88  TYR A C   1 
ATOM   697  O O   . TYR A 1 107 ? -9.400  -8.188  -9.629  1.00 28.03  ? 88  TYR A O   1 
ATOM   698  C CB  . TYR A 1 107 ? -8.045  -5.220  -9.877  1.00 32.26  ? 88  TYR A CB  1 
ATOM   699  C CG  . TYR A 1 107 ? -9.478  -4.902  -9.521  1.00 35.53  ? 88  TYR A CG  1 
ATOM   700  C CD1 . TYR A 1 107 ? -10.024 -5.308  -8.305  1.00 38.91  ? 88  TYR A CD1 1 
ATOM   701  C CD2 . TYR A 1 107 ? -10.279 -4.162  -10.387 1.00 39.39  ? 88  TYR A CD2 1 
ATOM   702  C CE1 . TYR A 1 107 ? -11.333 -4.987  -7.961  1.00 40.79  ? 88  TYR A CE1 1 
ATOM   703  C CE2 . TYR A 1 107 ? -11.587 -3.830  -10.052 1.00 40.88  ? 88  TYR A CE2 1 
ATOM   704  C CZ  . TYR A 1 107 ? -12.108 -4.246  -8.839  1.00 42.10  ? 88  TYR A CZ  1 
ATOM   705  O OH  . TYR A 1 107 ? -13.406 -3.924  -8.510  1.00 44.66  ? 88  TYR A OH  1 
ATOM   706  N N   . ASP A 1 108 ? -8.016  -8.040  -11.400 1.00 29.84  ? 89  ASP A N   1 
ATOM   707  C CA  . ASP A 1 108 ? -8.721  -9.063  -12.170 1.00 30.20  ? 89  ASP A CA  1 
ATOM   708  C C   . ASP A 1 108 ? -8.563  -10.432 -11.516 1.00 30.05  ? 89  ASP A C   1 
ATOM   709  O O   . ASP A 1 108 ? -9.491  -11.236 -11.508 1.00 29.55  ? 89  ASP A O   1 
ATOM   710  C CB  . ASP A 1 108 ? -8.189  -9.122  -13.600 1.00 32.08  ? 89  ASP A CB  1 
ATOM   711  C CG  . ASP A 1 108 ? -8.459  -7.846  -14.374 1.00 35.73  ? 89  ASP A CG  1 
ATOM   712  O OD1 . ASP A 1 108 ? -9.600  -7.345  -14.301 1.00 37.62  ? 89  ASP A OD1 1 
ATOM   713  O OD2 . ASP A 1 108 ? -7.539  -7.351  -15.056 1.00 37.98  ? 89  ASP A OD2 1 
ATOM   714  N N   . LYS A 1 109 ? -7.383  -10.694 -10.966 1.00 28.67  ? 90  LYS A N   1 
ATOM   715  C CA  . LYS A 1 109 ? -7.138  -11.967 -10.312 1.00 28.24  ? 90  LYS A CA  1 
ATOM   716  C C   . LYS A 1 109 ? -8.004  -12.092 -9.062  1.00 27.68  ? 90  LYS A C   1 
ATOM   717  O O   . LYS A 1 109 ? -8.496  -13.174 -8.742  1.00 26.26  ? 90  LYS A O   1 
ATOM   718  C CB  . LYS A 1 109 ? -5.656  -12.095 -9.969  1.00 30.79  ? 90  LYS A CB  1 
ATOM   719  C CG  . LYS A 1 109 ? -4.777  -12.203 -11.211 1.00 33.77  ? 90  LYS A CG  1 
ATOM   720  C CD  . LYS A 1 109 ? -3.298  -12.325 -10.873 1.00 36.02  ? 90  LYS A CD  1 
ATOM   721  C CE  . LYS A 1 109 ? -2.466  -12.322 -12.149 1.00 38.37  ? 90  LYS A CE  1 
ATOM   722  N NZ  . LYS A 1 109 ? -1.002  -12.372 -11.875 1.00 41.38  ? 90  LYS A NZ  1 
ATOM   723  N N   . ALA A 1 110 ? -8.201  -10.979 -8.362  1.00 26.72  ? 91  ALA A N   1 
ATOM   724  C CA  . ALA A 1 110 ? -9.031  -10.983 -7.162  1.00 26.97  ? 91  ALA A CA  1 
ATOM   725  C C   . ALA A 1 110 ? -10.475 -11.292 -7.574  1.00 26.90  ? 91  ALA A C   1 
ATOM   726  O O   . ALA A 1 110 ? -11.190 -12.034 -6.893  1.00 25.55  ? 91  ALA A O   1 
ATOM   727  C CB  . ALA A 1 110 ? -8.960  -9.627  -6.469  1.00 24.34  ? 91  ALA A CB  1 
ATOM   728  N N   . LYS A 1 111 ? -10.897 -10.714 -8.696  1.00 27.67  ? 92  LYS A N   1 
ATOM   729  C CA  . LYS A 1 111 ? -12.244 -10.937 -9.206  1.00 29.85  ? 92  LYS A CA  1 
ATOM   730  C C   . LYS A 1 111 ? -12.402 -12.395 -9.611  1.00 29.92  ? 92  LYS A C   1 
ATOM   731  O O   . LYS A 1 111 ? -13.409 -13.033 -9.309  1.00 30.21  ? 92  LYS A O   1 
ATOM   732  C CB  . LYS A 1 111 ? -12.512 -10.045 -10.414 1.00 32.32  ? 92  LYS A CB  1 
ATOM   733  C CG  . LYS A 1 111 ? -12.641 -8.570  -10.096 1.00 36.67  ? 92  LYS A CG  1 
ATOM   734  C CD  . LYS A 1 111 ? -12.835 -7.779  -11.384 1.00 40.90  ? 92  LYS A CD  1 
ATOM   735  C CE  . LYS A 1 111 ? -13.214 -6.342  -11.102 1.00 44.00  ? 92  LYS A CE  1 
ATOM   736  N NZ  . LYS A 1 111 ? -13.309 -5.530  -12.351 1.00 46.48  ? 92  LYS A NZ  1 
ATOM   737  N N   . GLU A 1 112 ? -11.392 -12.912 -10.301 1.00 30.79  ? 93  GLU A N   1 
ATOM   738  C CA  . GLU A 1 112 ? -11.382 -14.292 -10.757 1.00 32.02  ? 93  GLU A CA  1 
ATOM   739  C C   . GLU A 1 112 ? -11.630 -15.250 -9.585  1.00 31.07  ? 93  GLU A C   1 
ATOM   740  O O   . GLU A 1 112 ? -12.372 -16.220 -9.719  1.00 30.82  ? 93  GLU A O   1 
ATOM   741  C CB  . GLU A 1 112 ? -10.030 -14.605 -11.413 1.00 34.35  ? 93  GLU A CB  1 
ATOM   742  C CG  . GLU A 1 112 ? -9.920  -16.002 -12.008 1.00 40.14  ? 93  GLU A CG  1 
ATOM   743  C CD  . GLU A 1 112 ? -8.531  -16.314 -12.556 1.00 44.31  ? 93  GLU A CD  1 
ATOM   744  O OE1 . GLU A 1 112 ? -8.410  -17.294 -13.322 1.00 47.71  ? 93  GLU A OE1 1 
ATOM   745  O OE2 . GLU A 1 112 ? -7.559  -15.596 -12.218 1.00 45.14  ? 93  GLU A OE2 1 
ATOM   746  N N   . GLN A 1 113 ? -11.009 -14.972 -8.442  1.00 30.10  ? 94  GLN A N   1 
ATOM   747  C CA  . GLN A 1 113 ? -11.159 -15.819 -7.253  1.00 29.38  ? 94  GLN A CA  1 
ATOM   748  C C   . GLN A 1 113 ? -12.335 -15.403 -6.381  1.00 30.42  ? 94  GLN A C   1 
ATOM   749  O O   . GLN A 1 113 ? -12.584 -15.990 -5.327  1.00 31.36  ? 94  GLN A O   1 
ATOM   750  C CB  . GLN A 1 113 ? -9.875  -15.784 -6.415  1.00 27.83  ? 94  GLN A CB  1 
ATOM   751  C CG  . GLN A 1 113 ? -8.689  -16.494 -7.054  1.00 28.41  ? 94  GLN A CG  1 
ATOM   752  C CD  . GLN A 1 113 ? -7.439  -16.429 -6.197  1.00 29.19  ? 94  GLN A CD  1 
ATOM   753  O OE1 . GLN A 1 113 ? -7.496  -16.628 -4.986  1.00 30.30  ? 94  GLN A OE1 1 
ATOM   754  N NE2 . GLN A 1 113 ? -6.301  -16.165 -6.825  1.00 26.96  ? 94  GLN A NE2 1 
ATOM   755  N N   . ASN A 1 114 ? -13.060 -14.386 -6.827  1.00 31.64  ? 95  ASN A N   1 
ATOM   756  C CA  . ASN A 1 114 ? -14.203 -13.874 -6.087  1.00 33.04  ? 95  ASN A CA  1 
ATOM   757  C C   . ASN A 1 114 ? -13.842 -13.514 -4.643  1.00 33.10  ? 95  ASN A C   1 
ATOM   758  O O   . ASN A 1 114 ? -14.407 -14.052 -3.687  1.00 31.52  ? 95  ASN A O   1 
ATOM   759  C CB  . ASN A 1 114 ? -15.338 -14.895 -6.101  1.00 36.95  ? 95  ASN A CB  1 
ATOM   760  C CG  . ASN A 1 114 ? -16.672 -14.261 -6.417  1.00 42.08  ? 95  ASN A CG  1 
ATOM   761  O OD1 . ASN A 1 114 ? -17.220 -13.499 -5.613  1.00 44.00  ? 95  ASN A OD1 1 
ATOM   762  N ND2 . ASN A 1 114 ? -17.201 -14.557 -7.603  1.00 42.94  ? 95  ASN A ND2 1 
ATOM   763  N N   . LYS A 1 115 ? -12.887 -12.602 -4.491  1.00 31.00  ? 96  LYS A N   1 
ATOM   764  C CA  . LYS A 1 115 ? -12.476 -12.163 -3.168  1.00 29.55  ? 96  LYS A CA  1 
ATOM   765  C C   . LYS A 1 115 ? -12.179 -10.681 -3.150  1.00 27.09  ? 96  LYS A C   1 
ATOM   766  O O   . LYS A 1 115 ? -12.028 -10.060 -4.196  1.00 25.25  ? 96  LYS A O   1 
ATOM   767  C CB  . LYS A 1 115 ? -11.272 -12.977 -2.693  1.00 32.92  ? 96  LYS A CB  1 
ATOM   768  C CG  . LYS A 1 115 ? -11.724 -14.300 -2.087  1.00 34.78  ? 96  LYS A CG  1 
ATOM   769  C CD  . LYS A 1 115 ? -10.652 -15.333 -2.035  1.00 35.45  ? 96  LYS A CD  1 
ATOM   770  C CE  . LYS A 1 115 ? -11.255 -16.661 -1.610  1.00 34.41  ? 96  LYS A CE  1 
ATOM   771  N NZ  . LYS A 1 115 ? -10.293 -17.758 -1.841  1.00 38.00  ? 96  LYS A NZ  1 
ATOM   772  N N   . ILE A 1 116 ? -12.107 -10.119 -1.952  1.00 24.06  ? 97  ILE A N   1 
ATOM   773  C CA  . ILE A 1 116 ? -11.843 -8.698  -1.790  1.00 24.78  ? 97  ILE A CA  1 
ATOM   774  C C   . ILE A 1 116 ? -10.397 -8.408  -2.156  1.00 25.05  ? 97  ILE A C   1 
ATOM   775  O O   . ILE A 1 116 ? -9.479  -8.993  -1.573  1.00 25.25  ? 97  ILE A O   1 
ATOM   776  C CB  . ILE A 1 116 ? -12.081 -8.250  -0.322  1.00 24.07  ? 97  ILE A CB  1 
ATOM   777  C CG1 . ILE A 1 116 ? -13.480 -8.676  0.137   1.00 23.27  ? 97  ILE A CG1 1 
ATOM   778  C CG2 . ILE A 1 116 ? -11.921 -6.736  -0.202  1.00 23.83  ? 97  ILE A CG2 1 
ATOM   779  C CD1 . ILE A 1 116 ? -13.657 -8.605  1.644   1.00 24.82  ? 97  ILE A CD1 1 
ATOM   780  N N   . CYS A 1 117 ? -10.186 -7.525  -3.126  1.00 21.97  ? 98  CYS A N   1 
ATOM   781  C CA  . CYS A 1 117 ? -8.826  -7.178  -3.496  1.00 22.09  ? 98  CYS A CA  1 
ATOM   782  C C   . CYS A 1 117 ? -8.301  -6.203  -2.445  1.00 21.11  ? 98  CYS A C   1 
ATOM   783  O O   . CYS A 1 117 ? -8.880  -5.133  -2.230  1.00 22.14  ? 98  CYS A O   1 
ATOM   784  C CB  . CYS A 1 117 ? -8.774  -6.523  -4.881  1.00 20.84  ? 98  CYS A CB  1 
ATOM   785  S SG  . CYS A 1 117 ? -7.077  -6.402  -5.508  1.00 26.30  ? 98  CYS A SG  1 
ATOM   786  N N   . LEU A 1 118 ? -7.214  -6.581  -1.781  1.00 21.52  ? 99  LEU A N   1 
ATOM   787  C CA  . LEU A 1 118 ? -6.613  -5.745  -0.743  1.00 20.76  ? 99  LEU A CA  1 
ATOM   788  C C   . LEU A 1 118 ? -5.325  -5.118  -1.268  1.00 20.65  ? 99  LEU A C   1 
ATOM   789  O O   . LEU A 1 118 ? -4.373  -5.828  -1.582  1.00 20.70  ? 99  LEU A O   1 
ATOM   790  C CB  . LEU A 1 118 ? -6.310  -6.598  0.500   1.00 20.52  ? 99  LEU A CB  1 
ATOM   791  C CG  . LEU A 1 118 ? -6.038  -5.870  1.825   1.00 21.59  ? 99  LEU A CG  1 
ATOM   792  C CD1 . LEU A 1 118 ? -5.928  -6.893  2.957   1.00 27.64  ? 99  LEU A CD1 1 
ATOM   793  C CD2 . LEU A 1 118 ? -4.770  -5.044  1.723   1.00 25.50  ? 99  LEU A CD2 1 
ATOM   794  N N   . PHE A 1 119 ? -5.302  -3.790  -1.368  1.00 22.44  ? 100 PHE A N   1 
ATOM   795  C CA  . PHE A 1 119 ? -4.128  -3.060  -1.845  1.00 22.44  ? 100 PHE A CA  1 
ATOM   796  C C   . PHE A 1 119 ? -3.399  -2.370  -0.694  1.00 22.75  ? 100 PHE A C   1 
ATOM   797  O O   . PHE A 1 119 ? -4.023  -1.662  0.093   1.00 23.06  ? 100 PHE A O   1 
ATOM   798  C CB  . PHE A 1 119 ? -4.517  -1.944  -2.830  1.00 22.92  ? 100 PHE A CB  1 
ATOM   799  C CG  . PHE A 1 119 ? -5.061  -2.423  -4.139  1.00 22.18  ? 100 PHE A CG  1 
ATOM   800  C CD1 . PHE A 1 119 ? -4.228  -2.998  -5.086  1.00 23.75  ? 100 PHE A CD1 1 
ATOM   801  C CD2 . PHE A 1 119 ? -6.415  -2.266  -4.437  1.00 25.35  ? 100 PHE A CD2 1 
ATOM   802  C CE1 . PHE A 1 119 ? -4.729  -3.414  -6.320  1.00 25.45  ? 100 PHE A CE1 1 
ATOM   803  C CE2 . PHE A 1 119 ? -6.929  -2.677  -5.667  1.00 24.71  ? 100 PHE A CE2 1 
ATOM   804  C CZ  . PHE A 1 119 ? -6.081  -3.252  -6.610  1.00 24.57  ? 100 PHE A CZ  1 
ATOM   805  N N   . GLU A 1 120 ? -2.088  -2.569  -0.594  1.00 23.53  ? 101 GLU A N   1 
ATOM   806  C CA  . GLU A 1 120 ? -1.295  -1.874  0.418   1.00 24.85  ? 101 GLU A CA  1 
ATOM   807  C C   . GLU A 1 120 ? -0.608  -0.755  -0.373  1.00 24.89  ? 101 GLU A C   1 
ATOM   808  O O   . GLU A 1 120 ? 0.186   -1.046  -1.260  1.00 25.26  ? 101 GLU A O   1 
ATOM   809  C CB  . GLU A 1 120 ? -0.224  -2.781  1.032   1.00 26.62  ? 101 GLU A CB  1 
ATOM   810  C CG  . GLU A 1 120 ? 0.580   -2.045  2.101   1.00 29.83  ? 101 GLU A CG  1 
ATOM   811  C CD  . GLU A 1 120 ? 1.695   -2.866  2.710   1.00 32.92  ? 101 GLU A CD  1 
ATOM   812  O OE1 . GLU A 1 120 ? 2.359   -2.340  3.630   1.00 35.30  ? 101 GLU A OE1 1 
ATOM   813  O OE2 . GLU A 1 120 ? 1.908   -4.022  2.282   1.00 32.44  ? 101 GLU A OE2 1 
ATOM   814  N N   . MET A 1 121 ? -0.902  0.508   -0.057  1.00 25.09  ? 102 MET A N   1 
ATOM   815  C CA  . MET A 1 121 ? -0.327  1.639   -0.798  1.00 24.46  ? 102 MET A CA  1 
ATOM   816  C C   . MET A 1 121 ? 0.157   2.795   0.068   1.00 23.78  ? 102 MET A C   1 
ATOM   817  O O   . MET A 1 121 ? -0.300  2.967   1.198   1.00 21.36  ? 102 MET A O   1 
ATOM   818  C CB  . MET A 1 121 ? -1.377  2.243   -1.730  1.00 25.88  ? 102 MET A CB  1 
ATOM   819  C CG  . MET A 1 121 ? -1.982  1.316   -2.734  1.00 31.04  ? 102 MET A CG  1 
ATOM   820  S SD  . MET A 1 121 ? -0.874  1.060   -4.102  1.00 37.36  ? 102 MET A SD  1 
ATOM   821  C CE  . MET A 1 121 ? -1.871  -0.083  -5.091  1.00 32.80  ? 102 MET A CE  1 
ATOM   822  N N   . ASN A 1 122 ? 1.062   3.599   -0.485  1.00 19.85  ? 103 ASN A N   1 
ATOM   823  C CA  . ASN A 1 122 ? 1.519   4.797   0.199   1.00 21.76  ? 103 ASN A CA  1 
ATOM   824  C C   . ASN A 1 122 ? 0.612   5.890   -0.382  1.00 23.02  ? 103 ASN A C   1 
ATOM   825  O O   . ASN A 1 122 ? -0.202  5.610   -1.270  1.00 22.93  ? 103 ASN A O   1 
ATOM   826  C CB  . ASN A 1 122 ? 3.006   5.103   -0.068  1.00 21.69  ? 103 ASN A CB  1 
ATOM   827  C CG  . ASN A 1 122 ? 3.349   5.184   -1.547  1.00 23.18  ? 103 ASN A CG  1 
ATOM   828  O OD1 . ASN A 1 122 ? 2.494   5.453   -2.389  1.00 22.77  ? 103 ASN A OD1 1 
ATOM   829  N ND2 . ASN A 1 122 ? 4.621   4.966   -1.863  1.00 23.76  ? 103 ASN A ND2 1 
ATOM   830  N N   . ILE A 1 123 ? 0.733   7.120   0.098   1.00 23.11  ? 104 ILE A N   1 
ATOM   831  C CA  . ILE A 1 123 ? -0.149  8.179   -0.380  1.00 23.59  ? 104 ILE A CA  1 
ATOM   832  C C   . ILE A 1 123 ? -0.017  8.483   -1.874  1.00 25.18  ? 104 ILE A C   1 
ATOM   833  O O   . ILE A 1 123 ? -1.006  8.798   -2.539  1.00 24.78  ? 104 ILE A O   1 
ATOM   834  C CB  . ILE A 1 123 ? 0.049   9.470   0.438   1.00 23.93  ? 104 ILE A CB  1 
ATOM   835  C CG1 . ILE A 1 123 ? -0.139  9.170   1.933   1.00 24.86  ? 104 ILE A CG1 1 
ATOM   836  C CG2 . ILE A 1 123 ? -0.957  10.530  -0.011  1.00 23.42  ? 104 ILE A CG2 1 
ATOM   837  C CD1 . ILE A 1 123 ? -1.491  8.528   2.294   1.00 26.20  ? 104 ILE A CD1 1 
ATOM   838  N N   . ASN A 1 124 ? 1.200   8.384   -2.398  1.00 25.85  ? 105 ASN A N   1 
ATOM   839  C CA  . ASN A 1 124 ? 1.449   8.634   -3.815  1.00 25.62  ? 105 ASN A CA  1 
ATOM   840  C C   . ASN A 1 124 ? 0.635   7.649   -4.648  1.00 26.08  ? 105 ASN A C   1 
ATOM   841  O O   . ASN A 1 124 ? 0.184   7.969   -5.750  1.00 25.53  ? 105 ASN A O   1 
ATOM   842  C CB  . ASN A 1 124 ? 2.935   8.459   -4.126  1.00 26.18  ? 105 ASN A CB  1 
ATOM   843  C CG  . ASN A 1 124 ? 3.270   8.741   -5.590  1.00 29.67  ? 105 ASN A CG  1 
ATOM   844  O OD1 . ASN A 1 124 ? 3.156   9.873   -6.058  1.00 28.98  ? 105 ASN A OD1 1 
ATOM   845  N ND2 . ASN A 1 124 ? 3.684   7.706   -6.314  1.00 28.04  ? 105 ASN A ND2 1 
ATOM   846  N N   . GLY A 1 125 ? 0.454   6.447   -4.106  1.00 23.13  ? 106 GLY A N   1 
ATOM   847  C CA  . GLY A 1 125 ? -0.294  5.420   -4.800  1.00 23.91  ? 106 GLY A CA  1 
ATOM   848  C C   . GLY A 1 125 ? -1.788  5.657   -4.743  1.00 23.88  ? 106 GLY A C   1 
ATOM   849  O O   . GLY A 1 125 ? -2.486  5.493   -5.746  1.00 23.00  ? 106 GLY A O   1 
ATOM   850  N N   . VAL A 1 126 ? -2.276  6.040   -3.565  1.00 23.02  ? 107 VAL A N   1 
ATOM   851  C CA  . VAL A 1 126 ? -3.697  6.304   -3.365  1.00 23.99  ? 107 VAL A CA  1 
ATOM   852  C C   . VAL A 1 126 ? -4.244  7.384   -4.309  1.00 25.89  ? 107 VAL A C   1 
ATOM   853  O O   . VAL A 1 126 ? -5.332  7.234   -4.855  1.00 26.87  ? 107 VAL A O   1 
ATOM   854  C CB  . VAL A 1 126 ? -3.983  6.746   -1.909  1.00 24.11  ? 107 VAL A CB  1 
ATOM   855  C CG1 . VAL A 1 126 ? -5.432  7.167   -1.766  1.00 24.67  ? 107 VAL A CG1 1 
ATOM   856  C CG2 . VAL A 1 126 ? -3.673  5.606   -0.946  1.00 22.74  ? 107 VAL A CG2 1 
ATOM   857  N N   . LYS A 1 127 ? -3.504  8.473   -4.500  1.00 26.34  ? 108 LYS A N   1 
ATOM   858  C CA  . LYS A 1 127 ? -4.003  9.523   -5.375  1.00 29.11  ? 108 LYS A CA  1 
ATOM   859  C C   . LYS A 1 127 ? -4.103  9.055   -6.819  1.00 28.58  ? 108 LYS A C   1 
ATOM   860  O O   . LYS A 1 127 ? -4.916  9.566   -7.586  1.00 30.58  ? 108 LYS A O   1 
ATOM   861  C CB  . LYS A 1 127 ? -3.158  10.795  -5.252  1.00 30.57  ? 108 LYS A CB  1 
ATOM   862  C CG  . LYS A 1 127 ? -1.671  10.625  -5.431  1.00 34.96  ? 108 LYS A CG  1 
ATOM   863  C CD  . LYS A 1 127 ? -0.956  11.913  -5.038  1.00 37.23  ? 108 LYS A CD  1 
ATOM   864  C CE  . LYS A 1 127 ? -1.508  13.110  -5.803  1.00 36.74  ? 108 LYS A CE  1 
ATOM   865  N NZ  . LYS A 1 127 ? -0.806  14.365  -5.442  1.00 39.20  ? 108 LYS A NZ  1 
ATOM   866  N N   . GLN A 1 128 ? -3.293  8.068   -7.187  1.00 28.51  ? 109 GLN A N   1 
ATOM   867  C CA  . GLN A 1 128 ? -3.356  7.521   -8.537  1.00 28.57  ? 109 GLN A CA  1 
ATOM   868  C C   . GLN A 1 128 ? -4.547  6.567   -8.605  1.00 28.93  ? 109 GLN A C   1 
ATOM   869  O O   . GLN A 1 128 ? -5.205  6.459   -9.636  1.00 29.81  ? 109 GLN A O   1 
ATOM   870  C CB  . GLN A 1 128 ? -2.072  6.768   -8.889  1.00 26.32  ? 109 GLN A CB  1 
ATOM   871  C CG  . GLN A 1 128 ? -0.849  7.653   -9.000  1.00 26.34  ? 109 GLN A CG  1 
ATOM   872  C CD  . GLN A 1 128 ? 0.413   6.857   -9.257  1.00 26.99  ? 109 GLN A CD  1 
ATOM   873  O OE1 . GLN A 1 128 ? 0.585   6.262   -10.324 1.00 26.37  ? 109 GLN A OE1 1 
ATOM   874  N NE2 . GLN A 1 128 ? 1.306   6.833   -8.270  1.00 23.29  ? 109 GLN A NE2 1 
ATOM   875  N N   . LEU A 1 129 ? -4.818  5.860   -7.513  1.00 29.79  ? 110 LEU A N   1 
ATOM   876  C CA  . LEU A 1 129 ? -5.960  4.953   -7.500  1.00 30.69  ? 110 LEU A CA  1 
ATOM   877  C C   . LEU A 1 129 ? -7.249  5.764   -7.585  1.00 30.99  ? 110 LEU A C   1 
ATOM   878  O O   . LEU A 1 129 ? -8.172  5.403   -8.312  1.00 31.64  ? 110 LEU A O   1 
ATOM   879  C CB  . LEU A 1 129 ? -6.000  4.115   -6.219  1.00 33.49  ? 110 LEU A CB  1 
ATOM   880  C CG  . LEU A 1 129 ? -5.005  2.973   -6.020  1.00 35.12  ? 110 LEU A CG  1 
ATOM   881  C CD1 . LEU A 1 129 ? -5.469  2.117   -4.842  1.00 37.27  ? 110 LEU A CD1 1 
ATOM   882  C CD2 . LEU A 1 129 ? -4.929  2.119   -7.274  1.00 37.18  ? 110 LEU A CD2 1 
ATOM   883  N N   . LYS A 1 130 ? -7.304  6.860   -6.836  1.00 32.12  ? 111 LYS A N   1 
ATOM   884  C CA  . LYS A 1 130 ? -8.484  7.709   -6.818  1.00 34.94  ? 111 LYS A CA  1 
ATOM   885  C C   . LYS A 1 130 ? -8.804  8.346   -8.164  1.00 36.35  ? 111 LYS A C   1 
ATOM   886  O O   . LYS A 1 130 ? -9.894  8.869   -8.358  1.00 37.35  ? 111 LYS A O   1 
ATOM   887  C CB  . LYS A 1 130 ? -8.339  8.783   -5.740  1.00 34.55  ? 111 LYS A CB  1 
ATOM   888  C CG  . LYS A 1 130 ? -8.594  8.249   -4.344  1.00 34.69  ? 111 LYS A CG  1 
ATOM   889  C CD  . LYS A 1 130 ? -8.245  9.264   -3.276  1.00 35.58  ? 111 LYS A CD  1 
ATOM   890  C CE  . LYS A 1 130 ? -8.680  8.776   -1.907  1.00 36.66  ? 111 LYS A CE  1 
ATOM   891  N NZ  . LYS A 1 130 ? -10.171 8.690   -1.818  1.00 37.57  ? 111 LYS A NZ  1 
ATOM   892  N N   . LYS A 1 131 ? -7.855  8.297   -9.093  1.00 38.15  ? 112 LYS A N   1 
ATOM   893  C CA  . LYS A 1 131 ? -8.074  8.850   -10.427 1.00 40.07  ? 112 LYS A CA  1 
ATOM   894  C C   . LYS A 1 131 ? -8.262  7.708   -11.420 1.00 41.60  ? 112 LYS A C   1 
ATOM   895  O O   . LYS A 1 131 ? -8.820  7.897   -12.495 1.00 41.93  ? 112 LYS A O   1 
ATOM   896  C CB  . LYS A 1 131 ? -6.887  9.706   -10.865 1.00 39.81  ? 112 LYS A CB  1 
ATOM   897  C CG  . LYS A 1 131 ? -6.682  10.973  -10.061 1.00 42.17  ? 112 LYS A CG  1 
ATOM   898  C CD  . LYS A 1 131 ? -5.445  11.717  -10.549 1.00 44.86  ? 112 LYS A CD  1 
ATOM   899  C CE  . LYS A 1 131 ? -5.207  13.000  -9.762  1.00 48.06  ? 112 LYS A CE  1 
ATOM   900  N NZ  . LYS A 1 131 ? -6.316  13.986  -9.930  1.00 49.04  ? 112 LYS A NZ  1 
ATOM   901  N N   . SER A 1 132 ? -7.803  6.517   -11.046 1.00 43.64  ? 113 SER A N   1 
ATOM   902  C CA  . SER A 1 132 ? -7.909  5.348   -11.911 1.00 46.94  ? 113 SER A CA  1 
ATOM   903  C C   . SER A 1 132 ? -9.328  5.060   -12.382 1.00 49.66  ? 113 SER A C   1 
ATOM   904  O O   . SER A 1 132 ? -10.280 5.086   -11.601 1.00 49.51  ? 113 SER A O   1 
ATOM   905  C CB  . SER A 1 132 ? -7.363  4.105   -11.208 1.00 47.16  ? 113 SER A CB  1 
ATOM   906  O OG  . SER A 1 132 ? -7.570  2.952   -12.008 1.00 46.75  ? 113 SER A OG  1 
ATOM   907  N N   . THR A 1 133 ? -9.453  4.774   -13.673 1.00 52.04  ? 114 THR A N   1 
ATOM   908  C CA  . THR A 1 133 ? -10.740 4.469   -14.281 1.00 54.20  ? 114 THR A CA  1 
ATOM   909  C C   . THR A 1 133 ? -11.062 2.979   -14.184 1.00 54.31  ? 114 THR A C   1 
ATOM   910  O O   . THR A 1 133 ? -12.228 2.584   -14.244 1.00 54.64  ? 114 THR A O   1 
ATOM   911  C CB  . THR A 1 133 ? -10.757 4.883   -15.769 1.00 54.74  ? 114 THR A CB  1 
ATOM   912  O OG1 . THR A 1 133 ? -11.878 4.277   -16.419 1.00 56.88  ? 114 THR A OG1 1 
ATOM   913  C CG2 . THR A 1 133 ? -9.475  4.448   -16.465 1.00 55.39  ? 114 THR A CG2 1 
ATOM   914  N N   . HIS A 1 134 ? -10.023 2.161   -14.029 1.00 53.92  ? 115 HIS A N   1 
ATOM   915  C CA  . HIS A 1 134 ? -10.184 0.713   -13.937 1.00 53.50  ? 115 HIS A CA  1 
ATOM   916  C C   . HIS A 1 134 ? -10.933 0.301   -12.674 1.00 52.99  ? 115 HIS A C   1 
ATOM   917  O O   . HIS A 1 134 ? -11.785 -0.586  -12.713 1.00 53.48  ? 115 HIS A O   1 
ATOM   918  C CB  . HIS A 1 134 ? -8.815  0.027   -13.966 1.00 53.78  ? 115 HIS A CB  1 
ATOM   919  C CG  . HIS A 1 134 ? -8.884  -1.450  -14.197 1.00 54.85  ? 115 HIS A CG  1 
ATOM   920  N ND1 . HIS A 1 134 ? -9.344  -1.998  -15.375 1.00 55.79  ? 115 HIS A ND1 1 
ATOM   921  C CD2 . HIS A 1 134 ? -8.546  -2.495  -13.403 1.00 55.20  ? 115 HIS A CD2 1 
ATOM   922  C CE1 . HIS A 1 134 ? -9.287  -3.316  -15.298 1.00 55.55  ? 115 HIS A CE1 1 
ATOM   923  N NE2 . HIS A 1 134 ? -8.806  -3.643  -14.112 1.00 56.15  ? 115 HIS A NE2 1 
ATOM   924  N N   . ILE A 1 135 ? -10.611 0.943   -11.556 1.00 51.93  ? 116 ILE A N   1 
ATOM   925  C CA  . ILE A 1 135 ? -11.264 0.636   -10.286 1.00 50.50  ? 116 ILE A CA  1 
ATOM   926  C C   . ILE A 1 135 ? -12.158 1.785   -9.843  1.00 49.54  ? 116 ILE A C   1 
ATOM   927  O O   . ILE A 1 135 ? -11.923 2.942   -10.196 1.00 49.24  ? 116 ILE A O   1 
ATOM   928  C CB  . ILE A 1 135 ? -10.226 0.350   -9.173  1.00 51.15  ? 116 ILE A CB  1 
ATOM   929  C CG1 . ILE A 1 135 ? -9.491  -0.958  -9.472  1.00 51.40  ? 116 ILE A CG1 1 
ATOM   930  C CG2 . ILE A 1 135 ? -10.914 0.268   -7.816  1.00 52.07  ? 116 ILE A CG2 1 
ATOM   931  C CD1 . ILE A 1 135 ? -8.424  -1.312  -8.459  1.00 50.94  ? 116 ILE A CD1 1 
ATOM   932  N N   . LYS A 1 136 ? -13.186 1.456   -9.070  1.00 48.18  ? 117 LYS A N   1 
ATOM   933  C CA  . LYS A 1 136 ? -14.121 2.453   -8.572  1.00 46.96  ? 117 LYS A CA  1 
ATOM   934  C C   . LYS A 1 136 ? -14.808 1.943   -7.310  1.00 45.86  ? 117 LYS A C   1 
ATOM   935  O O   . LYS A 1 136 ? -14.915 0.735   -7.092  1.00 46.55  ? 117 LYS A O   1 
ATOM   936  C CB  . LYS A 1 136 ? -15.158 2.770   -9.638  1.00 47.37  ? 117 LYS A CB  1 
ATOM   937  N N   . ASN A 1 137 ? -15.257 2.874   -6.477  1.00 43.95  ? 118 ASN A N   1 
ATOM   938  C CA  . ASN A 1 137 ? -15.946 2.534   -5.243  1.00 41.36  ? 118 ASN A CA  1 
ATOM   939  C C   . ASN A 1 137 ? -15.071 1.799   -4.224  1.00 39.12  ? 118 ASN A C   1 
ATOM   940  O O   . ASN A 1 137 ? -15.579 1.050   -3.388  1.00 38.36  ? 118 ASN A O   1 
ATOM   941  C CB  . ASN A 1 137 ? -17.181 1.690   -5.563  1.00 44.69  ? 118 ASN A CB  1 
ATOM   942  C CG  . ASN A 1 137 ? -18.144 2.401   -6.492  1.00 47.81  ? 118 ASN A CG  1 
ATOM   943  O OD1 . ASN A 1 137 ? -18.588 3.513   -6.209  1.00 50.46  ? 118 ASN A OD1 1 
ATOM   944  N ND2 . ASN A 1 137 ? -18.474 1.760   -7.609  1.00 48.78  ? 118 ASN A ND2 1 
ATOM   945  N N   . ALA A 1 138 ? -13.763 2.011   -4.285  1.00 34.10  ? 119 ALA A N   1 
ATOM   946  C CA  . ALA A 1 138 ? -12.871 1.354   -3.342  1.00 30.91  ? 119 ALA A CA  1 
ATOM   947  C C   . ALA A 1 138 ? -12.978 2.001   -1.963  1.00 27.78  ? 119 ALA A C   1 
ATOM   948  O O   . ALA A 1 138 ? -13.353 3.164   -1.837  1.00 25.54  ? 119 ALA A O   1 
ATOM   949  C CB  . ALA A 1 138 ? -11.424 1.416   -3.839  1.00 29.39  ? 119 ALA A CB  1 
ATOM   950  N N   . LEU A 1 139 ? -12.657 1.228   -0.932  1.00 26.57  ? 120 LEU A N   1 
ATOM   951  C CA  . LEU A 1 139 ? -12.681 1.722   0.435   1.00 25.70  ? 120 LEU A CA  1 
ATOM   952  C C   . LEU A 1 139 ? -11.244 2.070   0.809   1.00 24.91  ? 120 LEU A C   1 
ATOM   953  O O   . LEU A 1 139 ? -10.350 1.232   0.700   1.00 25.51  ? 120 LEU A O   1 
ATOM   954  C CB  . LEU A 1 139 ? -13.224 0.652   1.386   1.00 29.69  ? 120 LEU A CB  1 
ATOM   955  C CG  . LEU A 1 139 ? -14.656 0.170   1.129   1.00 32.51  ? 120 LEU A CG  1 
ATOM   956  C CD1 . LEU A 1 139 ? -15.100 -0.723  2.278   1.00 33.06  ? 120 LEU A CD1 1 
ATOM   957  C CD2 . LEU A 1 139 ? -15.593 1.371   0.992   1.00 35.32  ? 120 LEU A CD2 1 
ATOM   958  N N   . TYR A 1 140 ? -11.020 3.304   1.242   1.00 22.65  ? 121 TYR A N   1 
ATOM   959  C CA  . TYR A 1 140 ? -9.684  3.741   1.605   1.00 22.84  ? 121 TYR A CA  1 
ATOM   960  C C   . TYR A 1 140 ? -9.520  3.929   3.109   1.00 22.23  ? 121 TYR A C   1 
ATOM   961  O O   . TYR A 1 140 ? -10.268 4.674   3.738   1.00 20.49  ? 121 TYR A O   1 
ATOM   962  C CB  . TYR A 1 140 ? -9.348  5.053   0.891   1.00 23.63  ? 121 TYR A CB  1 
ATOM   963  C CG  . TYR A 1 140 ? -9.287  4.936   -0.621  1.00 25.36  ? 121 TYR A CG  1 
ATOM   964  C CD1 . TYR A 1 140 ? -10.436 5.037   -1.400  1.00 25.77  ? 121 TYR A CD1 1 
ATOM   965  C CD2 . TYR A 1 140 ? -8.074  4.728   -1.266  1.00 25.24  ? 121 TYR A CD2 1 
ATOM   966  C CE1 . TYR A 1 140 ? -10.370 4.938   -2.803  1.00 27.69  ? 121 TYR A CE1 1 
ATOM   967  C CE2 . TYR A 1 140 ? -7.997  4.621   -2.652  1.00 26.39  ? 121 TYR A CE2 1 
ATOM   968  C CZ  . TYR A 1 140 ? -9.141  4.730   -3.414  1.00 26.95  ? 121 TYR A CZ  1 
ATOM   969  O OH  . TYR A 1 140 ? -9.040  4.634   -4.787  1.00 29.99  ? 121 TYR A OH  1 
ATOM   970  N N   . ILE A 1 141 ? -8.536  3.247   3.678   1.00 21.27  ? 122 ILE A N   1 
ATOM   971  C CA  . ILE A 1 141 ? -8.268  3.355   5.108   1.00 20.90  ? 122 ILE A CA  1 
ATOM   972  C C   . ILE A 1 141 ? -6.872  3.924   5.319   1.00 19.34  ? 122 ILE A C   1 
ATOM   973  O O   . ILE A 1 141 ? -5.872  3.253   5.058   1.00 19.28  ? 122 ILE A O   1 
ATOM   974  C CB  . ILE A 1 141 ? -8.334  1.986   5.802   1.00 23.96  ? 122 ILE A CB  1 
ATOM   975  C CG1 . ILE A 1 141 ? -9.654  1.281   5.461   1.00 27.43  ? 122 ILE A CG1 1 
ATOM   976  C CG2 . ILE A 1 141 ? -8.191  2.163   7.309   1.00 23.98  ? 122 ILE A CG2 1 
ATOM   977  C CD1 . ILE A 1 141 ? -10.891 2.066   5.827   1.00 29.87  ? 122 ILE A CD1 1 
ATOM   978  N N   . PHE A 1 142 ? -6.812  5.153   5.815   1.00 18.97  ? 123 PHE A N   1 
ATOM   979  C CA  . PHE A 1 142 ? -5.551  5.836   6.065   1.00 19.79  ? 123 PHE A CA  1 
ATOM   980  C C   . PHE A 1 142 ? -4.996  5.519   7.451   1.00 21.71  ? 123 PHE A C   1 
ATOM   981  O O   . PHE A 1 142 ? -5.622  5.823   8.464   1.00 22.45  ? 123 PHE A O   1 
ATOM   982  C CB  . PHE A 1 142 ? -5.776  7.345   5.910   1.00 19.35  ? 123 PHE A CB  1 
ATOM   983  C CG  . PHE A 1 142 ? -4.556  8.200   6.168   1.00 22.07  ? 123 PHE A CG  1 
ATOM   984  C CD1 . PHE A 1 142 ? -3.268  7.692   6.036   1.00 22.24  ? 123 PHE A CD1 1 
ATOM   985  C CD2 . PHE A 1 142 ? -4.710  9.552   6.476   1.00 19.97  ? 123 PHE A CD2 1 
ATOM   986  C CE1 . PHE A 1 142 ? -2.154  8.516   6.201   1.00 24.31  ? 123 PHE A CE1 1 
ATOM   987  C CE2 . PHE A 1 142 ? -3.602  10.384  6.640   1.00 23.40  ? 123 PHE A CE2 1 
ATOM   988  C CZ  . PHE A 1 142 ? -2.323  9.866   6.502   1.00 23.86  ? 123 PHE A CZ  1 
ATOM   989  N N   . ILE A 1 143 ? -3.822  4.898   7.489   1.00 21.78  ? 124 ILE A N   1 
ATOM   990  C CA  . ILE A 1 143 ? -3.168  4.574   8.754   1.00 25.28  ? 124 ILE A CA  1 
ATOM   991  C C   . ILE A 1 143 ? -2.142  5.685   8.985   1.00 25.96  ? 124 ILE A C   1 
ATOM   992  O O   . ILE A 1 143 ? -1.170  5.810   8.243   1.00 25.53  ? 124 ILE A O   1 
ATOM   993  C CB  . ILE A 1 143 ? -2.447  3.202   8.699   1.00 25.09  ? 124 ILE A CB  1 
ATOM   994  C CG1 . ILE A 1 143 ? -3.436  2.098   8.296   1.00 25.16  ? 124 ILE A CG1 1 
ATOM   995  C CG2 . ILE A 1 143 ? -1.832  2.880   10.063  1.00 23.35  ? 124 ILE A CG2 1 
ATOM   996  C CD1 . ILE A 1 143 ? -4.638  1.963   9.219   1.00 21.83  ? 124 ILE A CD1 1 
ATOM   997  N N   . LYS A 1 144 ? -2.386  6.492   10.013  1.00 25.90  ? 125 LYS A N   1 
ATOM   998  C CA  . LYS A 1 144 ? -1.532  7.621   10.356  1.00 26.95  ? 125 LYS A CA  1 
ATOM   999  C C   . LYS A 1 144 ? -0.562  7.290   11.474  1.00 27.46  ? 125 LYS A C   1 
ATOM   1000 O O   . LYS A 1 144 ? -0.820  6.410   12.299  1.00 26.87  ? 125 LYS A O   1 
ATOM   1001 C CB  . LYS A 1 144 ? -2.403  8.809   10.785  1.00 29.60  ? 125 LYS A CB  1 
ATOM   1002 C CG  . LYS A 1 144 ? -3.384  9.268   9.718   1.00 32.16  ? 125 LYS A CG  1 
ATOM   1003 C CD  . LYS A 1 144 ? -4.754  9.618   10.299  1.00 35.54  ? 125 LYS A CD  1 
ATOM   1004 C CE  . LYS A 1 144 ? -4.690  10.781  11.268  1.00 37.25  ? 125 LYS A CE  1 
ATOM   1005 N NZ  . LYS A 1 144 ? -6.040  11.091  11.830  1.00 41.79  ? 125 LYS A NZ  1 
ATOM   1006 N N   . PRO A 1 145 ? 0.579   7.997   11.516  1.00 26.68  ? 126 PRO A N   1 
ATOM   1007 C CA  . PRO A 1 145 ? 1.582   7.764   12.554  1.00 27.18  ? 126 PRO A CA  1 
ATOM   1008 C C   . PRO A 1 145 ? 1.147   8.505   13.815  1.00 28.64  ? 126 PRO A C   1 
ATOM   1009 O O   . PRO A 1 145 ? 0.302   9.396   13.754  1.00 27.29  ? 126 PRO A O   1 
ATOM   1010 C CB  . PRO A 1 145 ? 2.842   8.367   11.941  1.00 27.87  ? 126 PRO A CB  1 
ATOM   1011 C CG  . PRO A 1 145 ? 2.301   9.569   11.242  1.00 25.87  ? 126 PRO A CG  1 
ATOM   1012 C CD  . PRO A 1 145 ? 1.047   9.015   10.556  1.00 27.35  ? 126 PRO A CD  1 
ATOM   1013 N N   . PRO A 1 146 ? 1.698   8.134   14.977  1.00 30.44  ? 127 PRO A N   1 
ATOM   1014 C CA  . PRO A 1 146 ? 1.281   8.857   16.181  1.00 31.12  ? 127 PRO A CA  1 
ATOM   1015 C C   . PRO A 1 146 ? 1.723   10.321  16.099  1.00 31.68  ? 127 PRO A C   1 
ATOM   1016 O O   . PRO A 1 146 ? 1.148   11.192  16.747  1.00 33.26  ? 127 PRO A O   1 
ATOM   1017 C CB  . PRO A 1 146 ? 1.961   8.082   17.307  1.00 32.42  ? 127 PRO A CB  1 
ATOM   1018 C CG  . PRO A 1 146 ? 3.167   7.492   16.650  1.00 34.78  ? 127 PRO A CG  1 
ATOM   1019 C CD  . PRO A 1 146 ? 2.640   7.052   15.303  1.00 32.12  ? 127 PRO A CD  1 
ATOM   1020 N N   . SER A 1 147 ? 2.739   10.584  15.283  1.00 30.19  ? 128 SER A N   1 
ATOM   1021 C CA  . SER A 1 147 ? 3.246   11.939  15.100  1.00 29.69  ? 128 SER A CA  1 
ATOM   1022 C C   . SER A 1 147 ? 4.269   11.953  13.976  1.00 29.89  ? 128 SER A C   1 
ATOM   1023 O O   . SER A 1 147 ? 4.735   10.900  13.534  1.00 28.03  ? 128 SER A O   1 
ATOM   1024 C CB  . SER A 1 147 ? 3.922   12.443  16.375  1.00 30.07  ? 128 SER A CB  1 
ATOM   1025 O OG  . SER A 1 147 ? 5.196   11.842  16.523  1.00 26.11  ? 128 SER A OG  1 
ATOM   1026 N N   . THR A 1 148 ? 4.627   13.149  13.524  1.00 30.60  ? 129 THR A N   1 
ATOM   1027 C CA  . THR A 1 148 ? 5.611   13.272  12.463  1.00 30.84  ? 129 THR A CA  1 
ATOM   1028 C C   . THR A 1 148 ? 6.976   12.867  13.015  1.00 31.61  ? 129 THR A C   1 
ATOM   1029 O O   . THR A 1 148 ? 7.736   12.169  12.344  1.00 30.38  ? 129 THR A O   1 
ATOM   1030 C CB  . THR A 1 148 ? 5.655   14.712  11.910  1.00 32.40  ? 129 THR A CB  1 
ATOM   1031 O OG1 . THR A 1 148 ? 4.371   15.043  11.367  1.00 32.32  ? 129 THR A OG1 1 
ATOM   1032 C CG2 . THR A 1 148 ? 6.710   14.843  10.801  1.00 30.78  ? 129 THR A CG2 1 
ATOM   1033 N N   . ASP A 1 149 ? 7.271   13.288  14.246  1.00 31.43  ? 130 ASP A N   1 
ATOM   1034 C CA  . ASP A 1 149 ? 8.539   12.948  14.892  1.00 30.85  ? 130 ASP A CA  1 
ATOM   1035 C C   . ASP A 1 149 ? 8.754   11.440  14.909  1.00 29.42  ? 130 ASP A C   1 
ATOM   1036 O O   . ASP A 1 149 ? 9.837   10.954  14.586  1.00 27.03  ? 130 ASP A O   1 
ATOM   1037 C CB  . ASP A 1 149 ? 8.585   13.464  16.339  1.00 34.34  ? 130 ASP A CB  1 
ATOM   1038 C CG  . ASP A 1 149 ? 8.851   14.954  16.428  1.00 38.22  ? 130 ASP A CG  1 
ATOM   1039 O OD1 . ASP A 1 149 ? 9.792   15.433  15.766  1.00 42.33  ? 130 ASP A OD1 1 
ATOM   1040 O OD2 . ASP A 1 149 ? 8.133   15.652  17.175  1.00 43.26  ? 130 ASP A OD2 1 
ATOM   1041 N N   . VAL A 1 150 ? 7.719   10.700  15.302  1.00 27.86  ? 131 VAL A N   1 
ATOM   1042 C CA  . VAL A 1 150 ? 7.803   9.244   15.358  1.00 27.61  ? 131 VAL A CA  1 
ATOM   1043 C C   . VAL A 1 150 ? 8.001   8.646   13.964  1.00 27.69  ? 131 VAL A C   1 
ATOM   1044 O O   . VAL A 1 150 ? 8.757   7.693   13.788  1.00 26.87  ? 131 VAL A O   1 
ATOM   1045 C CB  . VAL A 1 150 ? 6.526   8.631   15.996  1.00 27.40  ? 131 VAL A CB  1 
ATOM   1046 C CG1 . VAL A 1 150 ? 6.524   7.127   15.816  1.00 28.03  ? 131 VAL A CG1 1 
ATOM   1047 C CG2 . VAL A 1 150 ? 6.470   8.971   17.486  1.00 28.85  ? 131 VAL A CG2 1 
ATOM   1048 N N   . LEU A 1 151 ? 7.316   9.209   12.974  1.00 27.88  ? 132 LEU A N   1 
ATOM   1049 C CA  . LEU A 1 151 ? 7.424   8.717   11.604  1.00 27.81  ? 132 LEU A CA  1 
ATOM   1050 C C   . LEU A 1 151 ? 8.859   8.891   11.104  1.00 28.88  ? 132 LEU A C   1 
ATOM   1051 O O   . LEU A 1 151 ? 9.468   7.947   10.591  1.00 28.37  ? 132 LEU A O   1 
ATOM   1052 C CB  . LEU A 1 151 ? 6.460   9.486   10.694  1.00 27.50  ? 132 LEU A CB  1 
ATOM   1053 C CG  . LEU A 1 151 ? 6.288   8.987   9.256   1.00 28.72  ? 132 LEU A CG  1 
ATOM   1054 C CD1 . LEU A 1 151 ? 5.597   7.633   9.256   1.00 27.16  ? 132 LEU A CD1 1 
ATOM   1055 C CD2 . LEU A 1 151 ? 5.471   9.990   8.467   1.00 27.66  ? 132 LEU A CD2 1 
ATOM   1056 N N   . LEU A 1 152 ? 9.393   10.100  11.268  1.00 28.16  ? 133 LEU A N   1 
ATOM   1057 C CA  . LEU A 1 152 ? 10.755  10.408  10.838  1.00 29.21  ? 133 LEU A CA  1 
ATOM   1058 C C   . LEU A 1 152 ? 11.789  9.602   11.606  1.00 29.87  ? 133 LEU A C   1 
ATOM   1059 O O   . LEU A 1 152 ? 12.787  9.167   11.031  1.00 31.37  ? 133 LEU A O   1 
ATOM   1060 C CB  . LEU A 1 152 ? 11.039  11.903  11.004  1.00 28.08  ? 133 LEU A CB  1 
ATOM   1061 C CG  . LEU A 1 152 ? 10.151  12.810  10.144  1.00 31.72  ? 133 LEU A CG  1 
ATOM   1062 C CD1 . LEU A 1 152 ? 10.539  14.269  10.357  1.00 30.37  ? 133 LEU A CD1 1 
ATOM   1063 C CD2 . LEU A 1 152 ? 10.303  12.422  8.674   1.00 30.73  ? 133 LEU A CD2 1 
ATOM   1064 N N   . SER A 1 153 ? 11.554  9.403   12.901  1.00 29.89  ? 134 SER A N   1 
ATOM   1065 C CA  . SER A 1 153 ? 12.474  8.633   13.734  1.00 31.69  ? 134 SER A CA  1 
ATOM   1066 C C   . SER A 1 153 ? 12.558  7.178   13.272  1.00 32.51  ? 134 SER A C   1 
ATOM   1067 O O   . SER A 1 153 ? 13.641  6.593   13.237  1.00 33.03  ? 134 SER A O   1 
ATOM   1068 C CB  . SER A 1 153 ? 12.037  8.668   15.205  1.00 33.30  ? 134 SER A CB  1 
ATOM   1069 O OG  . SER A 1 153 ? 12.149  9.971   15.754  1.00 36.46  ? 134 SER A OG  1 
ATOM   1070 N N   . ARG A 1 154 ? 11.416  6.588   12.930  1.00 32.24  ? 135 ARG A N   1 
ATOM   1071 C CA  . ARG A 1 154 ? 11.400  5.200   12.472  1.00 31.98  ? 135 ARG A CA  1 
ATOM   1072 C C   . ARG A 1 154 ? 12.132  5.085   11.143  1.00 31.92  ? 135 ARG A C   1 
ATOM   1073 O O   . ARG A 1 154 ? 12.632  4.021   10.788  1.00 30.79  ? 135 ARG A O   1 
ATOM   1074 C CB  . ARG A 1 154 ? 9.964   4.699   12.324  1.00 31.35  ? 135 ARG A CB  1 
ATOM   1075 C CG  . ARG A 1 154 ? 9.225   4.612   13.641  1.00 30.56  ? 135 ARG A CG  1 
ATOM   1076 C CD  . ARG A 1 154 ? 7.796   4.172   13.450  1.00 30.63  ? 135 ARG A CD  1 
ATOM   1077 N NE  . ARG A 1 154 ? 7.099   4.102   14.728  1.00 31.07  ? 135 ARG A NE  1 
ATOM   1078 C CZ  . ARG A 1 154 ? 5.787   3.945   14.862  1.00 30.26  ? 135 ARG A CZ  1 
ATOM   1079 N NH1 . ARG A 1 154 ? 5.258   3.894   16.073  1.00 28.72  ? 135 ARG A NH1 1 
ATOM   1080 N NH2 . ARG A 1 154 ? 5.007   3.850   13.791  1.00 29.01  ? 135 ARG A NH2 1 
ATOM   1081 N N   . LEU A 1 155 ? 12.181  6.191   10.409  1.00 32.04  ? 136 LEU A N   1 
ATOM   1082 C CA  . LEU A 1 155 ? 12.874  6.232   9.129   1.00 33.03  ? 136 LEU A CA  1 
ATOM   1083 C C   . LEU A 1 155 ? 14.372  6.098   9.397   1.00 33.48  ? 136 LEU A C   1 
ATOM   1084 O O   . LEU A 1 155 ? 15.037  5.234   8.828   1.00 33.77  ? 136 LEU A O   1 
ATOM   1085 C CB  . LEU A 1 155 ? 12.586  7.555   8.414   1.00 32.31  ? 136 LEU A CB  1 
ATOM   1086 C CG  . LEU A 1 155 ? 13.364  7.849   7.128   1.00 35.56  ? 136 LEU A CG  1 
ATOM   1087 C CD1 . LEU A 1 155 ? 13.100  6.760   6.098   1.00 36.82  ? 136 LEU A CD1 1 
ATOM   1088 C CD2 . LEU A 1 155 ? 12.950  9.206   6.586   1.00 36.53  ? 136 LEU A CD2 1 
ATOM   1089 N N   . LEU A 1 156 ? 14.897  6.950   10.274  1.00 34.80  ? 137 LEU A N   1 
ATOM   1090 C CA  . LEU A 1 156 ? 16.320  6.909   10.609  1.00 37.90  ? 137 LEU A CA  1 
ATOM   1091 C C   . LEU A 1 156 ? 16.715  5.575   11.226  1.00 37.91  ? 137 LEU A C   1 
ATOM   1092 O O   . LEU A 1 156 ? 17.797  5.060   10.961  1.00 37.04  ? 137 LEU A O   1 
ATOM   1093 C CB  . LEU A 1 156 ? 16.696  8.025   11.589  1.00 37.09  ? 137 LEU A CB  1 
ATOM   1094 C CG  . LEU A 1 156 ? 16.473  9.492   11.222  1.00 39.87  ? 137 LEU A CG  1 
ATOM   1095 C CD1 . LEU A 1 156 ? 17.568  10.304  11.895  1.00 40.57  ? 137 LEU A CD1 1 
ATOM   1096 C CD2 . LEU A 1 156 ? 16.520  9.705   9.724   1.00 38.92  ? 137 LEU A CD2 1 
ATOM   1097 N N   . THR A 1 157 ? 15.837  5.023   12.055  1.00 40.21  ? 138 THR A N   1 
ATOM   1098 C CA  . THR A 1 157 ? 16.115  3.749   12.709  1.00 43.90  ? 138 THR A CA  1 
ATOM   1099 C C   . THR A 1 157 ? 16.367  2.610   11.726  1.00 45.95  ? 138 THR A C   1 
ATOM   1100 O O   . THR A 1 157 ? 17.352  1.884   11.854  1.00 47.20  ? 138 THR A O   1 
ATOM   1101 C CB  . THR A 1 157 ? 14.965  3.341   13.660  1.00 44.01  ? 138 THR A CB  1 
ATOM   1102 O OG1 . THR A 1 157 ? 14.960  4.213   14.801  1.00 45.21  ? 138 THR A OG1 1 
ATOM   1103 C CG2 . THR A 1 157 ? 15.138  1.899   14.129  1.00 43.55  ? 138 THR A CG2 1 
ATOM   1104 N N   . ARG A 1 158 ? 15.488  2.451   10.742  1.00 48.24  ? 139 ARG A N   1 
ATOM   1105 C CA  . ARG A 1 158 ? 15.656  1.378   9.768   1.00 50.11  ? 139 ARG A CA  1 
ATOM   1106 C C   . ARG A 1 158 ? 16.513  1.785   8.566   1.00 52.24  ? 139 ARG A C   1 
ATOM   1107 O O   . ARG A 1 158 ? 16.515  1.105   7.538   1.00 53.15  ? 139 ARG A O   1 
ATOM   1108 C CB  . ARG A 1 158 ? 14.288  0.878   9.293   1.00 49.20  ? 139 ARG A CB  1 
ATOM   1109 C CG  . ARG A 1 158 ? 13.423  1.939   8.635   1.00 48.86  ? 139 ARG A CG  1 
ATOM   1110 C CD  . ARG A 1 158 ? 12.154  1.335   8.035   1.00 47.17  ? 139 ARG A CD  1 
ATOM   1111 N NE  . ARG A 1 158 ? 11.369  2.351   7.336   1.00 46.39  ? 139 ARG A NE  1 
ATOM   1112 C CZ  . ARG A 1 158 ? 10.637  3.282   7.940   1.00 45.31  ? 139 ARG A CZ  1 
ATOM   1113 N NH1 . ARG A 1 158 ? 9.966   4.170   7.219   1.00 42.09  ? 139 ARG A NH1 1 
ATOM   1114 N NH2 . ARG A 1 158 ? 10.557  3.311   9.264   1.00 45.23  ? 139 ARG A NH2 1 
ATOM   1115 N N   . ASN A 1 159 ? 17.247  2.887   8.699   1.00 53.56  ? 140 ASN A N   1 
ATOM   1116 C CA  . ASN A 1 159 ? 18.102  3.365   7.612   1.00 55.41  ? 140 ASN A CA  1 
ATOM   1117 C C   . ASN A 1 159 ? 19.516  3.734   8.055   1.00 55.91  ? 140 ASN A C   1 
ATOM   1118 O O   . ASN A 1 159 ? 19.726  4.259   9.148   1.00 55.87  ? 140 ASN A O   1 
ATOM   1119 C CB  . ASN A 1 159 ? 17.459  4.573   6.922   1.00 55.94  ? 140 ASN A CB  1 
ATOM   1120 C CG  . ASN A 1 159 ? 16.386  4.174   5.927   1.00 56.65  ? 140 ASN A CG  1 
ATOM   1121 O OD1 . ASN A 1 159 ? 16.683  3.601   4.877   1.00 57.11  ? 140 ASN A OD1 1 
ATOM   1122 N ND2 . ASN A 1 159 ? 15.133  4.468   6.253   1.00 56.88  ? 140 ASN A ND2 1 
ATOM   1123 N N   . THR A 1 160 ? 20.481  3.444   7.189   1.00 56.56  ? 141 THR A N   1 
ATOM   1124 C CA  . THR A 1 160 ? 21.882  3.753   7.446   1.00 57.61  ? 141 THR A CA  1 
ATOM   1125 C C   . THR A 1 160 ? 22.388  4.543   6.243   1.00 57.84  ? 141 THR A C   1 
ATOM   1126 O O   . THR A 1 160 ? 23.287  4.102   5.524   1.00 58.13  ? 141 THR A O   1 
ATOM   1127 C CB  . THR A 1 160 ? 22.687  2.468   7.615   1.00 58.04  ? 141 THR A CB  1 
ATOM   1128 N N   . GLU A 1 161 ? 21.789  5.710   6.029   1.00 57.38  ? 142 GLU A N   1 
ATOM   1129 C CA  . GLU A 1 161 ? 22.141  6.575   4.911   1.00 56.28  ? 142 GLU A CA  1 
ATOM   1130 C C   . GLU A 1 161 ? 22.963  7.781   5.342   1.00 54.32  ? 142 GLU A C   1 
ATOM   1131 O O   . GLU A 1 161 ? 23.184  8.011   6.533   1.00 54.21  ? 142 GLU A O   1 
ATOM   1132 C CB  . GLU A 1 161 ? 20.868  7.066   4.215   1.00 58.81  ? 142 GLU A CB  1 
ATOM   1133 C CG  . GLU A 1 161 ? 20.059  5.976   3.542   1.00 61.91  ? 142 GLU A CG  1 
ATOM   1134 C CD  . GLU A 1 161 ? 20.738  5.443   2.298   1.00 64.73  ? 142 GLU A CD  1 
ATOM   1135 O OE1 . GLU A 1 161 ? 20.932  6.228   1.345   1.00 65.52  ? 142 GLU A OE1 1 
ATOM   1136 O OE2 . GLU A 1 161 ? 21.080  4.240   2.274   1.00 66.28  ? 142 GLU A OE2 1 
ATOM   1137 N N   . ASN A 1 162 ? 23.414  8.550   4.356   1.00 50.82  ? 143 ASN A N   1 
ATOM   1138 C CA  . ASN A 1 162 ? 24.190  9.747   4.622   1.00 47.70  ? 143 ASN A CA  1 
ATOM   1139 C C   . ASN A 1 162 ? 23.231  10.935  4.634   1.00 45.35  ? 143 ASN A C   1 
ATOM   1140 O O   . ASN A 1 162 ? 22.088  10.827  4.187   1.00 44.25  ? 143 ASN A O   1 
ATOM   1141 C CB  . ASN A 1 162 ? 25.265  9.929   3.559   1.00 47.92  ? 143 ASN A CB  1 
ATOM   1142 N N   . GLN A 1 163 ? 23.708  12.063  5.148   1.00 42.14  ? 144 GLN A N   1 
ATOM   1143 C CA  . GLN A 1 163 ? 22.918  13.284  5.266   1.00 39.54  ? 144 GLN A CA  1 
ATOM   1144 C C   . GLN A 1 163 ? 21.960  13.629  4.125   1.00 38.33  ? 144 GLN A C   1 
ATOM   1145 O O   . GLN A 1 163 ? 20.742  13.630  4.312   1.00 36.61  ? 144 GLN A O   1 
ATOM   1146 C CB  . GLN A 1 163 ? 23.858  14.467  5.518   1.00 38.65  ? 144 GLN A CB  1 
ATOM   1147 C CG  . GLN A 1 163 ? 24.537  14.430  6.874   1.00 36.09  ? 144 GLN A CG  1 
ATOM   1148 C CD  . GLN A 1 163 ? 25.497  15.581  7.073   1.00 35.90  ? 144 GLN A CD  1 
ATOM   1149 O OE1 . GLN A 1 163 ? 26.648  15.530  6.636   1.00 38.17  ? 144 GLN A OE1 1 
ATOM   1150 N NE2 . GLN A 1 163 ? 25.021  16.639  7.717   1.00 34.42  ? 144 GLN A NE2 1 
ATOM   1151 N N   . GLU A 1 164 ? 22.508  13.933  2.953   1.00 38.36  ? 145 GLU A N   1 
ATOM   1152 C CA  . GLU A 1 164 ? 21.697  14.308  1.796   1.00 37.89  ? 145 GLU A CA  1 
ATOM   1153 C C   . GLU A 1 164 ? 20.616  13.285  1.454   1.00 37.61  ? 145 GLU A C   1 
ATOM   1154 O O   . GLU A 1 164 ? 19.471  13.650  1.190   1.00 35.77  ? 145 GLU A O   1 
ATOM   1155 C CB  . GLU A 1 164 ? 22.597  14.543  0.580   1.00 38.60  ? 145 GLU A CB  1 
ATOM   1156 N N   . GLN A 1 165 ? 20.979  12.007  1.455   1.00 37.90  ? 146 GLN A N   1 
ATOM   1157 C CA  . GLN A 1 165 ? 20.022  10.957  1.129   1.00 38.34  ? 146 GLN A CA  1 
ATOM   1158 C C   . GLN A 1 165 ? 18.924  10.795  2.176   1.00 37.07  ? 146 GLN A C   1 
ATOM   1159 O O   . GLN A 1 165 ? 17.749  10.679  1.827   1.00 35.81  ? 146 GLN A O   1 
ATOM   1160 C CB  . GLN A 1 165 ? 20.747  9.624   0.922   1.00 40.83  ? 146 GLN A CB  1 
ATOM   1161 C CG  . GLN A 1 165 ? 21.712  9.637   -0.260  1.00 47.36  ? 146 GLN A CG  1 
ATOM   1162 C CD  . GLN A 1 165 ? 21.024  9.947   -1.587  1.00 50.29  ? 146 GLN A CD  1 
ATOM   1163 O OE1 . GLN A 1 165 ? 21.684  10.261  -2.583  1.00 52.41  ? 146 GLN A OE1 1 
ATOM   1164 N NE2 . GLN A 1 165 ? 19.698  9.849   -1.607  1.00 50.30  ? 146 GLN A NE2 1 
ATOM   1165 N N   . ILE A 1 166 ? 19.295  10.783  3.455   1.00 35.10  ? 147 ILE A N   1 
ATOM   1166 C CA  . ILE A 1 166 ? 18.297  10.633  4.509   1.00 33.00  ? 147 ILE A CA  1 
ATOM   1167 C C   . ILE A 1 166 ? 17.368  11.844  4.551   1.00 32.42  ? 147 ILE A C   1 
ATOM   1168 O O   . ILE A 1 166 ? 16.202  11.733  4.945   1.00 31.42  ? 147 ILE A O   1 
ATOM   1169 C CB  . ILE A 1 166 ? 18.946  10.460  5.902   1.00 34.79  ? 147 ILE A CB  1 
ATOM   1170 C CG1 . ILE A 1 166 ? 17.909  9.919   6.881   1.00 34.53  ? 147 ILE A CG1 1 
ATOM   1171 C CG2 . ILE A 1 166 ? 19.470  11.796  6.418   1.00 33.97  ? 147 ILE A CG2 1 
ATOM   1172 C CD1 . ILE A 1 166 ? 17.340  8.571   6.482   1.00 36.30  ? 147 ILE A CD1 1 
ATOM   1173 N N   . GLN A 1 167 ? 17.881  13.005  4.152   1.00 30.24  ? 148 GLN A N   1 
ATOM   1174 C CA  . GLN A 1 167 ? 17.061  14.209  4.145   1.00 29.31  ? 148 GLN A CA  1 
ATOM   1175 C C   . GLN A 1 167 ? 16.012  14.090  3.047   1.00 29.91  ? 148 GLN A C   1 
ATOM   1176 O O   . GLN A 1 167 ? 14.896  14.581  3.190   1.00 27.36  ? 148 GLN A O   1 
ATOM   1177 C CB  . GLN A 1 167 ? 17.921  15.459  3.916   1.00 28.56  ? 148 GLN A CB  1 
ATOM   1178 C CG  . GLN A 1 167 ? 17.124  16.762  3.890   1.00 29.95  ? 148 GLN A CG  1 
ATOM   1179 C CD  . GLN A 1 167 ? 16.473  17.041  2.535   1.00 29.90  ? 148 GLN A CD  1 
ATOM   1180 O OE1 . GLN A 1 167 ? 15.542  17.843  2.433   1.00 31.65  ? 148 GLN A OE1 1 
ATOM   1181 N NE2 . GLN A 1 167 ? 16.970  16.388  1.495   1.00 31.79  ? 148 GLN A NE2 1 
ATOM   1182 N N   . LYS A 1 168 ? 16.376  13.438  1.947   1.00 32.37  ? 149 LYS A N   1 
ATOM   1183 C CA  . LYS A 1 168 ? 15.447  13.268  0.835   1.00 35.99  ? 149 LYS A CA  1 
ATOM   1184 C C   . LYS A 1 168 ? 14.268  12.390  1.242   1.00 35.63  ? 149 LYS A C   1 
ATOM   1185 O O   . LYS A 1 168 ? 13.128  12.656  0.867   1.00 34.58  ? 149 LYS A O   1 
ATOM   1186 C CB  . LYS A 1 168 ? 16.166  12.676  -0.383  1.00 37.77  ? 149 LYS A CB  1 
ATOM   1187 C CG  . LYS A 1 168 ? 17.183  13.639  -0.985  1.00 41.85  ? 149 LYS A CG  1 
ATOM   1188 C CD  . LYS A 1 168 ? 17.713  13.164  -2.325  1.00 44.36  ? 149 LYS A CD  1 
ATOM   1189 C CE  . LYS A 1 168 ? 18.714  14.165  -2.882  1.00 45.10  ? 149 LYS A CE  1 
ATOM   1190 N NZ  . LYS A 1 168 ? 19.231  13.768  -4.219  1.00 46.19  ? 149 LYS A NZ  1 
ATOM   1191 N N   . ARG A 1 169 ? 14.541  11.351  2.019   1.00 35.80  ? 150 ARG A N   1 
ATOM   1192 C CA  . ARG A 1 169 ? 13.475  10.471  2.471   1.00 36.52  ? 150 ARG A CA  1 
ATOM   1193 C C   . ARG A 1 169 ? 12.598  11.171  3.504   1.00 35.19  ? 150 ARG A C   1 
ATOM   1194 O O   . ARG A 1 169 ? 11.398  10.913  3.582   1.00 35.02  ? 150 ARG A O   1 
ATOM   1195 C CB  . ARG A 1 169 ? 14.075  9.173   3.013   1.00 39.63  ? 150 ARG A CB  1 
ATOM   1196 C CG  . ARG A 1 169 ? 14.734  8.376   1.897   1.00 44.66  ? 150 ARG A CG  1 
ATOM   1197 C CD  . ARG A 1 169 ? 15.424  7.115   2.366   1.00 49.82  ? 150 ARG A CD  1 
ATOM   1198 N NE  . ARG A 1 169 ? 15.997  6.406   1.224   1.00 53.77  ? 150 ARG A NE  1 
ATOM   1199 C CZ  . ARG A 1 169 ? 16.770  5.330   1.314   1.00 54.87  ? 150 ARG A CZ  1 
ATOM   1200 N NH1 . ARG A 1 169 ? 17.239  4.761   0.212   1.00 55.90  ? 150 ARG A NH1 1 
ATOM   1201 N NH2 . ARG A 1 169 ? 17.077  4.826   2.504   1.00 56.58  ? 150 ARG A NH2 1 
ATOM   1202 N N   . MET A 1 170 ? 13.189  12.076  4.280   1.00 33.47  ? 151 MET A N   1 
ATOM   1203 C CA  . MET A 1 170 ? 12.428  12.834  5.274   1.00 32.52  ? 151 MET A CA  1 
ATOM   1204 C C   . MET A 1 170 ? 11.460  13.767  4.545   1.00 31.78  ? 151 MET A C   1 
ATOM   1205 O O   . MET A 1 170 ? 10.301  13.926  4.940   1.00 30.06  ? 151 MET A O   1 
ATOM   1206 C CB  . MET A 1 170 ? 13.361  13.673  6.147   1.00 32.29  ? 151 MET A CB  1 
ATOM   1207 C CG  . MET A 1 170 ? 14.087  12.896  7.227   1.00 35.02  ? 151 MET A CG  1 
ATOM   1208 S SD  . MET A 1 170 ? 15.296  13.920  8.097   1.00 35.83  ? 151 MET A SD  1 
ATOM   1209 C CE  . MET A 1 170 ? 16.654  12.799  8.160   1.00 36.84  ? 151 MET A CE  1 
ATOM   1210 N N   . GLU A 1 171 ? 11.944  14.390  3.479   1.00 31.32  ? 152 GLU A N   1 
ATOM   1211 C CA  . GLU A 1 171 ? 11.110  15.297  2.712   1.00 32.22  ? 152 GLU A CA  1 
ATOM   1212 C C   . GLU A 1 171 ? 10.000  14.508  2.028   1.00 29.87  ? 152 GLU A C   1 
ATOM   1213 O O   . GLU A 1 171 ? 8.876   14.981  1.934   1.00 29.05  ? 152 GLU A O   1 
ATOM   1214 C CB  . GLU A 1 171 ? 11.947  16.053  1.677   1.00 35.75  ? 152 GLU A CB  1 
ATOM   1215 C CG  . GLU A 1 171 ? 11.177  17.128  0.923   1.00 40.83  ? 152 GLU A CG  1 
ATOM   1216 C CD  . GLU A 1 171 ? 10.322  17.995  1.840   1.00 46.09  ? 152 GLU A CD  1 
ATOM   1217 O OE1 . GLU A 1 171 ? 10.827  18.436  2.899   1.00 49.38  ? 152 GLU A OE1 1 
ATOM   1218 O OE2 . GLU A 1 171 ? 9.143   18.240  1.499   1.00 47.62  ? 152 GLU A OE2 1 
ATOM   1219 N N   . GLN A 1 172 ? 10.319  13.306  1.555   1.00 29.20  ? 153 GLN A N   1 
ATOM   1220 C CA  . GLN A 1 172 ? 9.327   12.454  0.897   1.00 28.72  ? 153 GLN A CA  1 
ATOM   1221 C C   . GLN A 1 172 ? 8.183   12.130  1.851   1.00 27.20  ? 153 GLN A C   1 
ATOM   1222 O O   . GLN A 1 172 ? 7.016   12.119  1.456   1.00 26.19  ? 153 GLN A O   1 
ATOM   1223 C CB  . GLN A 1 172 ? 9.978   11.153  0.411   1.00 31.13  ? 153 GLN A CB  1 
ATOM   1224 C CG  . GLN A 1 172 ? 10.767  11.298  -0.889  1.00 34.03  ? 153 GLN A CG  1 
ATOM   1225 C CD  . GLN A 1 172 ? 11.733  10.151  -1.132  1.00 36.63  ? 153 GLN A CD  1 
ATOM   1226 O OE1 . GLN A 1 172 ? 11.346  8.981   -1.150  1.00 37.75  ? 153 GLN A OE1 1 
ATOM   1227 N NE2 . GLN A 1 172 ? 13.003  10.485  -1.325  1.00 41.51  ? 153 GLN A NE2 1 
ATOM   1228 N N   . LEU A 1 173 ? 8.517   11.864  3.109   1.00 25.78  ? 154 LEU A N   1 
ATOM   1229 C CA  . LEU A 1 173 ? 7.501   11.554  4.104   1.00 28.59  ? 154 LEU A CA  1 
ATOM   1230 C C   . LEU A 1 173 ? 6.684   12.794  4.465   1.00 28.14  ? 154 LEU A C   1 
ATOM   1231 O O   . LEU A 1 173 ? 5.496   12.690  4.775   1.00 29.30  ? 154 LEU A O   1 
ATOM   1232 C CB  . LEU A 1 173 ? 8.149   10.947  5.356   1.00 29.38  ? 154 LEU A CB  1 
ATOM   1233 C CG  . LEU A 1 173 ? 8.736   9.543   5.151   1.00 32.82  ? 154 LEU A CG  1 
ATOM   1234 C CD1 . LEU A 1 173 ? 9.342   9.016   6.452   1.00 34.16  ? 154 LEU A CD1 1 
ATOM   1235 C CD2 . LEU A 1 173 ? 7.639   8.604   4.679   1.00 33.63  ? 154 LEU A CD2 1 
ATOM   1236 N N   . ASN A 1 174 ? 7.312   13.968  4.424   1.00 29.07  ? 155 ASN A N   1 
ATOM   1237 C CA  . ASN A 1 174 ? 6.593   15.200  4.728   1.00 30.83  ? 155 ASN A CA  1 
ATOM   1238 C C   . ASN A 1 174 ? 5.598   15.442  3.603   1.00 30.24  ? 155 ASN A C   1 
ATOM   1239 O O   . ASN A 1 174 ? 4.492   15.919  3.835   1.00 29.25  ? 155 ASN A O   1 
ATOM   1240 C CB  . ASN A 1 174 ? 7.541   16.405  4.839   1.00 33.20  ? 155 ASN A CB  1 
ATOM   1241 C CG  . ASN A 1 174 ? 8.403   16.362  6.091   1.00 37.36  ? 155 ASN A CG  1 
ATOM   1242 O OD1 . ASN A 1 174 ? 7.924   16.031  7.178   1.00 39.46  ? 155 ASN A OD1 1 
ATOM   1243 N ND2 . ASN A 1 174 ? 9.678   16.719  5.949   1.00 38.01  ? 155 ASN A ND2 1 
ATOM   1244 N N   . ILE A 1 175 ? 5.994   15.106  2.381   1.00 29.98  ? 156 ILE A N   1 
ATOM   1245 C CA  . ILE A 1 175 ? 5.103   15.285  1.241   1.00 31.29  ? 156 ILE A CA  1 
ATOM   1246 C C   . ILE A 1 175 ? 3.921   14.318  1.358   1.00 32.06  ? 156 ILE A C   1 
ATOM   1247 O O   . ILE A 1 175 ? 2.778   14.701  1.123   1.00 33.61  ? 156 ILE A O   1 
ATOM   1248 C CB  . ILE A 1 175 ? 5.851   15.067  -0.096  1.00 32.21  ? 156 ILE A CB  1 
ATOM   1249 C CG1 . ILE A 1 175 ? 6.994   16.082  -0.209  1.00 31.83  ? 156 ILE A CG1 1 
ATOM   1250 C CG2 . ILE A 1 175 ? 4.888   15.241  -1.276  1.00 32.68  ? 156 ILE A CG2 1 
ATOM   1251 C CD1 . ILE A 1 175 ? 7.863   15.928  -1.456  1.00 33.13  ? 156 ILE A CD1 1 
ATOM   1252 N N   . GLU A 1 176 ? 4.190   13.073  1.742   1.00 31.09  ? 157 GLU A N   1 
ATOM   1253 C CA  . GLU A 1 176 ? 3.121   12.087  1.900   1.00 31.75  ? 157 GLU A CA  1 
ATOM   1254 C C   . GLU A 1 176 ? 2.016   12.623  2.807   1.00 31.34  ? 157 GLU A C   1 
ATOM   1255 O O   . GLU A 1 176 ? 0.837   12.594  2.452   1.00 30.72  ? 157 GLU A O   1 
ATOM   1256 C CB  . GLU A 1 176 ? 3.666   10.784  2.505   1.00 32.04  ? 157 GLU A CB  1 
ATOM   1257 C CG  . GLU A 1 176 ? 4.402   9.879   1.533   1.00 33.85  ? 157 GLU A CG  1 
ATOM   1258 C CD  . GLU A 1 176 ? 3.494   8.862   0.843   1.00 37.38  ? 157 GLU A CD  1 
ATOM   1259 O OE1 . GLU A 1 176 ? 2.886   8.023   1.552   1.00 35.82  ? 157 GLU A OE1 1 
ATOM   1260 O OE2 . GLU A 1 176 ? 3.397   8.896   -0.408  1.00 36.22  ? 157 GLU A OE2 1 
ATOM   1261 N N   . LEU A 1 177 ? 2.406   13.103  3.986   1.00 30.05  ? 158 LEU A N   1 
ATOM   1262 C CA  . LEU A 1 177 ? 1.447   13.627  4.949   1.00 30.60  ? 158 LEU A CA  1 
ATOM   1263 C C   . LEU A 1 177 ? 0.715   14.852  4.409   1.00 30.56  ? 158 LEU A C   1 
ATOM   1264 O O   . LEU A 1 177 ? -0.479  15.016  4.641   1.00 30.24  ? 158 LEU A O   1 
ATOM   1265 C CB  . LEU A 1 177 ? 2.157   13.982  6.263   1.00 31.66  ? 158 LEU A CB  1 
ATOM   1266 C CG  . LEU A 1 177 ? 2.919   12.858  6.977   1.00 33.04  ? 158 LEU A CG  1 
ATOM   1267 C CD1 . LEU A 1 177 ? 3.601   13.419  8.215   1.00 33.34  ? 158 LEU A CD1 1 
ATOM   1268 C CD2 . LEU A 1 177 ? 1.968   11.731  7.352   1.00 31.29  ? 158 LEU A CD2 1 
ATOM   1269 N N   . HIS A 1 178 ? 1.432   15.711  3.692   1.00 31.03  ? 159 HIS A N   1 
ATOM   1270 C CA  . HIS A 1 178 ? 0.826   16.910  3.126   1.00 32.47  ? 159 HIS A CA  1 
ATOM   1271 C C   . HIS A 1 178 ? -0.203  16.533  2.059   1.00 31.67  ? 159 HIS A C   1 
ATOM   1272 O O   . HIS A 1 178 ? -1.289  17.109  2.002   1.00 31.01  ? 159 HIS A O   1 
ATOM   1273 C CB  . HIS A 1 178 ? 1.914   17.813  2.535   1.00 36.55  ? 159 HIS A CB  1 
ATOM   1274 C CG  . HIS A 1 178 ? 1.388   19.043  1.863   1.00 39.22  ? 159 HIS A CG  1 
ATOM   1275 N ND1 . HIS A 1 178 ? 0.876   19.031  0.583   1.00 41.40  ? 159 HIS A ND1 1 
ATOM   1276 C CD2 . HIS A 1 178 ? 1.289   20.322  2.296   1.00 41.54  ? 159 HIS A CD2 1 
ATOM   1277 C CE1 . HIS A 1 178 ? 0.487   20.251  0.255   1.00 42.05  ? 159 HIS A CE1 1 
ATOM   1278 N NE2 . HIS A 1 178 ? 0.726   21.053  1.277   1.00 42.57  ? 159 HIS A NE2 1 
ATOM   1279 N N   . GLU A 1 179 ? 0.142   15.555  1.224   1.00 31.03  ? 160 GLU A N   1 
ATOM   1280 C CA  . GLU A 1 179 ? -0.751  15.084  0.167   1.00 31.45  ? 160 GLU A CA  1 
ATOM   1281 C C   . GLU A 1 179 ? -1.975  14.401  0.765   1.00 31.49  ? 160 GLU A C   1 
ATOM   1282 O O   . GLU A 1 179 ? -3.085  14.521  0.238   1.00 29.14  ? 160 GLU A O   1 
ATOM   1283 C CB  . GLU A 1 179 ? -0.017  14.103  -0.750  1.00 33.04  ? 160 GLU A CB  1 
ATOM   1284 C CG  . GLU A 1 179 ? 1.073   14.742  -1.600  1.00 36.91  ? 160 GLU A CG  1 
ATOM   1285 C CD  . GLU A 1 179 ? 0.528   15.833  -2.503  1.00 40.53  ? 160 GLU A CD  1 
ATOM   1286 O OE1 . GLU A 1 179 ? -0.434  15.553  -3.255  1.00 42.99  ? 160 GLU A OE1 1 
ATOM   1287 O OE2 . GLU A 1 179 ? 1.055   16.966  -2.463  1.00 41.76  ? 160 GLU A OE2 1 
ATOM   1288 N N   . ALA A 1 180 ? -1.765  13.679  1.864   1.00 29.97  ? 161 ALA A N   1 
ATOM   1289 C CA  . ALA A 1 180 ? -2.846  12.979  2.542   1.00 29.78  ? 161 ALA A CA  1 
ATOM   1290 C C   . ALA A 1 180 ? -3.895  13.960  3.040   1.00 30.31  ? 161 ALA A C   1 
ATOM   1291 O O   . ALA A 1 180 ? -5.088  13.654  3.060   1.00 29.38  ? 161 ALA A O   1 
ATOM   1292 C CB  . ALA A 1 180 ? -2.302  12.158  3.712   1.00 27.33  ? 161 ALA A CB  1 
ATOM   1293 N N   . ASN A 1 181 ? -3.438  15.142  3.438   1.00 31.37  ? 162 ASN A N   1 
ATOM   1294 C CA  . ASN A 1 181 ? -4.327  16.181  3.948   1.00 32.88  ? 162 ASN A CA  1 
ATOM   1295 C C   . ASN A 1 181 ? -5.291  16.708  2.884   1.00 32.26  ? 162 ASN A C   1 
ATOM   1296 O O   . ASN A 1 181 ? -6.329  17.279  3.216   1.00 32.67  ? 162 ASN A O   1 
ATOM   1297 C CB  . ASN A 1 181 ? -3.500  17.342  4.501   1.00 36.25  ? 162 ASN A CB  1 
ATOM   1298 C CG  . ASN A 1 181 ? -4.358  18.418  5.133   1.00 40.34  ? 162 ASN A CG  1 
ATOM   1299 O OD1 . ASN A 1 181 ? -3.948  19.571  5.232   1.00 44.17  ? 162 ASN A OD1 1 
ATOM   1300 N ND2 . ASN A 1 181 ? -5.554  18.042  5.578   1.00 43.38  ? 162 ASN A ND2 1 
ATOM   1301 N N   . LEU A 1 182 ? -4.950  16.517  1.612   1.00 31.22  ? 163 LEU A N   1 
ATOM   1302 C CA  . LEU A 1 182 ? -5.790  16.990  0.512   1.00 31.50  ? 163 LEU A CA  1 
ATOM   1303 C C   . LEU A 1 182 ? -6.755  15.931  -0.021  1.00 31.11  ? 163 LEU A C   1 
ATOM   1304 O O   . LEU A 1 182 ? -7.553  16.202  -0.918  1.00 31.29  ? 163 LEU A O   1 
ATOM   1305 C CB  . LEU A 1 182 ? -4.909  17.497  -0.635  1.00 32.69  ? 163 LEU A CB  1 
ATOM   1306 C CG  . LEU A 1 182 ? -4.005  18.677  -0.258  1.00 33.74  ? 163 LEU A CG  1 
ATOM   1307 C CD1 . LEU A 1 182 ? -3.082  19.041  -1.409  1.00 34.99  ? 163 LEU A CD1 1 
ATOM   1308 C CD2 . LEU A 1 182 ? -4.874  19.854  0.123   1.00 34.62  ? 163 LEU A CD2 1 
ATOM   1309 N N   . LEU A 1 183 ? -6.693  14.729  0.539   1.00 29.14  ? 164 LEU A N   1 
ATOM   1310 C CA  . LEU A 1 183 ? -7.563  13.654  0.088   1.00 26.44  ? 164 LEU A CA  1 
ATOM   1311 C C   . LEU A 1 183 ? -8.580  13.260  1.144   1.00 26.04  ? 164 LEU A C   1 
ATOM   1312 O O   . LEU A 1 183 ? -8.448  13.604  2.325   1.00 25.72  ? 164 LEU A O   1 
ATOM   1313 C CB  . LEU A 1 183 ? -6.735  12.418  -0.286  1.00 26.00  ? 164 LEU A CB  1 
ATOM   1314 C CG  . LEU A 1 183 ? -5.656  12.523  -1.371  1.00 25.33  ? 164 LEU A CG  1 
ATOM   1315 C CD1 . LEU A 1 183 ? -4.798  11.266  -1.349  1.00 25.23  ? 164 LEU A CD1 1 
ATOM   1316 C CD2 . LEU A 1 183 ? -6.306  12.701  -2.741  1.00 25.22  ? 164 LEU A CD2 1 
ATOM   1317 N N   . ASN A 1 184 ? -9.596  12.529  0.707   1.00 24.30  ? 165 ASN A N   1 
ATOM   1318 C CA  . ASN A 1 184 ? -10.628 12.046  1.608   1.00 26.24  ? 165 ASN A CA  1 
ATOM   1319 C C   . ASN A 1 184 ? -10.499 10.527  1.727   1.00 25.70  ? 165 ASN A C   1 
ATOM   1320 O O   . ASN A 1 184 ? -10.254 9.837   0.740   1.00 23.81  ? 165 ASN A O   1 
ATOM   1321 C CB  . ASN A 1 184 ? -12.023 12.400  1.084   1.00 26.22  ? 165 ASN A CB  1 
ATOM   1322 C CG  . ASN A 1 184 ? -12.244 13.897  0.969   1.00 29.20  ? 165 ASN A CG  1 
ATOM   1323 O OD1 . ASN A 1 184 ? -11.805 14.670  1.819   1.00 30.07  ? 165 ASN A OD1 1 
ATOM   1324 N ND2 . ASN A 1 184 ? -12.939 14.311  -0.079  1.00 31.42  ? 165 ASN A ND2 1 
ATOM   1325 N N   . PHE A 1 185 ? -10.645 10.023  2.945   1.00 25.52  ? 166 PHE A N   1 
ATOM   1326 C CA  . PHE A 1 185 ? -10.571 8.592   3.210   1.00 25.67  ? 166 PHE A CA  1 
ATOM   1327 C C   . PHE A 1 185 ? -11.871 8.177   3.883   1.00 26.56  ? 166 PHE A C   1 
ATOM   1328 O O   . PHE A 1 185 ? -12.551 9.011   4.480   1.00 24.67  ? 166 PHE A O   1 
ATOM   1329 C CB  . PHE A 1 185 ? -9.391  8.280   4.134   1.00 24.83  ? 166 PHE A CB  1 
ATOM   1330 C CG  . PHE A 1 185 ? -8.071  8.732   3.593   1.00 24.04  ? 166 PHE A CG  1 
ATOM   1331 C CD1 . PHE A 1 185 ? -7.492  9.916   4.035   1.00 24.55  ? 166 PHE A CD1 1 
ATOM   1332 C CD2 . PHE A 1 185 ? -7.424  7.996   2.608   1.00 23.56  ? 166 PHE A CD2 1 
ATOM   1333 C CE1 . PHE A 1 185 ? -6.285  10.360  3.499   1.00 24.93  ? 166 PHE A CE1 1 
ATOM   1334 C CE2 . PHE A 1 185 ? -6.218  8.430   2.065   1.00 23.07  ? 166 PHE A CE2 1 
ATOM   1335 C CZ  . PHE A 1 185 ? -5.650  9.608   2.509   1.00 24.56  ? 166 PHE A CZ  1 
ATOM   1336 N N   . ASN A 1 186 ? -12.222 6.898   3.783   1.00 25.58  ? 167 ASN A N   1 
ATOM   1337 C CA  . ASN A 1 186 ? -13.444 6.417   4.403   1.00 25.67  ? 167 ASN A CA  1 
ATOM   1338 C C   . ASN A 1 186 ? -13.250 6.323   5.908   1.00 25.24  ? 167 ASN A C   1 
ATOM   1339 O O   . ASN A 1 186 ? -14.197 6.472   6.677   1.00 25.40  ? 167 ASN A O   1 
ATOM   1340 C CB  . ASN A 1 186 ? -13.835 5.062   3.825   1.00 25.30  ? 167 ASN A CB  1 
ATOM   1341 C CG  . ASN A 1 186 ? -14.094 5.130   2.336   1.00 27.98  ? 167 ASN A CG  1 
ATOM   1342 O OD1 . ASN A 1 186 ? -13.194 4.913   1.523   1.00 25.39  ? 167 ASN A OD1 1 
ATOM   1343 N ND2 . ASN A 1 186 ? -15.330 5.460   1.968   1.00 28.84  ? 167 ASN A ND2 1 
ATOM   1344 N N   . LEU A 1 187 ? -12.011 6.085   6.315   1.00 23.99  ? 168 LEU A N   1 
ATOM   1345 C CA  . LEU A 1 187 ? -11.656 5.991   7.723   1.00 23.38  ? 168 LEU A CA  1 
ATOM   1346 C C   . LEU A 1 187 ? -10.181 6.320   7.879   1.00 23.99  ? 168 LEU A C   1 
ATOM   1347 O O   . LEU A 1 187 ? -9.362  5.950   7.033   1.00 24.91  ? 168 LEU A O   1 
ATOM   1348 C CB  . LEU A 1 187 ? -11.913 4.582   8.261   1.00 22.12  ? 168 LEU A CB  1 
ATOM   1349 C CG  . LEU A 1 187 ? -11.491 4.359   9.725   1.00 23.05  ? 168 LEU A CG  1 
ATOM   1350 C CD1 . LEU A 1 187 ? -12.402 5.149   10.645  1.00 25.01  ? 168 LEU A CD1 1 
ATOM   1351 C CD2 . LEU A 1 187 ? -11.554 2.879   10.070  1.00 18.39  ? 168 LEU A CD2 1 
ATOM   1352 N N   . SER A 1 188 ? -9.854  7.024   8.957   1.00 24.72  ? 169 SER A N   1 
ATOM   1353 C CA  . SER A 1 188 ? -8.479  7.402   9.260   1.00 25.56  ? 169 SER A CA  1 
ATOM   1354 C C   . SER A 1 188 ? -8.227  6.983   10.700  1.00 26.27  ? 169 SER A C   1 
ATOM   1355 O O   . SER A 1 188 ? -9.051  7.249   11.575  1.00 25.55  ? 169 SER A O   1 
ATOM   1356 C CB  . SER A 1 188 ? -8.284  8.919   9.127   1.00 27.09  ? 169 SER A CB  1 
ATOM   1357 O OG  . SER A 1 188 ? -8.366  9.337   7.772   1.00 31.54  ? 169 SER A OG  1 
ATOM   1358 N N   . ILE A 1 189 ? -7.100  6.319   10.943  1.00 25.40  ? 170 ILE A N   1 
ATOM   1359 C CA  . ILE A 1 189 ? -6.772  5.870   12.293  1.00 27.15  ? 170 ILE A CA  1 
ATOM   1360 C C   . ILE A 1 189 ? -5.345  6.199   12.695  1.00 26.79  ? 170 ILE A C   1 
ATOM   1361 O O   . ILE A 1 189 ? -4.401  5.845   11.989  1.00 24.70  ? 170 ILE A O   1 
ATOM   1362 C CB  . ILE A 1 189 ? -6.910  4.335   12.452  1.00 27.19  ? 170 ILE A CB  1 
ATOM   1363 C CG1 . ILE A 1 189 ? -8.300  3.862   12.031  1.00 27.73  ? 170 ILE A CG1 1 
ATOM   1364 C CG2 . ILE A 1 189 ? -6.653  3.948   13.906  1.00 30.36  ? 170 ILE A CG2 1 
ATOM   1365 C CD1 . ILE A 1 189 ? -8.448  2.351   12.069  1.00 27.30  ? 170 ILE A CD1 1 
ATOM   1366 N N   . ILE A 1 190 ? -5.186  6.868   13.831  1.00 27.09  ? 171 ILE A N   1 
ATOM   1367 C CA  . ILE A 1 190 ? -3.853  7.171   14.329  1.00 28.54  ? 171 ILE A CA  1 
ATOM   1368 C C   . ILE A 1 190 ? -3.399  5.880   15.005  1.00 29.63  ? 171 ILE A C   1 
ATOM   1369 O O   . ILE A 1 190 ? -3.924  5.507   16.053  1.00 31.15  ? 171 ILE A O   1 
ATOM   1370 C CB  . ILE A 1 190 ? -3.877  8.326   15.355  1.00 29.77  ? 171 ILE A CB  1 
ATOM   1371 C CG1 . ILE A 1 190 ? -4.313  9.618   14.658  1.00 31.58  ? 171 ILE A CG1 1 
ATOM   1372 C CG2 . ILE A 1 190 ? -2.494  8.508   15.981  1.00 30.16  ? 171 ILE A CG2 1 
ATOM   1373 C CD1 . ILE A 1 190 ? -4.371  10.831  15.571  1.00 32.72  ? 171 ILE A CD1 1 
ATOM   1374 N N   . ASN A 1 191 ? -2.436  5.190   14.399  1.00 30.05  ? 172 ASN A N   1 
ATOM   1375 C CA  . ASN A 1 191 ? -1.952  3.926   14.942  1.00 30.36  ? 172 ASN A CA  1 
ATOM   1376 C C   . ASN A 1 191 ? -0.977  4.097   16.099  1.00 31.03  ? 172 ASN A C   1 
ATOM   1377 O O   . ASN A 1 191 ? 0.233   3.957   15.931  1.00 28.48  ? 172 ASN A O   1 
ATOM   1378 C CB  . ASN A 1 191 ? -1.309  3.082   13.833  1.00 29.30  ? 172 ASN A CB  1 
ATOM   1379 C CG  . ASN A 1 191 ? -0.878  1.701   14.314  1.00 31.34  ? 172 ASN A CG  1 
ATOM   1380 O OD1 . ASN A 1 191 ? -1.334  1.218   15.353  1.00 31.18  ? 172 ASN A OD1 1 
ATOM   1381 N ND2 . ASN A 1 191 ? -0.008  1.053   13.548  1.00 30.81  ? 172 ASN A ND2 1 
ATOM   1382 N N   . ASP A 1 192 ? -1.524  4.406   17.273  1.00 33.61  ? 173 ASP A N   1 
ATOM   1383 C CA  . ASP A 1 192 ? -0.731  4.577   18.486  1.00 37.12  ? 173 ASP A CA  1 
ATOM   1384 C C   . ASP A 1 192 ? -0.513  3.211   19.124  1.00 37.11  ? 173 ASP A C   1 
ATOM   1385 O O   . ASP A 1 192 ? 0.591   2.876   19.543  1.00 38.80  ? 173 ASP A O   1 
ATOM   1386 C CB  . ASP A 1 192 ? -1.456  5.479   19.492  1.00 39.39  ? 173 ASP A CB  1 
ATOM   1387 C CG  . ASP A 1 192 ? -1.557  6.913   19.028  1.00 43.20  ? 173 ASP A CG  1 
ATOM   1388 O OD1 . ASP A 1 192 ? -0.517  7.482   18.634  1.00 44.43  ? 173 ASP A OD1 1 
ATOM   1389 O OD2 . ASP A 1 192 ? -2.675  7.476   19.064  1.00 46.63  ? 173 ASP A OD2 1 
ATOM   1390 N N   . ASP A 1 193 ? -1.588  2.433   19.199  1.00 38.22  ? 174 ASP A N   1 
ATOM   1391 C CA  . ASP A 1 193 ? -1.553  1.097   19.787  1.00 38.30  ? 174 ASP A CA  1 
ATOM   1392 C C   . ASP A 1 193 ? -2.097  0.091   18.771  1.00 36.32  ? 174 ASP A C   1 
ATOM   1393 O O   . ASP A 1 193 ? -3.253  0.181   18.360  1.00 35.84  ? 174 ASP A O   1 
ATOM   1394 C CB  . ASP A 1 193 ? -2.404  1.069   21.063  1.00 40.96  ? 174 ASP A CB  1 
ATOM   1395 C CG  . ASP A 1 193 ? -2.590  -0.333  21.617  1.00 44.35  ? 174 ASP A CG  1 
ATOM   1396 O OD1 . ASP A 1 193 ? -3.337  -0.486  22.608  1.00 49.12  ? 174 ASP A OD1 1 
ATOM   1397 O OD2 . ASP A 1 193 ? -1.995  -1.285  21.073  1.00 47.32  ? 174 ASP A OD2 1 
ATOM   1398 N N   . LEU A 1 194 ? -1.260  -0.862  18.379  1.00 34.58  ? 175 LEU A N   1 
ATOM   1399 C CA  . LEU A 1 194 ? -1.640  -1.872  17.397  1.00 34.24  ? 175 LEU A CA  1 
ATOM   1400 C C   . LEU A 1 194 ? -2.972  -2.561  17.682  1.00 33.96  ? 175 LEU A C   1 
ATOM   1401 O O   . LEU A 1 194 ? -3.830  -2.658  16.804  1.00 34.48  ? 175 LEU A O   1 
ATOM   1402 C CB  . LEU A 1 194 ? -0.540  -2.931  17.281  1.00 34.62  ? 175 LEU A CB  1 
ATOM   1403 C CG  . LEU A 1 194 ? -0.859  -4.104  16.357  1.00 35.26  ? 175 LEU A CG  1 
ATOM   1404 C CD1 . LEU A 1 194 ? -1.064  -3.598  14.926  1.00 37.18  ? 175 LEU A CD1 1 
ATOM   1405 C CD2 . LEU A 1 194 ? 0.269   -5.114  16.411  1.00 37.04  ? 175 LEU A CD2 1 
ATOM   1406 N N   . THR A 1 195 ? -3.131  -3.051  18.905  1.00 32.95  ? 176 THR A N   1 
ATOM   1407 C CA  . THR A 1 195 ? -4.348  -3.750  19.313  1.00 32.13  ? 176 THR A CA  1 
ATOM   1408 C C   . THR A 1 195 ? -5.610  -2.923  19.067  1.00 30.92  ? 176 THR A C   1 
ATOM   1409 O O   . THR A 1 195 ? -6.560  -3.393  18.444  1.00 30.60  ? 176 THR A O   1 
ATOM   1410 C CB  . THR A 1 195 ? -4.265  -4.138  20.811  1.00 32.48  ? 176 THR A CB  1 
ATOM   1411 O OG1 . THR A 1 195 ? -3.250  -5.135  20.978  1.00 35.15  ? 176 THR A OG1 1 
ATOM   1412 C CG2 . THR A 1 195 ? -5.591  -4.681  21.316  1.00 31.09  ? 176 THR A CG2 1 
ATOM   1413 N N   . LEU A 1 196 ? -5.610  -1.690  19.558  1.00 29.79  ? 177 LEU A N   1 
ATOM   1414 C CA  . LEU A 1 196 ? -6.749  -0.803  19.400  1.00 29.81  ? 177 LEU A CA  1 
ATOM   1415 C C   . LEU A 1 196 ? -6.991  -0.456  17.935  1.00 28.28  ? 177 LEU A C   1 
ATOM   1416 O O   . LEU A 1 196 ? -8.130  -0.346  17.497  1.00 28.14  ? 177 LEU A O   1 
ATOM   1417 C CB  . LEU A 1 196 ? -6.518  0.473   20.206  1.00 32.94  ? 177 LEU A CB  1 
ATOM   1418 C CG  . LEU A 1 196 ? -6.237  0.207   21.689  1.00 36.11  ? 177 LEU A CG  1 
ATOM   1419 C CD1 . LEU A 1 196 ? -5.807  1.497   22.375  1.00 38.45  ? 177 LEU A CD1 1 
ATOM   1420 C CD2 . LEU A 1 196 ? -7.485  -0.379  22.347  1.00 36.84  ? 177 LEU A CD2 1 
ATOM   1421 N N   . THR A 1 197 ? -5.915  -0.285  17.179  1.00 27.17  ? 178 THR A N   1 
ATOM   1422 C CA  . THR A 1 197 ? -6.033  0.051   15.769  1.00 26.25  ? 178 THR A CA  1 
ATOM   1423 C C   . THR A 1 197 ? -6.644  -1.113  15.000  1.00 25.82  ? 178 THR A C   1 
ATOM   1424 O O   . THR A 1 197 ? -7.558  -0.929  14.190  1.00 21.78  ? 178 THR A O   1 
ATOM   1425 C CB  . THR A 1 197 ? -4.660  0.389   15.169  1.00 25.80  ? 178 THR A CB  1 
ATOM   1426 O OG1 . THR A 1 197 ? -4.100  1.491   15.888  1.00 25.14  ? 178 THR A OG1 1 
ATOM   1427 C CG2 . THR A 1 197 ? -4.787  0.770   13.693  1.00 23.33  ? 178 THR A CG2 1 
ATOM   1428 N N   . TYR A 1 198 ? -6.145  -2.315  15.261  1.00 24.42  ? 179 TYR A N   1 
ATOM   1429 C CA  . TYR A 1 198 ? -6.666  -3.480  14.569  1.00 25.75  ? 179 TYR A CA  1 
ATOM   1430 C C   . TYR A 1 198 ? -8.139  -3.695  14.904  1.00 26.26  ? 179 TYR A C   1 
ATOM   1431 O O   . TYR A 1 198 ? -8.929  -4.086  14.046  1.00 26.66  ? 179 TYR A O   1 
ATOM   1432 C CB  . TYR A 1 198 ? -5.883  -4.735  14.938  1.00 25.10  ? 179 TYR A CB  1 
ATOM   1433 C CG  . TYR A 1 198 ? -6.375  -5.934  14.176  1.00 26.36  ? 179 TYR A CG  1 
ATOM   1434 C CD1 . TYR A 1 198 ? -6.154  -6.041  12.803  1.00 26.49  ? 179 TYR A CD1 1 
ATOM   1435 C CD2 . TYR A 1 198 ? -7.131  -6.922  14.803  1.00 26.03  ? 179 TYR A CD2 1 
ATOM   1436 C CE1 . TYR A 1 198 ? -6.677  -7.097  12.071  1.00 26.89  ? 179 TYR A CE1 1 
ATOM   1437 C CE2 . TYR A 1 198 ? -7.661  -7.988  14.080  1.00 25.78  ? 179 TYR A CE2 1 
ATOM   1438 C CZ  . TYR A 1 198 ? -7.431  -8.063  12.710  1.00 27.12  ? 179 TYR A CZ  1 
ATOM   1439 O OH  . TYR A 1 198 ? -7.975  -9.085  11.969  1.00 27.19  ? 179 TYR A OH  1 
ATOM   1440 N N   . GLN A 1 199 ? -8.499  -3.445  16.158  1.00 27.35  ? 180 GLN A N   1 
ATOM   1441 C CA  . GLN A 1 199 ? -9.877  -3.606  16.607  1.00 28.73  ? 180 GLN A CA  1 
ATOM   1442 C C   . GLN A 1 199 ? -10.821 -2.660  15.862  1.00 27.84  ? 180 GLN A C   1 
ATOM   1443 O O   . GLN A 1 199 ? -11.887 -3.069  15.404  1.00 27.04  ? 180 GLN A O   1 
ATOM   1444 C CB  . GLN A 1 199 ? -9.966  -3.363  18.117  1.00 31.63  ? 180 GLN A CB  1 
ATOM   1445 C CG  . GLN A 1 199 ? -11.375 -3.131  18.634  1.00 35.37  ? 180 GLN A CG  1 
ATOM   1446 C CD  . GLN A 1 199 ? -11.428 -3.055  20.145  1.00 38.08  ? 180 GLN A CD  1 
ATOM   1447 O OE1 . GLN A 1 199 ? -11.393 -4.077  20.829  1.00 40.22  ? 180 GLN A OE1 1 
ATOM   1448 N NE2 . GLN A 1 199 ? -11.501 -1.838  20.677  1.00 38.93  ? 180 GLN A NE2 1 
ATOM   1449 N N   . GLN A 1 200 ? -10.436 -1.394  15.743  1.00 27.45  ? 181 GLN A N   1 
ATOM   1450 C CA  . GLN A 1 200 ? -11.269 -0.435  15.029  1.00 27.98  ? 181 GLN A CA  1 
ATOM   1451 C C   . GLN A 1 200 ? -11.325 -0.863  13.567  1.00 27.54  ? 181 GLN A C   1 
ATOM   1452 O O   . GLN A 1 200 ? -12.378 -0.831  12.932  1.00 27.75  ? 181 GLN A O   1 
ATOM   1453 C CB  . GLN A 1 200 ? -10.674 0.972   15.097  1.00 28.85  ? 181 GLN A CB  1 
ATOM   1454 C CG  . GLN A 1 200 ? -10.429 1.526   16.487  1.00 34.46  ? 181 GLN A CG  1 
ATOM   1455 C CD  . GLN A 1 200 ? -9.666  2.844   16.439  1.00 35.69  ? 181 GLN A CD  1 
ATOM   1456 O OE1 . GLN A 1 200 ? -10.132 3.825   15.854  1.00 37.57  ? 181 GLN A OE1 1 
ATOM   1457 N NE2 . GLN A 1 200 ? -8.483  2.868   17.045  1.00 35.31  ? 181 GLN A NE2 1 
ATOM   1458 N N   . LEU A 1 201 ? -10.175 -1.263  13.036  1.00 27.33  ? 182 LEU A N   1 
ATOM   1459 C CA  . LEU A 1 201 ? -10.085 -1.679  11.645  1.00 26.53  ? 182 LEU A CA  1 
ATOM   1460 C C   . LEU A 1 201 ? -10.986 -2.871  11.376  1.00 26.23  ? 182 LEU A C   1 
ATOM   1461 O O   . LEU A 1 201 ? -11.781 -2.866  10.437  1.00 25.88  ? 182 LEU A O   1 
ATOM   1462 C CB  . LEU A 1 201 ? -8.643  -2.040  11.288  1.00 27.03  ? 182 LEU A CB  1 
ATOM   1463 C CG  . LEU A 1 201 ? -8.446  -2.455  9.824   1.00 29.90  ? 182 LEU A CG  1 
ATOM   1464 C CD1 . LEU A 1 201 ? -8.907  -1.320  8.906   1.00 28.65  ? 182 LEU A CD1 1 
ATOM   1465 C CD2 . LEU A 1 201 ? -6.985  -2.803  9.572   1.00 28.67  ? 182 LEU A CD2 1 
ATOM   1466 N N   . LYS A 1 202 ? -10.850 -3.893  12.212  1.00 24.84  ? 183 LYS A N   1 
ATOM   1467 C CA  . LYS A 1 202 ? -11.644 -5.102  12.082  1.00 23.86  ? 183 LYS A CA  1 
ATOM   1468 C C   . LYS A 1 202 ? -13.146 -4.824  12.155  1.00 23.05  ? 183 LYS A C   1 
ATOM   1469 O O   . LYS A 1 202 ? -13.906 -5.325  11.331  1.00 21.87  ? 183 LYS A O   1 
ATOM   1470 C CB  . LYS A 1 202 ? -11.245 -6.100  13.171  1.00 23.78  ? 183 LYS A CB  1 
ATOM   1471 C CG  . LYS A 1 202 ? -12.092 -7.369  13.203  1.00 26.29  ? 183 LYS A CG  1 
ATOM   1472 C CD  . LYS A 1 202 ? -11.649 -8.305  14.324  1.00 29.14  ? 183 LYS A CD  1 
ATOM   1473 C CE  . LYS A 1 202 ? -12.644 -9.439  14.504  1.00 33.93  ? 183 LYS A CE  1 
ATOM   1474 N NZ  . LYS A 1 202 ? -12.185 -10.462 15.489  1.00 35.68  ? 183 LYS A NZ  1 
ATOM   1475 N N   . ASN A 1 203 ? -13.582 -4.021  13.121  1.00 22.85  ? 184 ASN A N   1 
ATOM   1476 C CA  . ASN A 1 203 ? -15.012 -3.757  13.235  1.00 23.90  ? 184 ASN A CA  1 
ATOM   1477 C C   . ASN A 1 203 ? -15.541 -3.067  11.989  1.00 23.94  ? 184 ASN A C   1 
ATOM   1478 O O   . ASN A 1 203 ? -16.616 -3.396  11.496  1.00 22.63  ? 184 ASN A O   1 
ATOM   1479 C CB  . ASN A 1 203 ? -15.328 -2.911  14.470  1.00 23.28  ? 184 ASN A CB  1 
ATOM   1480 C CG  . ASN A 1 203 ? -16.821 -2.833  14.739  1.00 25.51  ? 184 ASN A CG  1 
ATOM   1481 O OD1 . ASN A 1 203 ? -17.441 -1.781  14.584  1.00 27.31  ? 184 ASN A OD1 1 
ATOM   1482 N ND2 . ASN A 1 203 ? -17.409 -3.959  15.126  1.00 25.18  ? 184 ASN A ND2 1 
ATOM   1483 N N   . TYR A 1 204 ? -14.763 -2.121  11.476  1.00 25.24  ? 185 TYR A N   1 
ATOM   1484 C CA  . TYR A 1 204 ? -15.132 -1.385  10.282  1.00 24.42  ? 185 TYR A CA  1 
ATOM   1485 C C   . TYR A 1 204 ? -15.300 -2.327  9.094   1.00 23.72  ? 185 TYR A C   1 
ATOM   1486 O O   . TYR A 1 204 ? -16.253 -2.207  8.321   1.00 23.15  ? 185 TYR A O   1 
ATOM   1487 C CB  . TYR A 1 204 ? -14.048 -0.357  9.959   1.00 28.24  ? 185 TYR A CB  1 
ATOM   1488 C CG  . TYR A 1 204 ? -14.458 0.634   8.903   1.00 30.72  ? 185 TYR A CG  1 
ATOM   1489 C CD1 . TYR A 1 204 ? -15.160 1.783   9.243   1.00 32.79  ? 185 TYR A CD1 1 
ATOM   1490 C CD2 . TYR A 1 204 ? -14.158 0.416   7.562   1.00 31.05  ? 185 TYR A CD2 1 
ATOM   1491 C CE1 . TYR A 1 204 ? -15.555 2.698   8.274   1.00 35.26  ? 185 TYR A CE1 1 
ATOM   1492 C CE2 . TYR A 1 204 ? -14.555 1.327   6.581   1.00 33.51  ? 185 TYR A CE2 1 
ATOM   1493 C CZ  . TYR A 1 204 ? -15.250 2.463   6.948   1.00 33.08  ? 185 TYR A CZ  1 
ATOM   1494 O OH  . TYR A 1 204 ? -15.639 3.377   5.998   1.00 38.66  ? 185 TYR A OH  1 
ATOM   1495 N N   . LEU A 1 205 ? -14.369 -3.268  8.950   1.00 24.34  ? 186 LEU A N   1 
ATOM   1496 C CA  . LEU A 1 205 ? -14.406 -4.220  7.847   1.00 24.19  ? 186 LEU A CA  1 
ATOM   1497 C C   . LEU A 1 205 ? -15.504 -5.271  8.012   1.00 23.91  ? 186 LEU A C   1 
ATOM   1498 O O   . LEU A 1 205 ? -16.082 -5.735  7.026   1.00 23.92  ? 186 LEU A O   1 
ATOM   1499 C CB  . LEU A 1 205 ? -13.040 -4.893  7.688   1.00 25.60  ? 186 LEU A CB  1 
ATOM   1500 C CG  . LEU A 1 205 ? -11.889 -3.933  7.363   1.00 27.08  ? 186 LEU A CG  1 
ATOM   1501 C CD1 . LEU A 1 205 ? -10.632 -4.737  7.074   1.00 28.20  ? 186 LEU A CD1 1 
ATOM   1502 C CD2 . LEU A 1 205 ? -12.251 -3.065  6.144   1.00 27.31  ? 186 LEU A CD2 1 
ATOM   1503 N N   . LEU A 1 206 ? -15.793 -5.648  9.252   1.00 23.17  ? 187 LEU A N   1 
ATOM   1504 C CA  . LEU A 1 206 ? -16.856 -6.615  9.505   1.00 22.81  ? 187 LEU A CA  1 
ATOM   1505 C C   . LEU A 1 206 ? -18.177 -6.022  9.024   1.00 21.86  ? 187 LEU A C   1 
ATOM   1506 O O   . LEU A 1 206 ? -18.988 -6.713  8.412   1.00 21.07  ? 187 LEU A O   1 
ATOM   1507 C CB  . LEU A 1 206 ? -16.958 -6.928  10.998  1.00 23.81  ? 187 LEU A CB  1 
ATOM   1508 C CG  . LEU A 1 206 ? -15.826 -7.765  11.599  1.00 25.80  ? 187 LEU A CG  1 
ATOM   1509 C CD1 . LEU A 1 206 ? -15.996 -7.874  13.115  1.00 27.43  ? 187 LEU A CD1 1 
ATOM   1510 C CD2 . LEU A 1 206 ? -15.836 -9.137  10.962  1.00 25.93  ? 187 LEU A CD2 1 
ATOM   1511 N N   . ASN A 1 207 ? -18.386 -4.736  9.298   1.00 20.39  ? 188 ASN A N   1 
ATOM   1512 C CA  . ASN A 1 207 ? -19.619 -4.058  8.893   1.00 21.82  ? 188 ASN A CA  1 
ATOM   1513 C C   . ASN A 1 207 ? -19.685 -3.772  7.400   1.00 22.80  ? 188 ASN A C   1 
ATOM   1514 O O   . ASN A 1 207 ? -20.771 -3.740  6.816   1.00 22.81  ? 188 ASN A O   1 
ATOM   1515 C CB  . ASN A 1 207 ? -19.786 -2.740  9.653   1.00 20.82  ? 188 ASN A CB  1 
ATOM   1516 C CG  . ASN A 1 207 ? -19.975 -2.943  11.142  1.00 22.82  ? 188 ASN A CG  1 
ATOM   1517 O OD1 . ASN A 1 207 ? -20.255 -4.053  11.601  1.00 20.48  ? 188 ASN A OD1 1 
ATOM   1518 N ND2 . ASN A 1 207 ? -19.830 -1.869  11.905  1.00 22.65  ? 188 ASN A ND2 1 
ATOM   1519 N N   . SER A 1 208 ? -18.520 -3.558  6.793   1.00 23.69  ? 189 SER A N   1 
ATOM   1520 C CA  . SER A 1 208 ? -18.423 -3.249  5.371   1.00 25.03  ? 189 SER A CA  1 
ATOM   1521 C C   . SER A 1 208 ? -18.451 -4.472  4.478   1.00 25.24  ? 189 SER A C   1 
ATOM   1522 O O   . SER A 1 208 ? -19.024 -4.428  3.396   1.00 25.70  ? 189 SER A O   1 
ATOM   1523 C CB  . SER A 1 208 ? -17.125 -2.485  5.067   1.00 24.16  ? 189 SER A CB  1 
ATOM   1524 O OG  . SER A 1 208 ? -17.007 -1.305  5.835   1.00 23.65  ? 189 SER A OG  1 
ATOM   1525 N N   . TYR A 1 209 ? -17.841 -5.568  4.928   1.00 26.05  ? 190 TYR A N   1 
ATOM   1526 C CA  . TYR A 1 209 ? -17.766 -6.764  4.094   1.00 26.23  ? 190 TYR A CA  1 
ATOM   1527 C C   . TYR A 1 209 ? -18.252 -8.106  4.631   1.00 28.99  ? 190 TYR A C   1 
ATOM   1528 O O   . TYR A 1 209 ? -18.985 -8.823  3.948   1.00 28.37  ? 190 TYR A O   1 
ATOM   1529 C CB  . TYR A 1 209 ? -16.322 -7.007  3.659   1.00 24.71  ? 190 TYR A CB  1 
ATOM   1530 C CG  . TYR A 1 209 ? -15.651 -5.935  2.847   1.00 22.43  ? 190 TYR A CG  1 
ATOM   1531 C CD1 . TYR A 1 209 ? -14.726 -5.076  3.433   1.00 20.53  ? 190 TYR A CD1 1 
ATOM   1532 C CD2 . TYR A 1 209 ? -15.837 -5.864  1.465   1.00 22.12  ? 190 TYR A CD2 1 
ATOM   1533 C CE1 . TYR A 1 209 ? -13.993 -4.188  2.667   1.00 23.39  ? 190 TYR A CE1 1 
ATOM   1534 C CE2 . TYR A 1 209 ? -15.107 -4.971  0.684   1.00 21.61  ? 190 TYR A CE2 1 
ATOM   1535 C CZ  . TYR A 1 209 ? -14.184 -4.143  1.290   1.00 22.94  ? 190 TYR A CZ  1 
ATOM   1536 O OH  . TYR A 1 209 ? -13.424 -3.292  0.520   1.00 24.84  ? 190 TYR A OH  1 
ATOM   1537 N N   . ILE A 1 210 ? -17.806 -8.455  5.834   1.00 30.86  ? 191 ILE A N   1 
ATOM   1538 C CA  . ILE A 1 210 ? -18.106 -9.757  6.428   1.00 32.34  ? 191 ILE A CA  1 
ATOM   1539 C C   . ILE A 1 210 ? -19.520 -10.061 6.915   1.00 34.02  ? 191 ILE A C   1 
ATOM   1540 O O   . ILE A 1 210 ? -20.145 -11.009 6.439   1.00 35.17  ? 191 ILE A O   1 
ATOM   1541 C CB  . ILE A 1 210 ? -17.114 -10.055 7.581   1.00 32.47  ? 191 ILE A CB  1 
ATOM   1542 C CG1 . ILE A 1 210 ? -15.695 -9.672  7.152   1.00 31.08  ? 191 ILE A CG1 1 
ATOM   1543 C CG2 . ILE A 1 210 ? -17.155 -11.537 7.941   1.00 31.80  ? 191 ILE A CG2 1 
ATOM   1544 C CD1 . ILE A 1 210 ? -15.239 -10.330 5.877   1.00 31.92  ? 191 ILE A CD1 1 
ATOM   1545 N N   . HIS A 1 211 ? -20.021 -9.282  7.869   1.00 33.76  ? 192 HIS A N   1 
ATOM   1546 C CA  . HIS A 1 211 ? -21.359 -9.509  8.406   1.00 33.78  ? 192 HIS A CA  1 
ATOM   1547 C C   . HIS A 1 211 ? -22.443 -9.677  7.352   1.00 34.59  ? 192 HIS A C   1 
ATOM   1548 O O   . HIS A 1 211 ? -22.506 -8.919  6.386   1.00 34.30  ? 192 HIS A O   1 
ATOM   1549 C CB  . HIS A 1 211 ? -21.765 -8.370  9.343   1.00 31.63  ? 192 HIS A CB  1 
ATOM   1550 C CG  . HIS A 1 211 ? -21.123 -8.441  10.690  1.00 30.78  ? 192 HIS A CG  1 
ATOM   1551 N ND1 . HIS A 1 211 ? -21.075 -9.606  11.424  1.00 29.76  ? 192 HIS A ND1 1 
ATOM   1552 C CD2 . HIS A 1 211 ? -20.541 -7.488  11.453  1.00 30.34  ? 192 HIS A CD2 1 
ATOM   1553 C CE1 . HIS A 1 211 ? -20.491 -9.366  12.585  1.00 29.09  ? 192 HIS A CE1 1 
ATOM   1554 N NE2 . HIS A 1 211 ? -20.157 -8.088  12.628  1.00 31.05  ? 192 HIS A NE2 1 
ATOM   1555 N N   . LEU A 1 212 ? -23.295 -10.679 7.562   1.00 36.24  ? 193 LEU A N   1 
ATOM   1556 C CA  . LEU A 1 212 ? -24.409 -10.970 6.667   1.00 38.01  ? 193 LEU A CA  1 
ATOM   1557 C C   . LEU A 1 212 ? -23.987 -11.109 5.207   1.00 39.81  ? 193 LEU A C   1 
ATOM   1558 O O   . LEU A 1 212 ? -22.780 -11.320 4.950   1.00 41.64  ? 193 LEU A O   1 
ATOM   1559 C CB  . LEU A 1 212 ? -25.476 -9.878  6.800   1.00 38.94  ? 193 LEU A CB  1 
ATOM   1560 C CG  . LEU A 1 212 ? -26.014 -9.640  8.218   1.00 38.86  ? 193 LEU A CG  1 
ATOM   1561 C CD1 . LEU A 1 212 ? -26.913 -8.411  8.227   1.00 39.37  ? 193 LEU A CD1 1 
ATOM   1562 C CD2 . LEU A 1 212 ? -26.778 -10.865 8.692   1.00 39.33  ? 193 LEU A CD2 1 
HETATM 1563 S S   . SO4 B 2 .   ? 4.581   0.022   7.070   1.00 25.01  ? 400 SO4 A S   1 
HETATM 1564 O O1  . SO4 B 2 .   ? 4.189   -1.336  6.670   1.00 22.48  ? 400 SO4 A O1  1 
HETATM 1565 O O2  . SO4 B 2 .   ? 3.459   0.967   6.902   1.00 24.50  ? 400 SO4 A O2  1 
HETATM 1566 O O3  . SO4 B 2 .   ? 4.989   -0.006  8.482   1.00 26.11  ? 400 SO4 A O3  1 
HETATM 1567 O O4  . SO4 B 2 .   ? 5.706   0.456   6.222   1.00 28.27  ? 400 SO4 A O4  1 
HETATM 1568 S S   . SO4 C 2 .   ? 19.179  -2.930  -7.132  1.00 55.21  ? 401 SO4 A S   1 
HETATM 1569 O O1  . SO4 C 2 .   ? 18.293  -3.548  -8.138  1.00 53.74  ? 401 SO4 A O1  1 
HETATM 1570 O O2  . SO4 C 2 .   ? 19.020  -1.464  -7.159  1.00 54.27  ? 401 SO4 A O2  1 
HETATM 1571 O O3  . SO4 C 2 .   ? 18.835  -3.425  -5.785  1.00 55.09  ? 401 SO4 A O3  1 
HETATM 1572 O O4  . SO4 C 2 .   ? 20.578  -3.278  -7.440  1.00 56.20  ? 401 SO4 A O4  1 
HETATM 1573 S S   . SO4 D 2 .   ? 11.481  -18.157 -6.781  1.00 85.76  ? 402 SO4 A S   1 
HETATM 1574 O O1  . SO4 D 2 .   ? 10.202  -18.273 -7.505  1.00 85.81  ? 402 SO4 A O1  1 
HETATM 1575 O O2  . SO4 D 2 .   ? 11.457  -16.952 -5.931  1.00 85.62  ? 402 SO4 A O2  1 
HETATM 1576 O O3  . SO4 D 2 .   ? 11.680  -19.354 -5.942  1.00 85.47  ? 402 SO4 A O3  1 
HETATM 1577 O O4  . SO4 D 2 .   ? 12.588  -18.051 -7.752  1.00 86.15  ? 402 SO4 A O4  1 
HETATM 1578 S S   . SO4 E 2 .   ? 12.372  3.173   4.062   1.00 87.59  ? 403 SO4 A S   1 
HETATM 1579 O O1  . SO4 E 2 .   ? 13.255  2.508   5.040   1.00 86.62  ? 403 SO4 A O1  1 
HETATM 1580 O O2  . SO4 E 2 .   ? 11.167  3.683   4.744   1.00 86.68  ? 403 SO4 A O2  1 
HETATM 1581 O O3  . SO4 E 2 .   ? 13.093  4.302   3.440   1.00 87.44  ? 403 SO4 A O3  1 
HETATM 1582 O O4  . SO4 E 2 .   ? 11.970  2.205   3.022   1.00 87.14  ? 403 SO4 A O4  1 
HETATM 1583 S S   . SO4 F 2 .   ? 8.171   3.825   18.331  1.00 78.71  ? 404 SO4 A S   1 
HETATM 1584 O O1  . SO4 F 2 .   ? 8.890   3.987   19.609  1.00 78.54  ? 404 SO4 A O1  1 
HETATM 1585 O O2  . SO4 F 2 .   ? 6.776   4.278   18.498  1.00 77.92  ? 404 SO4 A O2  1 
HETATM 1586 O O3  . SO4 F 2 .   ? 8.835   4.625   17.281  1.00 78.70  ? 404 SO4 A O3  1 
HETATM 1587 O O4  . SO4 F 2 .   ? 8.187   2.404   17.934  1.00 78.61  ? 404 SO4 A O4  1 
HETATM 1588 N N1  . EPE G 3 .   ? 7.640   8.069   -2.279  1.00 70.91  ? 430 EPE A N1  1 
HETATM 1589 C C2  . EPE G 3 .   ? 6.465   8.308   -3.204  1.00 67.39  ? 430 EPE A C2  1 
HETATM 1590 C C3  . EPE G 3 .   ? 6.797   9.426   -4.209  1.00 64.66  ? 430 EPE A C3  1 
HETATM 1591 N N4  . EPE G 3 .   ? 8.015   9.042   -4.997  1.00 64.28  ? 430 EPE A N4  1 
HETATM 1592 C C5  . EPE G 3 .   ? 9.190   8.807   -4.097  1.00 64.81  ? 430 EPE A C5  1 
HETATM 1593 C C6  . EPE G 3 .   ? 8.857   7.692   -3.090  1.00 67.80  ? 430 EPE A C6  1 
HETATM 1594 C C7  . EPE G 3 .   ? 8.357   10.127  -5.967  1.00 62.37  ? 430 EPE A C7  1 
HETATM 1595 C C8  . EPE G 3 .   ? 7.399   10.108  -7.156  1.00 61.84  ? 430 EPE A C8  1 
HETATM 1596 O O8  . EPE G 3 .   ? 7.042   8.783   -7.513  1.00 60.62  ? 430 EPE A O8  1 
HETATM 1597 C C9  . EPE G 3 .   ? 7.330   6.974   -1.277  1.00 76.11  ? 430 EPE A C9  1 
HETATM 1598 C C10 . EPE G 3 .   ? 7.226   7.457   0.251   1.00 88.58  ? 430 EPE A C10 1 
HETATM 1599 S S   . EPE G 3 .   ? 6.840   6.164   1.484   1.00 80.94  ? 430 EPE A S   1 
HETATM 1600 O O1S . EPE G 3 .   ? 8.124   5.718   2.054   1.00 81.80  ? 430 EPE A O1S 1 
HETATM 1601 O O2S . EPE G 3 .   ? 6.144   5.058   0.796   1.00 80.88  ? 430 EPE A O2S 1 
HETATM 1602 O O3S . EPE G 3 .   ? 5.869   6.771   2.682   1.00 81.54  ? 430 EPE A O3S 1 
HETATM 1603 O O   . HOH H 4 .   ? -11.725 -16.831 6.794   1.00 11.78  ? 501 HOH A O   1 
HETATM 1604 O O   . HOH H 4 .   ? -19.688 -4.942  14.012  1.00 20.40  ? 502 HOH A O   1 
HETATM 1605 O O   . HOH H 4 .   ? 8.904   5.982   8.743   1.00 24.04  ? 503 HOH A O   1 
HETATM 1606 O O   . HOH H 4 .   ? 13.371  -7.039  -10.670 1.00 29.80  ? 504 HOH A O   1 
HETATM 1607 O O   . HOH H 4 .   ? 1.301   -5.997  -10.133 1.00 23.22  ? 505 HOH A O   1 
HETATM 1608 O O   . HOH H 4 .   ? 4.288   -2.973  9.323   1.00 25.93  ? 506 HOH A O   1 
HETATM 1609 O O   . HOH H 4 .   ? 4.467   8.210   -9.096  1.00 29.55  ? 507 HOH A O   1 
HETATM 1610 O O   . HOH H 4 .   ? -7.712  8.028   15.680  1.00 33.26  ? 508 HOH A O   1 
HETATM 1611 O O   . HOH H 4 .   ? -10.592 12.237  5.139   1.00 37.59  ? 509 HOH A O   1 
HETATM 1612 O O   . HOH H 4 .   ? -0.605  -4.480  -2.327  1.00 25.46  ? 510 HOH A O   1 
HETATM 1613 O O   . HOH H 4 .   ? -11.427 4.484   -6.118  1.00 36.00  ? 511 HOH A O   1 
HETATM 1614 O O   . HOH H 4 .   ? 14.406  0.352   -4.572  1.00 28.41  ? 512 HOH A O   1 
HETATM 1615 O O   . HOH H 4 .   ? 20.436  -10.457 -1.161  1.00 41.26  ? 514 HOH A O   1 
HETATM 1616 O O   . HOH H 4 .   ? -12.217 8.926   9.981   1.00 30.27  ? 515 HOH A O   1 
HETATM 1617 O O   . HOH H 4 .   ? 6.315   12.211  19.733  1.00 36.55  ? 516 HOH A O   1 
HETATM 1618 O O   . HOH H 4 .   ? -12.310 -6.344  -4.842  1.00 27.52  ? 517 HOH A O   1 
HETATM 1619 O O   . HOH H 4 .   ? 3.049   0.545   0.470   1.00 39.43  ? 518 HOH A O   1 
HETATM 1620 O O   . HOH H 4 .   ? -4.708  14.024  6.605   1.00 32.51  ? 519 HOH A O   1 
HETATM 1621 O O   . HOH H 4 .   ? -21.079 -6.672  5.138   1.00 35.55  ? 520 HOH A O   1 
HETATM 1622 O O   . HOH H 4 .   ? 11.541  -2.855  -1.500  1.00 48.03  ? 521 HOH A O   1 
HETATM 1623 O O   . HOH H 4 .   ? 7.923   -18.156 -8.839  1.00 58.36  ? 522 HOH A O   1 
HETATM 1624 O O   . HOH H 4 .   ? 2.094   4.010   13.715  1.00 33.33  ? 523 HOH A O   1 
HETATM 1625 O O   . HOH H 4 .   ? -10.760 9.821   6.952   1.00 42.64  ? 524 HOH A O   1 
HETATM 1626 O O   . HOH H 4 .   ? 0.130   -4.162  -4.966  1.00 32.39  ? 525 HOH A O   1 
HETATM 1627 O O   . HOH H 4 .   ? 5.879   0.714   12.084  1.00 54.74  ? 526 HOH A O   1 
HETATM 1628 O O   . HOH H 4 .   ? 14.178  7.418   -2.725  1.00 47.52  ? 527 HOH A O   1 
HETATM 1629 O O   . HOH H 4 .   ? -9.088  -18.473 -4.352  1.00 40.38  ? 528 HOH A O   1 
HETATM 1630 O O   . HOH H 4 .   ? -7.393  13.653  4.874   1.00 33.43  ? 529 HOH A O   1 
HETATM 1631 O O   . HOH H 4 .   ? -8.803  -19.338 -0.916  1.00 25.00  ? 530 HOH A O   1 
HETATM 1632 O O   . HOH H 4 .   ? 15.102  -16.030 -4.050  1.00 80.49  ? 531 HOH A O   1 
HETATM 1633 O O   . HOH H 4 .   ? -19.643 -7.717  15.129  1.00 30.49  ? 532 HOH A O   1 
HETATM 1634 O O   . HOH H 4 .   ? 1.536   -1.155  19.512  1.00 44.62  ? 533 HOH A O   1 
HETATM 1635 O O   . HOH H 4 .   ? -23.027 -12.222 9.809   1.00 24.35  ? 534 HOH A O   1 
HETATM 1636 O O   . HOH H 4 .   ? 6.619   -7.095  -0.869  1.00 63.93  ? 535 HOH A O   1 
HETATM 1637 O O   . HOH H 4 .   ? 0.816   -8.554  12.489  1.00 38.27  ? 536 HOH A O   1 
HETATM 1638 O O   . HOH H 4 .   ? 3.978   -6.464  -3.519  1.00 27.47  ? 537 HOH A O   1 
HETATM 1639 O O   . HOH H 4 .   ? -8.380  -17.196 0.290   1.00 39.65  ? 538 HOH A O   1 
HETATM 1640 O O   . HOH H 4 .   ? -2.986  14.763  -2.526  1.00 29.95  ? 539 HOH A O   1 
HETATM 1641 O O   . HOH H 4 .   ? -0.816  -6.635  -16.694 1.00 50.15  ? 540 HOH A O   1 
HETATM 1642 O O   . HOH H 4 .   ? -2.538  -4.853  -15.797 1.00 42.32  ? 541 HOH A O   1 
HETATM 1643 O O   . HOH H 4 .   ? 21.212  0.738   -14.535 1.00 32.29  ? 543 HOH A O   1 
HETATM 1644 O O   . HOH H 4 .   ? -10.272 12.417  -2.620  1.00 31.13  ? 544 HOH A O   1 
HETATM 1645 O O   . HOH H 4 .   ? -15.660 -5.593  16.415  1.00 25.52  ? 545 HOH A O   1 
HETATM 1646 O O   . HOH H 4 .   ? 15.619  -9.788  -10.121 1.00 30.81  ? 546 HOH A O   1 
HETATM 1647 O O   . HOH H 4 .   ? -5.433  -18.404 9.169   1.00 34.24  ? 547 HOH A O   1 
HETATM 1648 O O   . HOH H 4 .   ? 4.774   1.873   2.338   1.00 26.54  ? 548 HOH A O   1 
HETATM 1649 O O   . HOH H 4 .   ? -4.208  2.978   18.032  1.00 37.91  ? 549 HOH A O   1 
HETATM 1650 O O   . HOH H 4 .   ? 4.137   1.572   -6.076  1.00 35.00  ? 550 HOH A O   1 
HETATM 1651 O O   . HOH H 4 .   ? -6.529  -15.255 -9.557  1.00 44.21  ? 551 HOH A O   1 
HETATM 1652 O O   . HOH H 4 .   ? -1.524  13.846  6.845   1.00 38.37  ? 552 HOH A O   1 
HETATM 1653 O O   . HOH H 4 .   ? 2.824   2.165   -2.880  1.00 36.88  ? 553 HOH A O   1 
HETATM 1654 O O   . HOH H 4 .   ? 2.392   5.093   20.260  1.00 53.87  ? 554 HOH A O   1 
HETATM 1655 O O   . HOH H 4 .   ? -1.172  -3.525  21.606  1.00 50.89  ? 555 HOH A O   1 
HETATM 1656 O O   . HOH H 4 .   ? -4.665  -12.285 13.019  1.00 29.70  ? 556 HOH A O   1 
HETATM 1657 O O   . HOH H 4 .   ? -4.467  7.324   -12.125 1.00 36.68  ? 557 HOH A O   1 
HETATM 1658 O O   . HOH H 4 .   ? 15.425  2.158   -19.589 1.00 38.83  ? 558 HOH A O   1 
HETATM 1659 O O   . HOH H 4 .   ? 8.503   -11.165 -13.116 1.00 42.94  ? 559 HOH A O   1 
HETATM 1660 O O   . HOH H 4 .   ? 23.832  11.079  1.540   1.00 40.90  ? 560 HOH A O   1 
HETATM 1661 O O   . HOH H 4 .   ? -12.371 7.594   0.367   1.00 34.59  ? 561 HOH A O   1 
HETATM 1662 O O   . HOH H 4 .   ? 17.884  -9.382  -12.015 1.00 42.11  ? 562 HOH A O   1 
HETATM 1663 O O   . HOH H 4 .   ? -14.757 1.913   3.732   1.00 48.70  ? 563 HOH A O   1 
HETATM 1664 O O   . HOH H 4 .   ? -9.171  0.729   -16.943 1.00 45.76  ? 564 HOH A O   1 
HETATM 1665 O O   . HOH H 4 .   ? -11.059 5.254   -8.787  1.00 33.54  ? 565 HOH A O   1 
HETATM 1666 O O   . HOH H 4 .   ? 9.283   13.984  19.829  1.00 39.29  ? 566 HOH A O   1 
HETATM 1667 O O   . HOH H 4 .   ? -4.017  4.471   -13.030 1.00 43.91  ? 567 HOH A O   1 
HETATM 1668 O O   . HOH H 4 .   ? 2.204   -7.369  -1.795  1.00 53.30  ? 569 HOH A O   1 
HETATM 1669 O O   . HOH H 4 .   ? 3.745   11.279  -1.471  1.00 33.92  ? 570 HOH A O   1 
HETATM 1670 O O   . HOH H 4 .   ? 2.181   -10.190 -12.920 1.00 39.11  ? 571 HOH A O   1 
HETATM 1671 O O   . HOH H 4 .   ? 9.885   1.024   11.374  1.00 38.63  ? 572 HOH A O   1 
HETATM 1672 O O   . HOH H 4 .   ? -17.497 -8.867  16.109  1.00 36.25  ? 573 HOH A O   1 
HETATM 1673 O O   . HOH H 4 .   ? -8.826  -10.596 16.068  1.00 63.88  ? 574 HOH A O   1 
HETATM 1674 O O   . HOH H 4 .   ? -10.427 6.792   13.845  1.00 39.31  ? 575 HOH A O   1 
HETATM 1675 O O   . HOH H 4 .   ? -1.599  11.363  -9.103  1.00 35.14  ? 576 HOH A O   1 
HETATM 1676 O O   . HOH H 4 .   ? -13.154 -5.473  16.200  1.00 33.13  ? 577 HOH A O   1 
HETATM 1677 O O   . HOH H 4 .   ? 4.360   -8.815  -13.884 1.00 40.52  ? 578 HOH A O   1 
HETATM 1678 O O   . HOH H 4 .   ? 4.480   -1.092  -4.602  1.00 47.44  ? 579 HOH A O   1 
HETATM 1679 O O   . HOH H 4 .   ? 19.191  16.134  0.044   1.00 39.97  ? 580 HOH A O   1 
HETATM 1680 O O   . HOH H 4 .   ? -2.235  19.681  3.132   1.00 51.54  ? 581 HOH A O   1 
HETATM 1681 O O   . HOH H 4 .   ? 0.638   10.539  -7.652  1.00 49.26  ? 582 HOH A O   1 
HETATM 1682 O O   . HOH H 4 .   ? 2.176   9.719   -10.278 1.00 49.18  ? 583 HOH A O   1 
HETATM 1683 O O   . HOH H 4 .   ? 2.083   -0.352  -3.212  1.00 60.82  ? 584 HOH A O   1 
HETATM 1684 O O   . HOH H 4 .   ? -11.105 -11.370 -13.412 1.00 39.32  ? 585 HOH A O   1 
HETATM 1685 O O   . HOH H 4 .   ? 7.680   -18.049 -6.400  1.00 100.16 ? 586 HOH A O   1 
HETATM 1686 O O   . HOH H 4 .   ? -8.495  16.839  5.064   1.00 68.72  ? 588 HOH A O   1 
HETATM 1687 O O   . HOH H 4 .   ? 15.367  -5.961  -12.486 1.00 49.57  ? 589 HOH A O   1 
HETATM 1688 O O   . HOH H 4 .   ? -8.329  21.025  0.036   1.00 43.92  ? 590 HOH A O   1 
HETATM 1689 O O   . HOH H 4 .   ? -8.322  18.675  -1.450  1.00 46.20  ? 591 HOH A O   1 
HETATM 1690 O O   . HOH H 4 .   ? 1.127   -13.514 -7.393  1.00 46.19  ? 592 HOH A O   1 
HETATM 1691 O O   . HOH H 4 .   ? -12.464 7.087   -3.800  1.00 74.43  ? 593 HOH A O   1 
HETATM 1692 O O   . HOH H 4 .   ? -6.135  -9.634  -16.283 1.00 47.42  ? 594 HOH A O   1 
HETATM 1693 O O   . HOH H 4 .   ? 2.759   4.831   -5.534  1.00 34.40  ? 595 HOH A O   1 
HETATM 1694 O O   . HOH H 4 .   ? -0.435  -2.022  -3.707  1.00 46.78  ? 596 HOH A O   1 
HETATM 1695 O O   . HOH H 4 .   ? 0.201   -11.232 12.560  1.00 47.63  ? 597 HOH A O   1 
HETATM 1696 O O   . HOH H 4 .   ? -0.722  11.655  13.253  1.00 45.27  ? 598 HOH A O   1 
HETATM 1697 O O   . HOH H 4 .   ? 2.668   12.295  -3.961  1.00 39.55  ? 599 HOH A O   1 
HETATM 1698 O O   . HOH H 4 .   ? 3.737   16.932  6.052   1.00 46.01  ? 600 HOH A O   1 
HETATM 1699 O O   . HOH H 4 .   ? -4.706  11.771  1.303   1.00 95.52  ? 601 HOH A O   1 
HETATM 1700 O O   . HOH H 4 .   ? 11.106  6.848   2.039   1.00 47.84  ? 603 HOH A O   1 
HETATM 1701 O O   . HOH H 4 .   ? 18.110  -5.733  -4.021  1.00 38.23  ? 604 HOH A O   1 
HETATM 1702 O O   . HOH H 4 .   ? -17.266 3.108   3.886   1.00 33.99  ? 605 HOH A O   1 
HETATM 1703 O O   . HOH H 4 .   ? -14.822 -16.271 -2.282  1.00 43.04  ? 606 HOH A O   1 
HETATM 1704 O O   . HOH H 4 .   ? 15.110  7.424   -6.075  1.00 35.53  ? 607 HOH A O   1 
HETATM 1705 O O   . HOH H 4 .   ? 18.198  -6.033  -11.216 1.00 73.08  ? 608 HOH A O   1 
HETATM 1706 O O   . HOH H 4 .   ? 17.130  -11.555 1.656   1.00 46.89  ? 609 HOH A O   1 
HETATM 1707 O O   . HOH H 4 .   ? 22.395  -15.272 -3.150  1.00 62.36  ? 610 HOH A O   1 
HETATM 1708 O O   . HOH H 4 .   ? 12.819  14.550  -1.717  1.00 42.19  ? 611 HOH A O   1 
HETATM 1709 O O   . HOH H 4 .   ? -7.402  -6.153  18.382  1.00 32.78  ? 613 HOH A O   1 
HETATM 1710 O O   . HOH H 4 .   ? 6.710   11.319  -1.241  1.00 40.37  ? 614 HOH A O   1 
HETATM 1711 O O   . HOH H 4 .   ? 11.707  -0.298  4.598   1.00 74.70  ? 616 HOH A O   1 
HETATM 1712 O O   . HOH H 4 .   ? 27.197  12.707  4.857   1.00 51.49  ? 617 HOH A O   1 
HETATM 1713 O O   . HOH H 4 .   ? -1.672  -12.931 13.787  1.00 49.97  ? 618 HOH A O   1 
HETATM 1714 O O   . HOH H 4 .   ? 3.107   18.250  -1.959  1.00 47.98  ? 619 HOH A O   1 
HETATM 1715 O O   . HOH H 4 .   ? -6.284  11.658  -6.877  1.00 39.59  ? 620 HOH A O   1 
HETATM 1716 O O   . HOH H 4 .   ? -4.468  16.697  7.504   1.00 69.75  ? 621 HOH A O   1 
HETATM 1717 O O   . HOH H 4 .   ? 10.421  -1.353  -23.171 1.00 42.41  ? 622 HOH A O   1 
HETATM 1718 O O   . HOH H 4 .   ? 12.766  8.432   -5.153  1.00 43.43  ? 623 HOH A O   1 
HETATM 1719 O O   . HOH H 4 .   ? -11.006 -5.399  -13.457 1.00 78.21  ? 624 HOH A O   1 
HETATM 1720 O O   . HOH H 4 .   ? -13.924 -1.821  -10.501 1.00 51.77  ? 625 HOH A O   1 
HETATM 1721 O O   . HOH H 4 .   ? 2.417   -1.645  14.239  1.00 40.24  ? 626 HOH A O   1 
HETATM 1722 O O   . HOH H 4 .   ? 4.937   -2.276  12.271  1.00 45.30  ? 627 HOH A O   1 
HETATM 1723 O O   . HOH H 4 .   ? 4.264   6.024   -4.116  1.00 68.31  ? 628 HOH A O   1 
HETATM 1724 O O   . HOH H 4 .   ? 5.483   15.000  18.615  1.00 45.84  ? 629 HOH A O   1 
HETATM 1725 O O   . HOH H 4 .   ? 3.605   -1.532  -24.432 1.00 52.19  ? 630 HOH A O   1 
HETATM 1726 O O   . HOH H 4 .   ? 17.243  -4.403  -1.604  1.00 54.02  ? 631 HOH A O   1 
HETATM 1727 O O   . HOH H 4 .   ? 18.883  1.153   -4.572  1.00 49.53  ? 632 HOH A O   1 
HETATM 1728 O O   . HOH H 4 .   ? 12.318  4.592   15.745  1.00 46.04  ? 633 HOH A O   1 
HETATM 1729 O O   . HOH H 4 .   ? 16.012  -3.584  -18.955 1.00 35.32  ? 634 HOH A O   1 
HETATM 1730 O O   . HOH H 4 .   ? 7.243   8.120   -9.902  1.00 43.51  ? 635 HOH A O   1 
HETATM 1731 O O   . HOH H 4 .   ? 17.141  -1.132  -3.888  1.00 53.46  ? 636 HOH A O   1 
HETATM 1732 O O   . HOH H 4 .   ? -0.133  -9.172  -16.340 1.00 43.74  ? 637 HOH A O   1 
HETATM 1733 O O   . HOH H 4 .   ? 8.378   12.415  -3.258  1.00 43.04  ? 638 HOH A O   1 
# 
loop_
_pdbx_poly_seq_scheme.asym_id 
_pdbx_poly_seq_scheme.entity_id 
_pdbx_poly_seq_scheme.seq_id 
_pdbx_poly_seq_scheme.mon_id 
_pdbx_poly_seq_scheme.ndb_seq_num 
_pdbx_poly_seq_scheme.pdb_seq_num 
_pdbx_poly_seq_scheme.auth_seq_num 
_pdbx_poly_seq_scheme.pdb_mon_id 
_pdbx_poly_seq_scheme.auth_mon_id 
_pdbx_poly_seq_scheme.pdb_strand_id 
_pdbx_poly_seq_scheme.pdb_ins_code 
_pdbx_poly_seq_scheme.hetero 
A 1 1   MET 1   -18 ?   ?   ?   A . n 
A 1 2   GLY 2   -17 ?   ?   ?   A . n 
A 1 3   SER 3   -16 ?   ?   ?   A . n 
A 1 4   SER 4   -15 ?   ?   ?   A . n 
A 1 5   HIS 5   -14 ?   ?   ?   A . n 
A 1 6   HIS 6   -13 ?   ?   ?   A . n 
A 1 7   HIS 7   -12 ?   ?   ?   A . n 
A 1 8   HIS 8   -11 ?   ?   ?   A . n 
A 1 9   HIS 9   -10 ?   ?   ?   A . n 
A 1 10  HIS 10  -9  ?   ?   ?   A . n 
A 1 11  SER 11  -8  ?   ?   ?   A . n 
A 1 12  SER 12  -7  ?   ?   ?   A . n 
A 1 13  GLY 13  -6  ?   ?   ?   A . n 
A 1 14  LEU 14  -5  ?   ?   ?   A . n 
A 1 15  VAL 15  -4  ?   ?   ?   A . n 
A 1 16  PRO 16  -3  ?   ?   ?   A . n 
A 1 17  ARG 17  -2  ?   ?   ?   A . n 
A 1 18  GLY 18  -1  ?   ?   ?   A . n 
A 1 19  SER 19  0   ?   ?   ?   A . n 
A 1 20  MET 20  1   ?   ?   ?   A . n 
A 1 21  ASN 21  2   ?   ?   ?   A . n 
A 1 22  ASN 22  3   3   ASN ASN A . n 
A 1 23  ILE 23  4   4   ILE ILE A . n 
A 1 24  TYR 24  5   5   TYR TYR A . n 
A 1 25  PRO 25  6   6   PRO PRO A . n 
A 1 26  LEU 26  7   7   LEU LEU A . n 
A 1 27  VAL 27  8   8   VAL VAL A . n 
A 1 28  ILE 28  9   9   ILE ILE A . n 
A 1 29  CYS 29  10  10  CYS CYS A . n 
A 1 30  GLY 30  11  11  GLY GLY A . n 
A 1 31  PRO 31  12  12  PRO PRO A . n 
A 1 32  SER 32  13  13  SER SER A . n 
A 1 33  GLY 33  14  14  GLY GLY A . n 
A 1 34  VAL 34  15  15  VAL VAL A . n 
A 1 35  GLY 35  16  16  GLY GLY A . n 
A 1 36  LYS 36  17  17  LYS LYS A . n 
A 1 37  GLY 37  18  18  GLY GLY A . n 
A 1 38  THR 38  19  19  THR THR A . n 
A 1 39  LEU 39  20  20  LEU LEU A . n 
A 1 40  ILE 40  21  21  ILE ILE A . n 
A 1 41  LYS 41  22  22  LYS LYS A . n 
A 1 42  LYS 42  23  23  LYS LYS A . n 
A 1 43  LEU 43  24  24  LEU LEU A . n 
A 1 44  LEU 44  25  25  LEU LEU A . n 
A 1 45  ASN 45  26  26  ASN ASN A . n 
A 1 46  GLU 46  27  27  GLU GLU A . n 
A 1 47  PHE 47  28  28  PHE PHE A . n 
A 1 48  PRO 48  29  29  PRO PRO A . n 
A 1 49  ASN 49  30  30  ASN ASN A . n 
A 1 50  TYR 50  31  31  TYR TYR A . n 
A 1 51  PHE 51  32  32  PHE PHE A . n 
A 1 52  TYR 52  33  33  TYR TYR A . n 
A 1 53  PHE 53  34  34  PHE PHE A . n 
A 1 54  SER 54  35  35  SER SER A . n 
A 1 55  VAL 55  36  36  VAL VAL A . n 
A 1 56  SER 56  37  37  SER SER A . n 
A 1 57  CYS 57  38  38  CYS CYS A . n 
A 1 58  THR 58  39  39  THR THR A . n 
A 1 59  THR 59  40  40  THR THR A . n 
A 1 60  ARG 60  41  41  ARG ARG A . n 
A 1 61  LYS 61  42  42  LYS LYS A . n 
A 1 62  LYS 62  43  43  LYS LYS A . n 
A 1 63  ARG 63  44  44  ARG ARG A . n 
A 1 64  GLU 64  45  45  GLU GLU A . n 
A 1 65  LYS 65  46  46  LYS LYS A . n 
A 1 66  GLU 66  47  47  GLU GLU A . n 
A 1 67  LYS 67  48  48  LYS LYS A . n 
A 1 68  GLU 68  49  49  GLU GLU A . n 
A 1 69  GLY 69  50  50  GLY GLY A . n 
A 1 70  VAL 70  51  51  VAL VAL A . n 
A 1 71  ASP 71  52  52  ASP ASP A . n 
A 1 72  TYR 72  53  53  TYR TYR A . n 
A 1 73  TYR 73  54  54  TYR TYR A . n 
A 1 74  PHE 74  55  55  PHE PHE A . n 
A 1 75  ILE 75  56  56  ILE ILE A . n 
A 1 76  ASP 76  57  57  ASP ASP A . n 
A 1 77  LYS 77  58  58  LYS LYS A . n 
A 1 78  THR 78  59  59  THR THR A . n 
A 1 79  ILE 79  60  60  ILE ILE A . n 
A 1 80  PHE 80  61  61  PHE PHE A . n 
A 1 81  GLU 81  62  62  GLU GLU A . n 
A 1 82  ASP 82  63  63  ASP ASP A . n 
A 1 83  LYS 83  64  64  LYS LYS A . n 
A 1 84  LEU 84  65  65  LEU LEU A . n 
A 1 85  LYS 85  66  66  LYS LYS A . n 
A 1 86  ASN 86  67  67  ASN ASN A . n 
A 1 87  GLU 87  68  68  GLU GLU A . n 
A 1 88  ASP 88  69  69  ASP ASP A . n 
A 1 89  PHE 89  70  70  PHE PHE A . n 
A 1 90  LEU 90  71  71  LEU LEU A . n 
A 1 91  GLU 91  72  72  GLU GLU A . n 
A 1 92  TYR 92  73  73  TYR TYR A . n 
A 1 93  ASP 93  74  74  ASP ASP A . n 
A 1 94  ASN 94  75  75  ASN ASN A . n 
A 1 95  TYR 95  76  76  TYR TYR A . n 
A 1 96  ALA 96  77  77  ALA ALA A . n 
A 1 97  ASN 97  78  78  ASN ASN A . n 
A 1 98  ASN 98  79  79  ASN ASN A . n 
A 1 99  PHE 99  80  80  PHE PHE A . n 
A 1 100 TYR 100 81  81  TYR TYR A . n 
A 1 101 GLY 101 82  82  GLY GLY A . n 
A 1 102 THR 102 83  83  THR THR A . n 
A 1 103 LEU 103 84  84  LEU LEU A . n 
A 1 104 LYS 104 85  85  LYS LYS A . n 
A 1 105 SER 105 86  86  SER SER A . n 
A 1 106 GLU 106 87  87  GLU GLU A . n 
A 1 107 TYR 107 88  88  TYR TYR A . n 
A 1 108 ASP 108 89  89  ASP ASP A . n 
A 1 109 LYS 109 90  90  LYS LYS A . n 
A 1 110 ALA 110 91  91  ALA ALA A . n 
A 1 111 LYS 111 92  92  LYS LYS A . n 
A 1 112 GLU 112 93  93  GLU GLU A . n 
A 1 113 GLN 113 94  94  GLN GLN A . n 
A 1 114 ASN 114 95  95  ASN ASN A . n 
A 1 115 LYS 115 96  96  LYS LYS A . n 
A 1 116 ILE 116 97  97  ILE ILE A . n 
A 1 117 CYS 117 98  98  CYS CYS A . n 
A 1 118 LEU 118 99  99  LEU LEU A . n 
A 1 119 PHE 119 100 100 PHE PHE A . n 
A 1 120 GLU 120 101 101 GLU GLU A . n 
A 1 121 MET 121 102 102 MET MET A . n 
A 1 122 ASN 122 103 103 ASN ASN A . n 
A 1 123 ILE 123 104 104 ILE ILE A . n 
A 1 124 ASN 124 105 105 ASN ASN A . n 
A 1 125 GLY 125 106 106 GLY GLY A . n 
A 1 126 VAL 126 107 107 VAL VAL A . n 
A 1 127 LYS 127 108 108 LYS LYS A . n 
A 1 128 GLN 128 109 109 GLN GLN A . n 
A 1 129 LEU 129 110 110 LEU LEU A . n 
A 1 130 LYS 130 111 111 LYS LYS A . n 
A 1 131 LYS 131 112 112 LYS LYS A . n 
A 1 132 SER 132 113 113 SER SER A . n 
A 1 133 THR 133 114 114 THR THR A . n 
A 1 134 HIS 134 115 115 HIS HIS A . n 
A 1 135 ILE 135 116 116 ILE ILE A . n 
A 1 136 LYS 136 117 117 LYS LYS A . n 
A 1 137 ASN 137 118 118 ASN ASN A . n 
A 1 138 ALA 138 119 119 ALA ALA A . n 
A 1 139 LEU 139 120 120 LEU LEU A . n 
A 1 140 TYR 140 121 121 TYR TYR A . n 
A 1 141 ILE 141 122 122 ILE ILE A . n 
A 1 142 PHE 142 123 123 PHE PHE A . n 
A 1 143 ILE 143 124 124 ILE ILE A . n 
A 1 144 LYS 144 125 125 LYS LYS A . n 
A 1 145 PRO 145 126 126 PRO PRO A . n 
A 1 146 PRO 146 127 127 PRO PRO A . n 
A 1 147 SER 147 128 128 SER SER A . n 
A 1 148 THR 148 129 129 THR THR A . n 
A 1 149 ASP 149 130 130 ASP ASP A . n 
A 1 150 VAL 150 131 131 VAL VAL A . n 
A 1 151 LEU 151 132 132 LEU LEU A . n 
A 1 152 LEU 152 133 133 LEU LEU A . n 
A 1 153 SER 153 134 134 SER SER A . n 
A 1 154 ARG 154 135 135 ARG ARG A . n 
A 1 155 LEU 155 136 136 LEU LEU A . n 
A 1 156 LEU 156 137 137 LEU LEU A . n 
A 1 157 THR 157 138 138 THR THR A . n 
A 1 158 ARG 158 139 139 ARG ARG A . n 
A 1 159 ASN 159 140 140 ASN ASN A . n 
A 1 160 THR 160 141 141 THR THR A . n 
A 1 161 GLU 161 142 142 GLU GLU A . n 
A 1 162 ASN 162 143 143 ASN ASN A . n 
A 1 163 GLN 163 144 144 GLN GLN A . n 
A 1 164 GLU 164 145 145 GLU GLU A . n 
A 1 165 GLN 165 146 146 GLN GLN A . n 
A 1 166 ILE 166 147 147 ILE ILE A . n 
A 1 167 GLN 167 148 148 GLN GLN A . n 
A 1 168 LYS 168 149 149 LYS LYS A . n 
A 1 169 ARG 169 150 150 ARG ARG A . n 
A 1 170 MET 170 151 151 MET MET A . n 
A 1 171 GLU 171 152 152 GLU GLU A . n 
A 1 172 GLN 172 153 153 GLN GLN A . n 
A 1 173 LEU 173 154 154 LEU LEU A . n 
A 1 174 ASN 174 155 155 ASN ASN A . n 
A 1 175 ILE 175 156 156 ILE ILE A . n 
A 1 176 GLU 176 157 157 GLU GLU A . n 
A 1 177 LEU 177 158 158 LEU LEU A . n 
A 1 178 HIS 178 159 159 HIS HIS A . n 
A 1 179 GLU 179 160 160 GLU GLU A . n 
A 1 180 ALA 180 161 161 ALA ALA A . n 
A 1 181 ASN 181 162 162 ASN ASN A . n 
A 1 182 LEU 182 163 163 LEU LEU A . n 
A 1 183 LEU 183 164 164 LEU LEU A . n 
A 1 184 ASN 184 165 165 ASN ASN A . n 
A 1 185 PHE 185 166 166 PHE PHE A . n 
A 1 186 ASN 186 167 167 ASN ASN A . n 
A 1 187 LEU 187 168 168 LEU LEU A . n 
A 1 188 SER 188 169 169 SER SER A . n 
A 1 189 ILE 189 170 170 ILE ILE A . n 
A 1 190 ILE 190 171 171 ILE ILE A . n 
A 1 191 ASN 191 172 172 ASN ASN A . n 
A 1 192 ASP 192 173 173 ASP ASP A . n 
A 1 193 ASP 193 174 174 ASP ASP A . n 
A 1 194 LEU 194 175 175 LEU LEU A . n 
A 1 195 THR 195 176 176 THR THR A . n 
A 1 196 LEU 196 177 177 LEU LEU A . n 
A 1 197 THR 197 178 178 THR THR A . n 
A 1 198 TYR 198 179 179 TYR TYR A . n 
A 1 199 GLN 199 180 180 GLN GLN A . n 
A 1 200 GLN 200 181 181 GLN GLN A . n 
A 1 201 LEU 201 182 182 LEU LEU A . n 
A 1 202 LYS 202 183 183 LYS LYS A . n 
A 1 203 ASN 203 184 184 ASN ASN A . n 
A 1 204 TYR 204 185 185 TYR TYR A . n 
A 1 205 LEU 205 186 186 LEU LEU A . n 
A 1 206 LEU 206 187 187 LEU LEU A . n 
A 1 207 ASN 207 188 188 ASN ASN A . n 
A 1 208 SER 208 189 189 SER SER A . n 
A 1 209 TYR 209 190 190 TYR TYR A . n 
A 1 210 ILE 210 191 191 ILE ILE A . n 
A 1 211 HIS 211 192 192 HIS HIS A . n 
A 1 212 LEU 212 193 193 LEU LEU A . n 
A 1 213 ASN 213 194 ?   ?   ?   A . n 
A 1 214 ASN 214 195 ?   ?   ?   A . n 
A 1 215 HIS 215 196 ?   ?   ?   A . n 
A 1 216 THR 216 197 ?   ?   ?   A . n 
A 1 217 ARG 217 198 ?   ?   ?   A . n 
A 1 218 ASN 218 199 ?   ?   ?   A . n 
# 
_pdbx_SG_project.id                    1 
_pdbx_SG_project.project_name          ? 
_pdbx_SG_project.full_name_of_center   'Structural Genomics Consortium' 
_pdbx_SG_project.initial_of_center     SGC 
# 
loop_
_pdbx_nonpoly_scheme.asym_id 
_pdbx_nonpoly_scheme.entity_id 
_pdbx_nonpoly_scheme.mon_id 
_pdbx_nonpoly_scheme.ndb_seq_num 
_pdbx_nonpoly_scheme.pdb_seq_num 
_pdbx_nonpoly_scheme.auth_seq_num 
_pdbx_nonpoly_scheme.pdb_mon_id 
_pdbx_nonpoly_scheme.auth_mon_id 
_pdbx_nonpoly_scheme.pdb_strand_id 
_pdbx_nonpoly_scheme.pdb_ins_code 
B 2 SO4 1   400 400 SO4 SO4 A . 
C 2 SO4 1   401 401 SO4 SO4 A . 
D 2 SO4 1   402 402 SO4 SO4 A . 
E 2 SO4 1   403 403 SO4 SO4 A . 
F 2 SO4 1   404 404 SO4 SO4 A . 
G 3 EPE 1   430 430 EPE EPE A . 
H 4 HOH 1   501 501 HOH HOH A . 
H 4 HOH 2   502 502 HOH HOH A . 
H 4 HOH 3   503 503 HOH HOH A . 
H 4 HOH 4   504 504 HOH HOH A . 
H 4 HOH 5   505 505 HOH HOH A . 
H 4 HOH 6   506 506 HOH HOH A . 
H 4 HOH 7   507 507 HOH HOH A . 
H 4 HOH 8   508 508 HOH HOH A . 
H 4 HOH 9   509 509 HOH HOH A . 
H 4 HOH 10  510 510 HOH HOH A . 
H 4 HOH 11  511 511 HOH HOH A . 
H 4 HOH 12  512 512 HOH HOH A . 
H 4 HOH 13  514 514 HOH HOH A . 
H 4 HOH 14  515 515 HOH HOH A . 
H 4 HOH 15  516 516 HOH HOH A . 
H 4 HOH 16  517 517 HOH HOH A . 
H 4 HOH 17  518 518 HOH HOH A . 
H 4 HOH 18  519 519 HOH HOH A . 
H 4 HOH 19  520 520 HOH HOH A . 
H 4 HOH 20  521 521 HOH HOH A . 
H 4 HOH 21  522 522 HOH HOH A . 
H 4 HOH 22  523 523 HOH HOH A . 
H 4 HOH 23  524 524 HOH HOH A . 
H 4 HOH 24  525 525 HOH HOH A . 
H 4 HOH 25  526 526 HOH HOH A . 
H 4 HOH 26  527 527 HOH HOH A . 
H 4 HOH 27  528 528 HOH HOH A . 
H 4 HOH 28  529 529 HOH HOH A . 
H 4 HOH 29  530 530 HOH HOH A . 
H 4 HOH 30  531 531 HOH HOH A . 
H 4 HOH 31  532 532 HOH HOH A . 
H 4 HOH 32  533 533 HOH HOH A . 
H 4 HOH 33  534 534 HOH HOH A . 
H 4 HOH 34  535 535 HOH HOH A . 
H 4 HOH 35  536 536 HOH HOH A . 
H 4 HOH 36  537 537 HOH HOH A . 
H 4 HOH 37  538 538 HOH HOH A . 
H 4 HOH 38  539 539 HOH HOH A . 
H 4 HOH 39  540 540 HOH HOH A . 
H 4 HOH 40  541 541 HOH HOH A . 
H 4 HOH 41  543 543 HOH HOH A . 
H 4 HOH 42  544 544 HOH HOH A . 
H 4 HOH 43  545 545 HOH HOH A . 
H 4 HOH 44  546 546 HOH HOH A . 
H 4 HOH 45  547 547 HOH HOH A . 
H 4 HOH 46  548 548 HOH HOH A . 
H 4 HOH 47  549 549 HOH HOH A . 
H 4 HOH 48  550 550 HOH HOH A . 
H 4 HOH 49  551 551 HOH HOH A . 
H 4 HOH 50  552 552 HOH HOH A . 
H 4 HOH 51  553 553 HOH HOH A . 
H 4 HOH 52  554 554 HOH HOH A . 
H 4 HOH 53  555 555 HOH HOH A . 
H 4 HOH 54  556 556 HOH HOH A . 
H 4 HOH 55  557 557 HOH HOH A . 
H 4 HOH 56  558 558 HOH HOH A . 
H 4 HOH 57  559 559 HOH HOH A . 
H 4 HOH 58  560 560 HOH HOH A . 
H 4 HOH 59  561 561 HOH HOH A . 
H 4 HOH 60  562 562 HOH HOH A . 
H 4 HOH 61  563 563 HOH HOH A . 
H 4 HOH 62  564 564 HOH HOH A . 
H 4 HOH 63  565 565 HOH HOH A . 
H 4 HOH 64  566 566 HOH HOH A . 
H 4 HOH 65  567 567 HOH HOH A . 
H 4 HOH 66  569 569 HOH HOH A . 
H 4 HOH 67  570 570 HOH HOH A . 
H 4 HOH 68  571 571 HOH HOH A . 
H 4 HOH 69  572 572 HOH HOH A . 
H 4 HOH 70  573 573 HOH HOH A . 
H 4 HOH 71  574 574 HOH HOH A . 
H 4 HOH 72  575 575 HOH HOH A . 
H 4 HOH 73  576 576 HOH HOH A . 
H 4 HOH 74  577 577 HOH HOH A . 
H 4 HOH 75  578 578 HOH HOH A . 
H 4 HOH 76  579 579 HOH HOH A . 
H 4 HOH 77  580 580 HOH HOH A . 
H 4 HOH 78  581 581 HOH HOH A . 
H 4 HOH 79  582 582 HOH HOH A . 
H 4 HOH 80  583 583 HOH HOH A . 
H 4 HOH 81  584 584 HOH HOH A . 
H 4 HOH 82  585 585 HOH HOH A . 
H 4 HOH 83  586 586 HOH HOH A . 
H 4 HOH 84  588 588 HOH HOH A . 
H 4 HOH 85  589 589 HOH HOH A . 
H 4 HOH 86  590 590 HOH HOH A . 
H 4 HOH 87  591 591 HOH HOH A . 
H 4 HOH 88  592 592 HOH HOH A . 
H 4 HOH 89  593 593 HOH HOH A . 
H 4 HOH 90  594 594 HOH HOH A . 
H 4 HOH 91  595 595 HOH HOH A . 
H 4 HOH 92  596 596 HOH HOH A . 
H 4 HOH 93  597 597 HOH HOH A . 
H 4 HOH 94  598 598 HOH HOH A . 
H 4 HOH 95  599 599 HOH HOH A . 
H 4 HOH 96  600 600 HOH HOH A . 
H 4 HOH 97  601 601 HOH HOH A . 
H 4 HOH 98  603 603 HOH HOH A . 
H 4 HOH 99  604 604 HOH HOH A . 
H 4 HOH 100 605 605 HOH HOH A . 
H 4 HOH 101 606 606 HOH HOH A . 
H 4 HOH 102 607 607 HOH HOH A . 
H 4 HOH 103 608 608 HOH HOH A . 
H 4 HOH 104 609 609 HOH HOH A . 
H 4 HOH 105 610 610 HOH HOH A . 
H 4 HOH 106 611 611 HOH HOH A . 
H 4 HOH 107 613 613 HOH HOH A . 
H 4 HOH 108 614 614 HOH HOH A . 
H 4 HOH 109 616 616 HOH HOH A . 
H 4 HOH 110 617 617 HOH HOH A . 
H 4 HOH 111 618 618 HOH HOH A . 
H 4 HOH 112 619 619 HOH HOH A . 
H 4 HOH 113 620 620 HOH HOH A . 
H 4 HOH 114 621 621 HOH HOH A . 
H 4 HOH 115 622 622 HOH HOH A . 
H 4 HOH 116 623 623 HOH HOH A . 
H 4 HOH 117 624 624 HOH HOH A . 
H 4 HOH 118 625 625 HOH HOH A . 
H 4 HOH 119 626 626 HOH HOH A . 
H 4 HOH 120 627 627 HOH HOH A . 
H 4 HOH 121 628 628 HOH HOH A . 
H 4 HOH 122 629 629 HOH HOH A . 
H 4 HOH 123 630 630 HOH HOH A . 
H 4 HOH 124 631 631 HOH HOH A . 
H 4 HOH 125 632 632 HOH HOH A . 
H 4 HOH 126 633 633 HOH HOH A . 
H 4 HOH 127 634 634 HOH HOH A . 
H 4 HOH 128 635 635 HOH HOH A . 
H 4 HOH 129 636 636 HOH HOH A . 
H 4 HOH 130 637 637 HOH HOH A . 
H 4 HOH 131 638 638 HOH HOH A . 
# 
_pdbx_struct_assembly.id                   1 
_pdbx_struct_assembly.details              author_defined_assembly 
_pdbx_struct_assembly.method_details       ? 
_pdbx_struct_assembly.oligomeric_details   monomeric 
_pdbx_struct_assembly.oligomeric_count     1 
# 
_pdbx_struct_assembly_gen.assembly_id       1 
_pdbx_struct_assembly_gen.oper_expression   1 
_pdbx_struct_assembly_gen.asym_id_list      A,B,C,D,E,F,G,H 
# 
_pdbx_struct_oper_list.id                   1 
_pdbx_struct_oper_list.type                 'identity operation' 
_pdbx_struct_oper_list.name                 1_555 
_pdbx_struct_oper_list.symmetry_operation   x,y,z 
_pdbx_struct_oper_list.matrix[1][1]         1.0000000000 
_pdbx_struct_oper_list.matrix[1][2]         0.0000000000 
_pdbx_struct_oper_list.matrix[1][3]         0.0000000000 
_pdbx_struct_oper_list.vector[1]            0.0000000000 
_pdbx_struct_oper_list.matrix[2][1]         0.0000000000 
_pdbx_struct_oper_list.matrix[2][2]         1.0000000000 
_pdbx_struct_oper_list.matrix[2][3]         0.0000000000 
_pdbx_struct_oper_list.vector[2]            0.0000000000 
_pdbx_struct_oper_list.matrix[3][1]         0.0000000000 
_pdbx_struct_oper_list.matrix[3][2]         0.0000000000 
_pdbx_struct_oper_list.matrix[3][3]         1.0000000000 
_pdbx_struct_oper_list.vector[3]            0.0000000000 
# 
loop_
_pdbx_audit_revision_history.ordinal 
_pdbx_audit_revision_history.data_content_type 
_pdbx_audit_revision_history.major_revision 
_pdbx_audit_revision_history.minor_revision 
_pdbx_audit_revision_history.revision_date 
1 'Structure model' 1 0 2005-04-05 
2 'Structure model' 1 1 2008-04-30 
3 'Structure model' 1 2 2011-07-13 
4 'Structure model' 1 3 2023-08-23 
# 
_pdbx_audit_revision_details.ordinal             1 
_pdbx_audit_revision_details.revision_ordinal    1 
_pdbx_audit_revision_details.data_content_type   'Structure model' 
_pdbx_audit_revision_details.provider            repository 
_pdbx_audit_revision_details.type                'Initial release' 
_pdbx_audit_revision_details.description         ? 
_pdbx_audit_revision_details.details             ? 
# 
loop_
_pdbx_audit_revision_group.ordinal 
_pdbx_audit_revision_group.revision_ordinal 
_pdbx_audit_revision_group.data_content_type 
_pdbx_audit_revision_group.group 
1 2 'Structure model' 'Version format compliance' 
2 3 'Structure model' 'Source and taxonomy'       
3 3 'Structure model' 'Version format compliance' 
4 4 'Structure model' 'Data collection'           
5 4 'Structure model' 'Database references'       
6 4 'Structure model' 'Derived calculations'      
7 4 'Structure model' 'Refinement description'    
# 
loop_
_pdbx_audit_revision_category.ordinal 
_pdbx_audit_revision_category.revision_ordinal 
_pdbx_audit_revision_category.data_content_type 
_pdbx_audit_revision_category.category 
1 4 'Structure model' chem_comp_atom                
2 4 'Structure model' chem_comp_bond                
3 4 'Structure model' database_2                    
4 4 'Structure model' pdbx_initial_refinement_model 
5 4 'Structure model' struct_ref_seq_dif            
6 4 'Structure model' struct_site                   
# 
loop_
_pdbx_audit_revision_item.ordinal 
_pdbx_audit_revision_item.revision_ordinal 
_pdbx_audit_revision_item.data_content_type 
_pdbx_audit_revision_item.item 
1 4 'Structure model' '_database_2.pdbx_DOI'                
2 4 'Structure model' '_database_2.pdbx_database_accession' 
3 4 'Structure model' '_struct_ref_seq_dif.details'         
4 4 'Structure model' '_struct_site.pdbx_auth_asym_id'      
5 4 'Structure model' '_struct_site.pdbx_auth_comp_id'      
6 4 'Structure model' '_struct_site.pdbx_auth_seq_id'       
# 
loop_
_software.name 
_software.classification 
_software.version 
_software.citation_id 
_software.pdbx_ordinal 
HKL-2000  'data collection' .   ? 1 
SCALEPACK 'data scaling'    .   ? 2 
PHASER    phasing           .   ? 3 
CNS       refinement        1.0 ? 4 
HKL-2000  'data reduction'  .   ? 5 
# 
loop_
_pdbx_unobs_or_zero_occ_atoms.id 
_pdbx_unobs_or_zero_occ_atoms.PDB_model_num 
_pdbx_unobs_or_zero_occ_atoms.polymer_flag 
_pdbx_unobs_or_zero_occ_atoms.occupancy_flag 
_pdbx_unobs_or_zero_occ_atoms.auth_asym_id 
_pdbx_unobs_or_zero_occ_atoms.auth_comp_id 
_pdbx_unobs_or_zero_occ_atoms.auth_seq_id 
_pdbx_unobs_or_zero_occ_atoms.PDB_ins_code 
_pdbx_unobs_or_zero_occ_atoms.auth_atom_id 
_pdbx_unobs_or_zero_occ_atoms.label_alt_id 
_pdbx_unobs_or_zero_occ_atoms.label_asym_id 
_pdbx_unobs_or_zero_occ_atoms.label_comp_id 
_pdbx_unobs_or_zero_occ_atoms.label_seq_id 
_pdbx_unobs_or_zero_occ_atoms.label_atom_id 
1  1 Y 1 A ASN 3   ? CG  ? A ASN 22  CG  
2  1 Y 1 A ASN 3   ? OD1 ? A ASN 22  OD1 
3  1 Y 1 A ASN 3   ? ND2 ? A ASN 22  ND2 
4  1 Y 1 A LYS 46  ? CG  ? A LYS 65  CG  
5  1 Y 1 A LYS 46  ? CD  ? A LYS 65  CD  
6  1 Y 1 A LYS 46  ? CE  ? A LYS 65  CE  
7  1 Y 1 A LYS 46  ? NZ  ? A LYS 65  NZ  
8  1 Y 1 A ASP 63  ? CG  ? A ASP 82  CG  
9  1 Y 1 A ASP 63  ? OD1 ? A ASP 82  OD1 
10 1 Y 1 A ASP 63  ? OD2 ? A ASP 82  OD2 
11 1 Y 1 A GLU 68  ? CG  ? A GLU 87  CG  
12 1 Y 1 A GLU 68  ? CD  ? A GLU 87  CD  
13 1 Y 1 A GLU 68  ? OE1 ? A GLU 87  OE1 
14 1 Y 1 A GLU 68  ? OE2 ? A GLU 87  OE2 
15 1 Y 1 A LYS 117 ? CG  ? A LYS 136 CG  
16 1 Y 1 A LYS 117 ? CD  ? A LYS 136 CD  
17 1 Y 1 A LYS 117 ? CE  ? A LYS 136 CE  
18 1 Y 1 A LYS 117 ? NZ  ? A LYS 136 NZ  
19 1 Y 1 A THR 141 ? OG1 ? A THR 160 OG1 
20 1 Y 1 A THR 141 ? CG2 ? A THR 160 CG2 
21 1 Y 1 A ASN 143 ? CG  ? A ASN 162 CG  
22 1 Y 1 A ASN 143 ? OD1 ? A ASN 162 OD1 
23 1 Y 1 A ASN 143 ? ND2 ? A ASN 162 ND2 
24 1 Y 1 A GLU 145 ? CG  ? A GLU 164 CG  
25 1 Y 1 A GLU 145 ? CD  ? A GLU 164 CD  
26 1 Y 1 A GLU 145 ? OE1 ? A GLU 164 OE1 
27 1 Y 1 A GLU 145 ? OE2 ? A GLU 164 OE2 
# 
loop_
_pdbx_unobs_or_zero_occ_residues.id 
_pdbx_unobs_or_zero_occ_residues.PDB_model_num 
_pdbx_unobs_or_zero_occ_residues.polymer_flag 
_pdbx_unobs_or_zero_occ_residues.occupancy_flag 
_pdbx_unobs_or_zero_occ_residues.auth_asym_id 
_pdbx_unobs_or_zero_occ_residues.auth_comp_id 
_pdbx_unobs_or_zero_occ_residues.auth_seq_id 
_pdbx_unobs_or_zero_occ_residues.PDB_ins_code 
_pdbx_unobs_or_zero_occ_residues.label_asym_id 
_pdbx_unobs_or_zero_occ_residues.label_comp_id 
_pdbx_unobs_or_zero_occ_residues.label_seq_id 
1  1 Y 1 A MET -18 ? A MET 1   
2  1 Y 1 A GLY -17 ? A GLY 2   
3  1 Y 1 A SER -16 ? A SER 3   
4  1 Y 1 A SER -15 ? A SER 4   
5  1 Y 1 A HIS -14 ? A HIS 5   
6  1 Y 1 A HIS -13 ? A HIS 6   
7  1 Y 1 A HIS -12 ? A HIS 7   
8  1 Y 1 A HIS -11 ? A HIS 8   
9  1 Y 1 A HIS -10 ? A HIS 9   
10 1 Y 1 A HIS -9  ? A HIS 10  
11 1 Y 1 A SER -8  ? A SER 11  
12 1 Y 1 A SER -7  ? A SER 12  
13 1 Y 1 A GLY -6  ? A GLY 13  
14 1 Y 1 A LEU -5  ? A LEU 14  
15 1 Y 1 A VAL -4  ? A VAL 15  
16 1 Y 1 A PRO -3  ? A PRO 16  
17 1 Y 1 A ARG -2  ? A ARG 17  
18 1 Y 1 A GLY -1  ? A GLY 18  
19 1 Y 1 A SER 0   ? A SER 19  
20 1 Y 1 A MET 1   ? A MET 20  
21 1 Y 1 A ASN 2   ? A ASN 21  
22 1 Y 1 A ASN 194 ? A ASN 213 
23 1 Y 1 A ASN 195 ? A ASN 214 
24 1 Y 1 A HIS 196 ? A HIS 215 
25 1 Y 1 A THR 197 ? A THR 216 
26 1 Y 1 A ARG 198 ? A ARG 217 
27 1 Y 1 A ASN 199 ? A ASN 218 
# 
loop_
_chem_comp_atom.comp_id 
_chem_comp_atom.atom_id 
_chem_comp_atom.type_symbol 
_chem_comp_atom.pdbx_aromatic_flag 
_chem_comp_atom.pdbx_stereo_config 
_chem_comp_atom.pdbx_ordinal 
ALA N    N N N 1   
ALA CA   C N S 2   
ALA C    C N N 3   
ALA O    O N N 4   
ALA CB   C N N 5   
ALA OXT  O N N 6   
ALA H    H N N 7   
ALA H2   H N N 8   
ALA HA   H N N 9   
ALA HB1  H N N 10  
ALA HB2  H N N 11  
ALA HB3  H N N 12  
ALA HXT  H N N 13  
ARG N    N N N 14  
ARG CA   C N S 15  
ARG C    C N N 16  
ARG O    O N N 17  
ARG CB   C N N 18  
ARG CG   C N N 19  
ARG CD   C N N 20  
ARG NE   N N N 21  
ARG CZ   C N N 22  
ARG NH1  N N N 23  
ARG NH2  N N N 24  
ARG OXT  O N N 25  
ARG H    H N N 26  
ARG H2   H N N 27  
ARG HA   H N N 28  
ARG HB2  H N N 29  
ARG HB3  H N N 30  
ARG HG2  H N N 31  
ARG HG3  H N N 32  
ARG HD2  H N N 33  
ARG HD3  H N N 34  
ARG HE   H N N 35  
ARG HH11 H N N 36  
ARG HH12 H N N 37  
ARG HH21 H N N 38  
ARG HH22 H N N 39  
ARG HXT  H N N 40  
ASN N    N N N 41  
ASN CA   C N S 42  
ASN C    C N N 43  
ASN O    O N N 44  
ASN CB   C N N 45  
ASN CG   C N N 46  
ASN OD1  O N N 47  
ASN ND2  N N N 48  
ASN OXT  O N N 49  
ASN H    H N N 50  
ASN H2   H N N 51  
ASN HA   H N N 52  
ASN HB2  H N N 53  
ASN HB3  H N N 54  
ASN HD21 H N N 55  
ASN HD22 H N N 56  
ASN HXT  H N N 57  
ASP N    N N N 58  
ASP CA   C N S 59  
ASP C    C N N 60  
ASP O    O N N 61  
ASP CB   C N N 62  
ASP CG   C N N 63  
ASP OD1  O N N 64  
ASP OD2  O N N 65  
ASP OXT  O N N 66  
ASP H    H N N 67  
ASP H2   H N N 68  
ASP HA   H N N 69  
ASP HB2  H N N 70  
ASP HB3  H N N 71  
ASP HD2  H N N 72  
ASP HXT  H N N 73  
CYS N    N N N 74  
CYS CA   C N R 75  
CYS C    C N N 76  
CYS O    O N N 77  
CYS CB   C N N 78  
CYS SG   S N N 79  
CYS OXT  O N N 80  
CYS H    H N N 81  
CYS H2   H N N 82  
CYS HA   H N N 83  
CYS HB2  H N N 84  
CYS HB3  H N N 85  
CYS HG   H N N 86  
CYS HXT  H N N 87  
EPE N1   N N N 88  
EPE C2   C N N 89  
EPE C3   C N N 90  
EPE N4   N N N 91  
EPE C5   C N N 92  
EPE C6   C N N 93  
EPE C7   C N N 94  
EPE C8   C N N 95  
EPE O8   O N N 96  
EPE C9   C N N 97  
EPE C10  C N N 98  
EPE S    S N N 99  
EPE O1S  O N N 100 
EPE O2S  O N N 101 
EPE O3S  O N N 102 
EPE H21  H N N 103 
EPE H22  H N N 104 
EPE H31  H N N 105 
EPE H32  H N N 106 
EPE H51  H N N 107 
EPE H52  H N N 108 
EPE H61  H N N 109 
EPE H62  H N N 110 
EPE H71  H N N 111 
EPE H72  H N N 112 
EPE H81  H N N 113 
EPE H82  H N N 114 
EPE HO8  H N N 115 
EPE H91  H N N 116 
EPE H92  H N N 117 
EPE H101 H N N 118 
EPE H102 H N N 119 
EPE HOS3 H N N 120 
GLN N    N N N 121 
GLN CA   C N S 122 
GLN C    C N N 123 
GLN O    O N N 124 
GLN CB   C N N 125 
GLN CG   C N N 126 
GLN CD   C N N 127 
GLN OE1  O N N 128 
GLN NE2  N N N 129 
GLN OXT  O N N 130 
GLN H    H N N 131 
GLN H2   H N N 132 
GLN HA   H N N 133 
GLN HB2  H N N 134 
GLN HB3  H N N 135 
GLN HG2  H N N 136 
GLN HG3  H N N 137 
GLN HE21 H N N 138 
GLN HE22 H N N 139 
GLN HXT  H N N 140 
GLU N    N N N 141 
GLU CA   C N S 142 
GLU C    C N N 143 
GLU O    O N N 144 
GLU CB   C N N 145 
GLU CG   C N N 146 
GLU CD   C N N 147 
GLU OE1  O N N 148 
GLU OE2  O N N 149 
GLU OXT  O N N 150 
GLU H    H N N 151 
GLU H2   H N N 152 
GLU HA   H N N 153 
GLU HB2  H N N 154 
GLU HB3  H N N 155 
GLU HG2  H N N 156 
GLU HG3  H N N 157 
GLU HE2  H N N 158 
GLU HXT  H N N 159 
GLY N    N N N 160 
GLY CA   C N N 161 
GLY C    C N N 162 
GLY O    O N N 163 
GLY OXT  O N N 164 
GLY H    H N N 165 
GLY H2   H N N 166 
GLY HA2  H N N 167 
GLY HA3  H N N 168 
GLY HXT  H N N 169 
HIS N    N N N 170 
HIS CA   C N S 171 
HIS C    C N N 172 
HIS O    O N N 173 
HIS CB   C N N 174 
HIS CG   C Y N 175 
HIS ND1  N Y N 176 
HIS CD2  C Y N 177 
HIS CE1  C Y N 178 
HIS NE2  N Y N 179 
HIS OXT  O N N 180 
HIS H    H N N 181 
HIS H2   H N N 182 
HIS HA   H N N 183 
HIS HB2  H N N 184 
HIS HB3  H N N 185 
HIS HD1  H N N 186 
HIS HD2  H N N 187 
HIS HE1  H N N 188 
HIS HE2  H N N 189 
HIS HXT  H N N 190 
HOH O    O N N 191 
HOH H1   H N N 192 
HOH H2   H N N 193 
ILE N    N N N 194 
ILE CA   C N S 195 
ILE C    C N N 196 
ILE O    O N N 197 
ILE CB   C N S 198 
ILE CG1  C N N 199 
ILE CG2  C N N 200 
ILE CD1  C N N 201 
ILE OXT  O N N 202 
ILE H    H N N 203 
ILE H2   H N N 204 
ILE HA   H N N 205 
ILE HB   H N N 206 
ILE HG12 H N N 207 
ILE HG13 H N N 208 
ILE HG21 H N N 209 
ILE HG22 H N N 210 
ILE HG23 H N N 211 
ILE HD11 H N N 212 
ILE HD12 H N N 213 
ILE HD13 H N N 214 
ILE HXT  H N N 215 
LEU N    N N N 216 
LEU CA   C N S 217 
LEU C    C N N 218 
LEU O    O N N 219 
LEU CB   C N N 220 
LEU CG   C N N 221 
LEU CD1  C N N 222 
LEU CD2  C N N 223 
LEU OXT  O N N 224 
LEU H    H N N 225 
LEU H2   H N N 226 
LEU HA   H N N 227 
LEU HB2  H N N 228 
LEU HB3  H N N 229 
LEU HG   H N N 230 
LEU HD11 H N N 231 
LEU HD12 H N N 232 
LEU HD13 H N N 233 
LEU HD21 H N N 234 
LEU HD22 H N N 235 
LEU HD23 H N N 236 
LEU HXT  H N N 237 
LYS N    N N N 238 
LYS CA   C N S 239 
LYS C    C N N 240 
LYS O    O N N 241 
LYS CB   C N N 242 
LYS CG   C N N 243 
LYS CD   C N N 244 
LYS CE   C N N 245 
LYS NZ   N N N 246 
LYS OXT  O N N 247 
LYS H    H N N 248 
LYS H2   H N N 249 
LYS HA   H N N 250 
LYS HB2  H N N 251 
LYS HB3  H N N 252 
LYS HG2  H N N 253 
LYS HG3  H N N 254 
LYS HD2  H N N 255 
LYS HD3  H N N 256 
LYS HE2  H N N 257 
LYS HE3  H N N 258 
LYS HZ1  H N N 259 
LYS HZ2  H N N 260 
LYS HZ3  H N N 261 
LYS HXT  H N N 262 
MET N    N N N 263 
MET CA   C N S 264 
MET C    C N N 265 
MET O    O N N 266 
MET CB   C N N 267 
MET CG   C N N 268 
MET SD   S N N 269 
MET CE   C N N 270 
MET OXT  O N N 271 
MET H    H N N 272 
MET H2   H N N 273 
MET HA   H N N 274 
MET HB2  H N N 275 
MET HB3  H N N 276 
MET HG2  H N N 277 
MET HG3  H N N 278 
MET HE1  H N N 279 
MET HE2  H N N 280 
MET HE3  H N N 281 
MET HXT  H N N 282 
PHE N    N N N 283 
PHE CA   C N S 284 
PHE C    C N N 285 
PHE O    O N N 286 
PHE CB   C N N 287 
PHE CG   C Y N 288 
PHE CD1  C Y N 289 
PHE CD2  C Y N 290 
PHE CE1  C Y N 291 
PHE CE2  C Y N 292 
PHE CZ   C Y N 293 
PHE OXT  O N N 294 
PHE H    H N N 295 
PHE H2   H N N 296 
PHE HA   H N N 297 
PHE HB2  H N N 298 
PHE HB3  H N N 299 
PHE HD1  H N N 300 
PHE HD2  H N N 301 
PHE HE1  H N N 302 
PHE HE2  H N N 303 
PHE HZ   H N N 304 
PHE HXT  H N N 305 
PRO N    N N N 306 
PRO CA   C N S 307 
PRO C    C N N 308 
PRO O    O N N 309 
PRO CB   C N N 310 
PRO CG   C N N 311 
PRO CD   C N N 312 
PRO OXT  O N N 313 
PRO H    H N N 314 
PRO HA   H N N 315 
PRO HB2  H N N 316 
PRO HB3  H N N 317 
PRO HG2  H N N 318 
PRO HG3  H N N 319 
PRO HD2  H N N 320 
PRO HD3  H N N 321 
PRO HXT  H N N 322 
SER N    N N N 323 
SER CA   C N S 324 
SER C    C N N 325 
SER O    O N N 326 
SER CB   C N N 327 
SER OG   O N N 328 
SER OXT  O N N 329 
SER H    H N N 330 
SER H2   H N N 331 
SER HA   H N N 332 
SER HB2  H N N 333 
SER HB3  H N N 334 
SER HG   H N N 335 
SER HXT  H N N 336 
SO4 S    S N N 337 
SO4 O1   O N N 338 
SO4 O2   O N N 339 
SO4 O3   O N N 340 
SO4 O4   O N N 341 
THR N    N N N 342 
THR CA   C N S 343 
THR C    C N N 344 
THR O    O N N 345 
THR CB   C N R 346 
THR OG1  O N N 347 
THR CG2  C N N 348 
THR OXT  O N N 349 
THR H    H N N 350 
THR H2   H N N 351 
THR HA   H N N 352 
THR HB   H N N 353 
THR HG1  H N N 354 
THR HG21 H N N 355 
THR HG22 H N N 356 
THR HG23 H N N 357 
THR HXT  H N N 358 
TYR N    N N N 359 
TYR CA   C N S 360 
TYR C    C N N 361 
TYR O    O N N 362 
TYR CB   C N N 363 
TYR CG   C Y N 364 
TYR CD1  C Y N 365 
TYR CD2  C Y N 366 
TYR CE1  C Y N 367 
TYR CE2  C Y N 368 
TYR CZ   C Y N 369 
TYR OH   O N N 370 
TYR OXT  O N N 371 
TYR H    H N N 372 
TYR H2   H N N 373 
TYR HA   H N N 374 
TYR HB2  H N N 375 
TYR HB3  H N N 376 
TYR HD1  H N N 377 
TYR HD2  H N N 378 
TYR HE1  H N N 379 
TYR HE2  H N N 380 
TYR HH   H N N 381 
TYR HXT  H N N 382 
VAL N    N N N 383 
VAL CA   C N S 384 
VAL C    C N N 385 
VAL O    O N N 386 
VAL CB   C N N 387 
VAL CG1  C N N 388 
VAL CG2  C N N 389 
VAL OXT  O N N 390 
VAL H    H N N 391 
VAL H2   H N N 392 
VAL HA   H N N 393 
VAL HB   H N N 394 
VAL HG11 H N N 395 
VAL HG12 H N N 396 
VAL HG13 H N N 397 
VAL HG21 H N N 398 
VAL HG22 H N N 399 
VAL HG23 H N N 400 
VAL HXT  H N N 401 
# 
loop_
_chem_comp_bond.comp_id 
_chem_comp_bond.atom_id_1 
_chem_comp_bond.atom_id_2 
_chem_comp_bond.value_order 
_chem_comp_bond.pdbx_aromatic_flag 
_chem_comp_bond.pdbx_stereo_config 
_chem_comp_bond.pdbx_ordinal 
ALA N   CA   sing N N 1   
ALA N   H    sing N N 2   
ALA N   H2   sing N N 3   
ALA CA  C    sing N N 4   
ALA CA  CB   sing N N 5   
ALA CA  HA   sing N N 6   
ALA C   O    doub N N 7   
ALA C   OXT  sing N N 8   
ALA CB  HB1  sing N N 9   
ALA CB  HB2  sing N N 10  
ALA CB  HB3  sing N N 11  
ALA OXT HXT  sing N N 12  
ARG N   CA   sing N N 13  
ARG N   H    sing N N 14  
ARG N   H2   sing N N 15  
ARG CA  C    sing N N 16  
ARG CA  CB   sing N N 17  
ARG CA  HA   sing N N 18  
ARG C   O    doub N N 19  
ARG C   OXT  sing N N 20  
ARG CB  CG   sing N N 21  
ARG CB  HB2  sing N N 22  
ARG CB  HB3  sing N N 23  
ARG CG  CD   sing N N 24  
ARG CG  HG2  sing N N 25  
ARG CG  HG3  sing N N 26  
ARG CD  NE   sing N N 27  
ARG CD  HD2  sing N N 28  
ARG CD  HD3  sing N N 29  
ARG NE  CZ   sing N N 30  
ARG NE  HE   sing N N 31  
ARG CZ  NH1  sing N N 32  
ARG CZ  NH2  doub N N 33  
ARG NH1 HH11 sing N N 34  
ARG NH1 HH12 sing N N 35  
ARG NH2 HH21 sing N N 36  
ARG NH2 HH22 sing N N 37  
ARG OXT HXT  sing N N 38  
ASN N   CA   sing N N 39  
ASN N   H    sing N N 40  
ASN N   H2   sing N N 41  
ASN CA  C    sing N N 42  
ASN CA  CB   sing N N 43  
ASN CA  HA   sing N N 44  
ASN C   O    doub N N 45  
ASN C   OXT  sing N N 46  
ASN CB  CG   sing N N 47  
ASN CB  HB2  sing N N 48  
ASN CB  HB3  sing N N 49  
ASN CG  OD1  doub N N 50  
ASN CG  ND2  sing N N 51  
ASN ND2 HD21 sing N N 52  
ASN ND2 HD22 sing N N 53  
ASN OXT HXT  sing N N 54  
ASP N   CA   sing N N 55  
ASP N   H    sing N N 56  
ASP N   H2   sing N N 57  
ASP CA  C    sing N N 58  
ASP CA  CB   sing N N 59  
ASP CA  HA   sing N N 60  
ASP C   O    doub N N 61  
ASP C   OXT  sing N N 62  
ASP CB  CG   sing N N 63  
ASP CB  HB2  sing N N 64  
ASP CB  HB3  sing N N 65  
ASP CG  OD1  doub N N 66  
ASP CG  OD2  sing N N 67  
ASP OD2 HD2  sing N N 68  
ASP OXT HXT  sing N N 69  
CYS N   CA   sing N N 70  
CYS N   H    sing N N 71  
CYS N   H2   sing N N 72  
CYS CA  C    sing N N 73  
CYS CA  CB   sing N N 74  
CYS CA  HA   sing N N 75  
CYS C   O    doub N N 76  
CYS C   OXT  sing N N 77  
CYS CB  SG   sing N N 78  
CYS CB  HB2  sing N N 79  
CYS CB  HB3  sing N N 80  
CYS SG  HG   sing N N 81  
CYS OXT HXT  sing N N 82  
EPE N1  C2   sing N N 83  
EPE N1  C6   sing N N 84  
EPE N1  C9   sing N N 85  
EPE C2  C3   sing N N 86  
EPE C2  H21  sing N N 87  
EPE C2  H22  sing N N 88  
EPE C3  N4   sing N N 89  
EPE C3  H31  sing N N 90  
EPE C3  H32  sing N N 91  
EPE N4  C5   sing N N 92  
EPE N4  C7   sing N N 93  
EPE C5  C6   sing N N 94  
EPE C5  H51  sing N N 95  
EPE C5  H52  sing N N 96  
EPE C6  H61  sing N N 97  
EPE C6  H62  sing N N 98  
EPE C7  C8   sing N N 99  
EPE C7  H71  sing N N 100 
EPE C7  H72  sing N N 101 
EPE C8  O8   sing N N 102 
EPE C8  H81  sing N N 103 
EPE C8  H82  sing N N 104 
EPE O8  HO8  sing N N 105 
EPE C9  C10  sing N N 106 
EPE C9  H91  sing N N 107 
EPE C9  H92  sing N N 108 
EPE C10 S    sing N N 109 
EPE C10 H101 sing N N 110 
EPE C10 H102 sing N N 111 
EPE S   O1S  doub N N 112 
EPE S   O2S  doub N N 113 
EPE S   O3S  sing N N 114 
EPE O3S HOS3 sing N N 115 
GLN N   CA   sing N N 116 
GLN N   H    sing N N 117 
GLN N   H2   sing N N 118 
GLN CA  C    sing N N 119 
GLN CA  CB   sing N N 120 
GLN CA  HA   sing N N 121 
GLN C   O    doub N N 122 
GLN C   OXT  sing N N 123 
GLN CB  CG   sing N N 124 
GLN CB  HB2  sing N N 125 
GLN CB  HB3  sing N N 126 
GLN CG  CD   sing N N 127 
GLN CG  HG2  sing N N 128 
GLN CG  HG3  sing N N 129 
GLN CD  OE1  doub N N 130 
GLN CD  NE2  sing N N 131 
GLN NE2 HE21 sing N N 132 
GLN NE2 HE22 sing N N 133 
GLN OXT HXT  sing N N 134 
GLU N   CA   sing N N 135 
GLU N   H    sing N N 136 
GLU N   H2   sing N N 137 
GLU CA  C    sing N N 138 
GLU CA  CB   sing N N 139 
GLU CA  HA   sing N N 140 
GLU C   O    doub N N 141 
GLU C   OXT  sing N N 142 
GLU CB  CG   sing N N 143 
GLU CB  HB2  sing N N 144 
GLU CB  HB3  sing N N 145 
GLU CG  CD   sing N N 146 
GLU CG  HG2  sing N N 147 
GLU CG  HG3  sing N N 148 
GLU CD  OE1  doub N N 149 
GLU CD  OE2  sing N N 150 
GLU OE2 HE2  sing N N 151 
GLU OXT HXT  sing N N 152 
GLY N   CA   sing N N 153 
GLY N   H    sing N N 154 
GLY N   H2   sing N N 155 
GLY CA  C    sing N N 156 
GLY CA  HA2  sing N N 157 
GLY CA  HA3  sing N N 158 
GLY C   O    doub N N 159 
GLY C   OXT  sing N N 160 
GLY OXT HXT  sing N N 161 
HIS N   CA   sing N N 162 
HIS N   H    sing N N 163 
HIS N   H2   sing N N 164 
HIS CA  C    sing N N 165 
HIS CA  CB   sing N N 166 
HIS CA  HA   sing N N 167 
HIS C   O    doub N N 168 
HIS C   OXT  sing N N 169 
HIS CB  CG   sing N N 170 
HIS CB  HB2  sing N N 171 
HIS CB  HB3  sing N N 172 
HIS CG  ND1  sing Y N 173 
HIS CG  CD2  doub Y N 174 
HIS ND1 CE1  doub Y N 175 
HIS ND1 HD1  sing N N 176 
HIS CD2 NE2  sing Y N 177 
HIS CD2 HD2  sing N N 178 
HIS CE1 NE2  sing Y N 179 
HIS CE1 HE1  sing N N 180 
HIS NE2 HE2  sing N N 181 
HIS OXT HXT  sing N N 182 
HOH O   H1   sing N N 183 
HOH O   H2   sing N N 184 
ILE N   CA   sing N N 185 
ILE N   H    sing N N 186 
ILE N   H2   sing N N 187 
ILE CA  C    sing N N 188 
ILE CA  CB   sing N N 189 
ILE CA  HA   sing N N 190 
ILE C   O    doub N N 191 
ILE C   OXT  sing N N 192 
ILE CB  CG1  sing N N 193 
ILE CB  CG2  sing N N 194 
ILE CB  HB   sing N N 195 
ILE CG1 CD1  sing N N 196 
ILE CG1 HG12 sing N N 197 
ILE CG1 HG13 sing N N 198 
ILE CG2 HG21 sing N N 199 
ILE CG2 HG22 sing N N 200 
ILE CG2 HG23 sing N N 201 
ILE CD1 HD11 sing N N 202 
ILE CD1 HD12 sing N N 203 
ILE CD1 HD13 sing N N 204 
ILE OXT HXT  sing N N 205 
LEU N   CA   sing N N 206 
LEU N   H    sing N N 207 
LEU N   H2   sing N N 208 
LEU CA  C    sing N N 209 
LEU CA  CB   sing N N 210 
LEU CA  HA   sing N N 211 
LEU C   O    doub N N 212 
LEU C   OXT  sing N N 213 
LEU CB  CG   sing N N 214 
LEU CB  HB2  sing N N 215 
LEU CB  HB3  sing N N 216 
LEU CG  CD1  sing N N 217 
LEU CG  CD2  sing N N 218 
LEU CG  HG   sing N N 219 
LEU CD1 HD11 sing N N 220 
LEU CD1 HD12 sing N N 221 
LEU CD1 HD13 sing N N 222 
LEU CD2 HD21 sing N N 223 
LEU CD2 HD22 sing N N 224 
LEU CD2 HD23 sing N N 225 
LEU OXT HXT  sing N N 226 
LYS N   CA   sing N N 227 
LYS N   H    sing N N 228 
LYS N   H2   sing N N 229 
LYS CA  C    sing N N 230 
LYS CA  CB   sing N N 231 
LYS CA  HA   sing N N 232 
LYS C   O    doub N N 233 
LYS C   OXT  sing N N 234 
LYS CB  CG   sing N N 235 
LYS CB  HB2  sing N N 236 
LYS CB  HB3  sing N N 237 
LYS CG  CD   sing N N 238 
LYS CG  HG2  sing N N 239 
LYS CG  HG3  sing N N 240 
LYS CD  CE   sing N N 241 
LYS CD  HD2  sing N N 242 
LYS CD  HD3  sing N N 243 
LYS CE  NZ   sing N N 244 
LYS CE  HE2  sing N N 245 
LYS CE  HE3  sing N N 246 
LYS NZ  HZ1  sing N N 247 
LYS NZ  HZ2  sing N N 248 
LYS NZ  HZ3  sing N N 249 
LYS OXT HXT  sing N N 250 
MET N   CA   sing N N 251 
MET N   H    sing N N 252 
MET N   H2   sing N N 253 
MET CA  C    sing N N 254 
MET CA  CB   sing N N 255 
MET CA  HA   sing N N 256 
MET C   O    doub N N 257 
MET C   OXT  sing N N 258 
MET CB  CG   sing N N 259 
MET CB  HB2  sing N N 260 
MET CB  HB3  sing N N 261 
MET CG  SD   sing N N 262 
MET CG  HG2  sing N N 263 
MET CG  HG3  sing N N 264 
MET SD  CE   sing N N 265 
MET CE  HE1  sing N N 266 
MET CE  HE2  sing N N 267 
MET CE  HE3  sing N N 268 
MET OXT HXT  sing N N 269 
PHE N   CA   sing N N 270 
PHE N   H    sing N N 271 
PHE N   H2   sing N N 272 
PHE CA  C    sing N N 273 
PHE CA  CB   sing N N 274 
PHE CA  HA   sing N N 275 
PHE C   O    doub N N 276 
PHE C   OXT  sing N N 277 
PHE CB  CG   sing N N 278 
PHE CB  HB2  sing N N 279 
PHE CB  HB3  sing N N 280 
PHE CG  CD1  doub Y N 281 
PHE CG  CD2  sing Y N 282 
PHE CD1 CE1  sing Y N 283 
PHE CD1 HD1  sing N N 284 
PHE CD2 CE2  doub Y N 285 
PHE CD2 HD2  sing N N 286 
PHE CE1 CZ   doub Y N 287 
PHE CE1 HE1  sing N N 288 
PHE CE2 CZ   sing Y N 289 
PHE CE2 HE2  sing N N 290 
PHE CZ  HZ   sing N N 291 
PHE OXT HXT  sing N N 292 
PRO N   CA   sing N N 293 
PRO N   CD   sing N N 294 
PRO N   H    sing N N 295 
PRO CA  C    sing N N 296 
PRO CA  CB   sing N N 297 
PRO CA  HA   sing N N 298 
PRO C   O    doub N N 299 
PRO C   OXT  sing N N 300 
PRO CB  CG   sing N N 301 
PRO CB  HB2  sing N N 302 
PRO CB  HB3  sing N N 303 
PRO CG  CD   sing N N 304 
PRO CG  HG2  sing N N 305 
PRO CG  HG3  sing N N 306 
PRO CD  HD2  sing N N 307 
PRO CD  HD3  sing N N 308 
PRO OXT HXT  sing N N 309 
SER N   CA   sing N N 310 
SER N   H    sing N N 311 
SER N   H2   sing N N 312 
SER CA  C    sing N N 313 
SER CA  CB   sing N N 314 
SER CA  HA   sing N N 315 
SER C   O    doub N N 316 
SER C   OXT  sing N N 317 
SER CB  OG   sing N N 318 
SER CB  HB2  sing N N 319 
SER CB  HB3  sing N N 320 
SER OG  HG   sing N N 321 
SER OXT HXT  sing N N 322 
SO4 S   O1   doub N N 323 
SO4 S   O2   doub N N 324 
SO4 S   O3   sing N N 325 
SO4 S   O4   sing N N 326 
THR N   CA   sing N N 327 
THR N   H    sing N N 328 
THR N   H2   sing N N 329 
THR CA  C    sing N N 330 
THR CA  CB   sing N N 331 
THR CA  HA   sing N N 332 
THR C   O    doub N N 333 
THR C   OXT  sing N N 334 
THR CB  OG1  sing N N 335 
THR CB  CG2  sing N N 336 
THR CB  HB   sing N N 337 
THR OG1 HG1  sing N N 338 
THR CG2 HG21 sing N N 339 
THR CG2 HG22 sing N N 340 
THR CG2 HG23 sing N N 341 
THR OXT HXT  sing N N 342 
TYR N   CA   sing N N 343 
TYR N   H    sing N N 344 
TYR N   H2   sing N N 345 
TYR CA  C    sing N N 346 
TYR CA  CB   sing N N 347 
TYR CA  HA   sing N N 348 
TYR C   O    doub N N 349 
TYR C   OXT  sing N N 350 
TYR CB  CG   sing N N 351 
TYR CB  HB2  sing N N 352 
TYR CB  HB3  sing N N 353 
TYR CG  CD1  doub Y N 354 
TYR CG  CD2  sing Y N 355 
TYR CD1 CE1  sing Y N 356 
TYR CD1 HD1  sing N N 357 
TYR CD2 CE2  doub Y N 358 
TYR CD2 HD2  sing N N 359 
TYR CE1 CZ   doub Y N 360 
TYR CE1 HE1  sing N N 361 
TYR CE2 CZ   sing Y N 362 
TYR CE2 HE2  sing N N 363 
TYR CZ  OH   sing N N 364 
TYR OH  HH   sing N N 365 
TYR OXT HXT  sing N N 366 
VAL N   CA   sing N N 367 
VAL N   H    sing N N 368 
VAL N   H2   sing N N 369 
VAL CA  C    sing N N 370 
VAL CA  CB   sing N N 371 
VAL CA  HA   sing N N 372 
VAL C   O    doub N N 373 
VAL C   OXT  sing N N 374 
VAL CB  CG1  sing N N 375 
VAL CB  CG2  sing N N 376 
VAL CB  HB   sing N N 377 
VAL CG1 HG11 sing N N 378 
VAL CG1 HG12 sing N N 379 
VAL CG1 HG13 sing N N 380 
VAL CG2 HG21 sing N N 381 
VAL CG2 HG22 sing N N 382 
VAL CG2 HG23 sing N N 383 
VAL OXT HXT  sing N N 384 
# 
loop_
_pdbx_entity_nonpoly.entity_id 
_pdbx_entity_nonpoly.name 
_pdbx_entity_nonpoly.comp_id 
2 'SULFATE ION'                                         SO4 
3 '4-(2-HYDROXYETHYL)-1-PIPERAZINE ETHANESULFONIC ACID' EPE 
4 water                                                 HOH 
# 
loop_
_pdbx_initial_refinement_model.id 
_pdbx_initial_refinement_model.entity_id_list 
_pdbx_initial_refinement_model.type 
_pdbx_initial_refinement_model.source_name 
_pdbx_initial_refinement_model.accession_code 
_pdbx_initial_refinement_model.details 
1 ? 'experimental model' PDB 1EX7 'PDB entries 1EX7 and 1LVG' 
2 ? 'experimental model' PDB 1LVG 'PDB entries 1EX7 and 1LVG' 
# 
